data_7MU9
#
_entry.id   7MU9
#
_entity_poly.entity_id   1
_entity_poly.type   'polypeptide(L)'
_entity_poly.pdbx_seq_one_letter_code
;GSHMSDPRHPDNAMYNGAVSKLEALGERGGFANRKELEQAAGQIVFESKVSGLQRIDHVVPNKSGDGFFAVQGELTDPAM
QRVFVDRNQAQNQPLENSSRQAAEE
;
_entity_poly.pdbx_strand_id   A
#
# COMPACT_ATOMS: atom_id res chain seq x y z
N GLY A 1 -7.27 -4.96 -3.72
CA GLY A 1 -8.12 -3.81 -3.33
C GLY A 1 -9.48 -4.27 -2.84
N SER A 2 -10.08 -3.50 -1.95
CA SER A 2 -11.36 -3.86 -1.39
C SER A 2 -12.21 -2.61 -1.15
N HIS A 3 -13.48 -2.82 -0.81
CA HIS A 3 -14.41 -1.74 -0.48
C HIS A 3 -14.68 -0.84 -1.67
N MET A 4 -14.49 -1.38 -2.86
CA MET A 4 -14.80 -0.66 -4.08
C MET A 4 -16.30 -0.78 -4.37
N SER A 5 -16.97 -1.60 -3.58
CA SER A 5 -18.40 -1.82 -3.72
C SER A 5 -19.18 -0.92 -2.77
N ASP A 6 -18.62 -0.67 -1.59
CA ASP A 6 -19.27 0.19 -0.61
C ASP A 6 -18.60 1.56 -0.57
N PRO A 7 -19.24 2.55 -1.22
CA PRO A 7 -18.66 3.88 -1.43
C PRO A 7 -18.67 4.76 -0.18
N ARG A 8 -19.36 4.32 0.86
CA ARG A 8 -19.42 5.10 2.10
C ARG A 8 -18.23 4.75 2.98
N HIS A 9 -17.31 3.98 2.44
CA HIS A 9 -16.08 3.65 3.15
C HIS A 9 -15.02 4.70 2.82
N PRO A 10 -14.36 5.25 3.86
CA PRO A 10 -13.45 6.40 3.73
C PRO A 10 -12.14 6.11 2.99
N ASP A 11 -12.02 4.92 2.41
CA ASP A 11 -10.80 4.57 1.69
C ASP A 11 -10.83 5.18 0.30
N ASN A 12 -12.03 5.52 -0.16
CA ASN A 12 -12.22 6.03 -1.52
C ASN A 12 -11.39 7.28 -1.78
N ALA A 13 -11.41 8.22 -0.84
CA ALA A 13 -10.67 9.47 -0.98
C ALA A 13 -9.20 9.28 -0.62
N MET A 14 -8.95 8.34 0.28
CA MET A 14 -7.59 8.06 0.76
C MET A 14 -6.80 7.32 -0.33
N TYR A 15 -7.53 6.58 -1.14
CA TYR A 15 -6.95 5.86 -2.27
C TYR A 15 -6.27 6.82 -3.23
N ASN A 16 -6.87 8.00 -3.41
CA ASN A 16 -6.31 9.01 -4.30
C ASN A 16 -4.96 9.49 -3.77
N GLY A 17 -4.81 9.46 -2.47
CA GLY A 17 -3.54 9.81 -1.86
C GLY A 17 -2.52 8.72 -2.05
N ALA A 18 -2.97 7.48 -1.90
CA ALA A 18 -2.11 6.32 -2.06
C ALA A 18 -1.53 6.26 -3.48
N VAL A 19 -2.39 6.44 -4.47
CA VAL A 19 -1.95 6.39 -5.87
C VAL A 19 -0.97 7.52 -6.16
N SER A 20 -1.28 8.70 -5.65
CA SER A 20 -0.46 9.88 -5.91
C SER A 20 0.92 9.72 -5.28
N LYS A 21 0.97 9.10 -4.10
CA LYS A 21 2.23 8.86 -3.42
C LYS A 21 3.09 7.88 -4.20
N LEU A 22 2.47 6.90 -4.83
CA LEU A 22 3.19 5.94 -5.65
C LEU A 22 3.58 6.55 -6.98
N GLU A 23 2.69 7.37 -7.54
CA GLU A 23 2.99 8.08 -8.77
C GLU A 23 4.13 9.06 -8.53
N ALA A 24 4.18 9.60 -7.33
CA ALA A 24 5.28 10.45 -6.89
C ALA A 24 6.53 9.61 -6.65
N LEU A 25 6.33 8.41 -6.11
CA LEU A 25 7.40 7.49 -5.82
C LEU A 25 8.10 7.04 -7.10
N GLY A 26 7.30 6.83 -8.14
CA GLY A 26 7.85 6.54 -9.44
C GLY A 26 8.23 5.09 -9.62
N GLU A 27 9.33 4.85 -10.33
CA GLU A 27 9.77 3.51 -10.67
C GLU A 27 10.30 2.76 -9.45
N ARG A 28 10.49 3.47 -8.35
CA ARG A 28 11.01 2.86 -7.12
C ARG A 28 10.12 1.72 -6.64
N GLY A 29 8.83 1.80 -6.97
CA GLY A 29 7.90 0.77 -6.57
C GLY A 29 7.92 -0.43 -7.51
N GLY A 30 8.55 -0.24 -8.67
CA GLY A 30 8.59 -1.30 -9.66
C GLY A 30 7.26 -1.48 -10.36
N PHE A 31 6.78 -0.42 -10.97
CA PHE A 31 5.48 -0.43 -11.63
C PHE A 31 5.64 -0.61 -13.12
N ALA A 32 5.24 -1.77 -13.61
CA ALA A 32 5.30 -2.08 -15.04
C ALA A 32 4.28 -1.23 -15.81
N ASN A 33 3.09 -1.11 -15.25
CA ASN A 33 2.03 -0.32 -15.87
C ASN A 33 1.33 0.52 -14.81
N ARG A 34 0.38 1.35 -15.22
CA ARG A 34 -0.38 2.14 -14.26
C ARG A 34 -1.23 1.23 -13.39
N LYS A 35 -1.58 0.07 -13.93
CA LYS A 35 -2.35 -0.91 -13.19
C LYS A 35 -1.59 -1.35 -11.94
N GLU A 36 -0.29 -1.56 -12.09
CA GLU A 36 0.57 -1.92 -10.95
C GLU A 36 0.51 -0.85 -9.90
N LEU A 37 0.55 0.40 -10.35
CA LEU A 37 0.47 1.56 -9.49
C LEU A 37 -0.82 1.50 -8.66
N GLU A 38 -1.92 1.34 -9.37
CA GLU A 38 -3.24 1.37 -8.76
C GLU A 38 -3.49 0.11 -7.92
N GLN A 39 -2.86 -1.00 -8.30
CA GLN A 39 -2.95 -2.22 -7.52
C GLN A 39 -2.29 -2.02 -6.18
N ALA A 40 -1.05 -1.57 -6.20
CA ALA A 40 -0.28 -1.36 -4.99
C ALA A 40 -0.97 -0.33 -4.08
N ALA A 41 -1.44 0.75 -4.69
CA ALA A 41 -2.14 1.79 -3.95
C ALA A 41 -3.44 1.25 -3.36
N GLY A 42 -4.10 0.39 -4.11
CA GLY A 42 -5.33 -0.22 -3.64
C GLY A 42 -5.10 -1.16 -2.49
N GLN A 43 -3.88 -1.68 -2.41
CA GLN A 43 -3.46 -2.51 -1.29
C GLN A 43 -3.04 -1.61 -0.14
N ILE A 44 -2.34 -0.53 -0.50
CA ILE A 44 -1.86 0.43 0.49
C ILE A 44 -3.01 0.98 1.30
N VAL A 45 -3.97 1.60 0.63
CA VAL A 45 -5.08 2.22 1.33
C VAL A 45 -5.88 1.18 2.12
N PHE A 46 -5.92 -0.04 1.60
CA PHE A 46 -6.60 -1.14 2.26
C PHE A 46 -5.92 -1.47 3.59
N GLU A 47 -4.63 -1.79 3.52
CA GLU A 47 -3.85 -2.09 4.71
C GLU A 47 -3.80 -0.90 5.64
N SER A 48 -3.81 0.29 5.05
CA SER A 48 -3.81 1.52 5.82
C SER A 48 -5.06 1.63 6.68
N LYS A 49 -6.23 1.42 6.08
CA LYS A 49 -7.49 1.57 6.79
C LYS A 49 -7.63 0.57 7.92
N VAL A 50 -7.23 -0.67 7.66
CA VAL A 50 -7.36 -1.73 8.66
C VAL A 50 -6.33 -1.56 9.77
N SER A 51 -5.27 -0.82 9.48
CA SER A 51 -4.23 -0.56 10.47
C SER A 51 -4.54 0.71 11.27
N GLY A 52 -5.38 1.58 10.71
CA GLY A 52 -5.79 2.78 11.44
C GLY A 52 -5.24 4.06 10.84
N LEU A 53 -4.64 3.95 9.65
CA LEU A 53 -4.10 5.10 8.95
C LEU A 53 -5.23 5.98 8.42
N GLN A 54 -5.07 7.29 8.55
CA GLN A 54 -6.08 8.22 8.09
C GLN A 54 -5.62 8.94 6.82
N ARG A 55 -4.33 8.81 6.52
CA ARG A 55 -3.76 9.40 5.31
C ARG A 55 -2.40 8.79 5.02
N ILE A 56 -2.01 8.77 3.75
CA ILE A 56 -0.68 8.35 3.37
C ILE A 56 0.16 9.57 3.04
N ASP A 57 1.04 9.93 3.96
CA ASP A 57 1.89 11.10 3.75
C ASP A 57 3.10 10.72 2.92
N HIS A 58 3.70 9.59 3.22
CA HIS A 58 4.85 9.12 2.46
C HIS A 58 4.74 7.61 2.28
N VAL A 59 5.32 7.11 1.20
CA VAL A 59 5.33 5.68 0.95
C VAL A 59 6.74 5.22 0.61
N VAL A 60 7.19 4.20 1.33
CA VAL A 60 8.52 3.65 1.12
C VAL A 60 8.43 2.25 0.53
N PRO A 61 8.99 2.03 -0.66
CA PRO A 61 9.00 0.72 -1.29
C PRO A 61 10.07 -0.18 -0.70
N ASN A 62 9.69 -1.40 -0.36
CA ASN A 62 10.64 -2.38 0.14
C ASN A 62 11.64 -2.73 -0.96
N LYS A 63 12.79 -3.26 -0.59
CA LYS A 63 13.87 -3.53 -1.54
C LYS A 63 13.38 -4.29 -2.77
N SER A 64 12.62 -5.35 -2.56
CA SER A 64 12.17 -6.20 -3.65
C SER A 64 10.92 -5.63 -4.33
N GLY A 65 10.39 -4.53 -3.78
CA GLY A 65 9.17 -3.95 -4.30
C GLY A 65 7.96 -4.82 -4.01
N ASP A 66 8.13 -5.75 -3.08
CA ASP A 66 7.08 -6.68 -2.70
C ASP A 66 6.20 -6.07 -1.63
N GLY A 67 6.74 -5.09 -0.93
CA GLY A 67 6.00 -4.44 0.12
C GLY A 67 6.16 -2.94 0.06
N PHE A 68 5.17 -2.22 0.56
CA PHE A 68 5.21 -0.78 0.61
C PHE A 68 4.90 -0.30 2.02
N PHE A 69 5.68 0.62 2.51
CA PHE A 69 5.45 1.18 3.83
C PHE A 69 4.71 2.51 3.71
N ALA A 70 3.48 2.53 4.17
CA ALA A 70 2.70 3.75 4.16
C ALA A 70 2.81 4.42 5.51
N VAL A 71 3.37 5.61 5.53
CA VAL A 71 3.60 6.31 6.79
C VAL A 71 2.83 7.62 6.84
N GLN A 72 2.15 7.81 7.95
CA GLN A 72 1.41 9.02 8.21
C GLN A 72 2.27 9.96 9.04
N GLY A 73 2.40 11.20 8.58
CA GLY A 73 3.30 12.14 9.20
C GLY A 73 4.61 12.22 8.46
N GLU A 74 5.71 12.00 9.16
CA GLU A 74 7.03 12.06 8.57
C GLU A 74 7.92 10.99 9.19
N LEU A 75 8.90 10.53 8.41
CA LEU A 75 9.79 9.46 8.85
C LEU A 75 10.63 9.90 10.04
N THR A 76 10.84 11.20 10.16
CA THR A 76 11.65 11.74 11.25
C THR A 76 10.76 12.14 12.44
N ASP A 77 9.45 12.01 12.27
CA ASP A 77 8.50 12.42 13.29
C ASP A 77 8.15 11.24 14.19
N PRO A 78 8.31 11.39 15.51
CA PRO A 78 8.07 10.30 16.48
C PRO A 78 6.63 9.81 16.52
N ALA A 79 5.71 10.62 15.98
CA ALA A 79 4.31 10.27 16.00
C ALA A 79 3.85 9.71 14.66
N MET A 80 4.82 9.31 13.83
CA MET A 80 4.51 8.72 12.54
C MET A 80 3.85 7.36 12.73
N GLN A 81 2.83 7.09 11.92
CA GLN A 81 2.20 5.79 11.92
C GLN A 81 2.55 5.08 10.61
N ARG A 82 3.13 3.90 10.70
CA ARG A 82 3.61 3.21 9.51
C ARG A 82 2.98 1.82 9.41
N VAL A 83 2.49 1.50 8.23
CA VAL A 83 1.92 0.18 7.97
C VAL A 83 2.63 -0.49 6.80
N PHE A 84 2.95 -1.77 6.97
CA PHE A 84 3.53 -2.55 5.89
C PHE A 84 2.43 -3.08 4.99
N VAL A 85 2.53 -2.75 3.72
CA VAL A 85 1.55 -3.15 2.73
C VAL A 85 2.10 -4.25 1.84
N ASP A 86 1.48 -5.41 1.88
CA ASP A 86 1.81 -6.49 0.97
C ASP A 86 1.26 -6.18 -0.41
N ARG A 87 2.17 -6.10 -1.39
CA ARG A 87 1.84 -5.69 -2.76
C ARG A 87 0.71 -6.52 -3.35
N ASN A 88 0.67 -7.80 -3.04
CA ASN A 88 -0.41 -8.66 -3.49
C ASN A 88 -1.10 -9.30 -2.30
N GLN A 89 -1.41 -8.47 -1.30
CA GLN A 89 -2.14 -8.86 -0.09
C GLN A 89 -1.68 -10.20 0.50
N ALA A 90 -2.35 -11.29 0.10
CA ALA A 90 -2.04 -12.62 0.62
C ALA A 90 -2.30 -12.71 2.12
N GLN A 91 -1.83 -13.78 2.75
CA GLN A 91 -2.13 -14.01 4.16
C GLN A 91 -0.89 -14.47 4.93
N ASN A 92 0.27 -13.96 4.53
CA ASN A 92 1.53 -14.29 5.19
C ASN A 92 2.65 -13.40 4.68
N GLN A 93 2.98 -13.56 3.42
CA GLN A 93 4.00 -12.76 2.78
C GLN A 93 3.47 -12.22 1.45
N PRO A 94 4.08 -11.15 0.92
CA PRO A 94 3.73 -10.63 -0.39
C PRO A 94 4.12 -11.62 -1.49
N LEU A 95 3.25 -12.57 -1.73
CA LEU A 95 3.52 -13.68 -2.63
C LEU A 95 3.81 -13.17 -4.04
N GLU A 96 5.06 -13.32 -4.46
CA GLU A 96 5.46 -13.04 -5.83
C GLU A 96 5.82 -14.34 -6.53
N ASN A 97 6.84 -15.01 -6.01
CA ASN A 97 7.24 -16.32 -6.52
C ASN A 97 8.19 -16.99 -5.53
N SER A 98 7.61 -17.75 -4.60
CA SER A 98 8.39 -18.49 -3.62
C SER A 98 8.75 -19.87 -4.17
N SER A 99 9.42 -19.88 -5.32
CA SER A 99 9.77 -21.12 -6.00
C SER A 99 10.95 -21.82 -5.32
N ARG A 100 10.64 -22.81 -4.50
CA ARG A 100 11.67 -23.56 -3.80
C ARG A 100 11.26 -25.02 -3.65
N GLN A 101 10.45 -25.50 -4.57
CA GLN A 101 9.97 -26.87 -4.54
C GLN A 101 11.05 -27.80 -5.08
N ALA A 102 11.90 -28.27 -4.20
CA ALA A 102 12.97 -29.18 -4.56
C ALA A 102 12.88 -30.45 -3.73
N ALA A 103 11.85 -31.25 -4.01
CA ALA A 103 11.60 -32.46 -3.27
C ALA A 103 11.86 -33.69 -4.13
N GLU A 104 12.56 -33.48 -5.23
CA GLU A 104 12.86 -34.56 -6.17
C GLU A 104 14.07 -35.35 -5.67
N GLU A 105 15.07 -34.62 -5.19
CA GLU A 105 16.27 -35.24 -4.65
C GLU A 105 16.36 -35.00 -3.15
N GLY A 1 -14.07 -2.52 -12.44
CA GLY A 1 -14.94 -1.37 -12.06
C GLY A 1 -14.29 -0.48 -11.02
N SER A 2 -13.94 0.73 -11.41
CA SER A 2 -13.26 1.66 -10.51
C SER A 2 -14.29 2.40 -9.65
N HIS A 3 -13.85 2.79 -8.45
CA HIS A 3 -14.70 3.55 -7.54
C HIS A 3 -13.90 4.66 -6.85
N MET A 4 -12.75 4.99 -7.41
CA MET A 4 -11.90 6.04 -6.84
C MET A 4 -12.53 7.41 -7.07
N SER A 5 -13.43 7.48 -8.05
CA SER A 5 -14.16 8.69 -8.34
C SER A 5 -15.55 8.64 -7.72
N ASP A 6 -15.80 7.62 -6.89
CA ASP A 6 -17.11 7.42 -6.30
C ASP A 6 -17.13 7.92 -4.86
N PRO A 7 -18.04 8.84 -4.55
CA PRO A 7 -18.13 9.47 -3.23
C PRO A 7 -18.69 8.55 -2.14
N ARG A 8 -19.24 7.40 -2.53
CA ARG A 8 -19.77 6.46 -1.53
C ARG A 8 -18.70 5.46 -1.13
N HIS A 9 -17.60 5.45 -1.88
CA HIS A 9 -16.48 4.56 -1.59
C HIS A 9 -15.73 5.08 -0.37
N PRO A 10 -15.66 4.29 0.70
CA PRO A 10 -15.04 4.69 1.98
C PRO A 10 -13.54 4.95 1.86
N ASP A 11 -12.97 4.53 0.74
CA ASP A 11 -11.54 4.72 0.50
C ASP A 11 -11.32 5.75 -0.60
N ASN A 12 -12.32 6.59 -0.83
CA ASN A 12 -12.27 7.56 -1.92
C ASN A 12 -11.02 8.42 -1.86
N ALA A 13 -10.83 9.13 -0.77
CA ALA A 13 -9.74 10.08 -0.64
C ALA A 13 -8.45 9.38 -0.23
N MET A 14 -8.59 8.30 0.52
CA MET A 14 -7.44 7.56 1.03
C MET A 14 -6.70 6.87 -0.11
N TYR A 15 -7.46 6.25 -1.01
CA TYR A 15 -6.89 5.58 -2.17
C TYR A 15 -6.24 6.60 -3.10
N ASN A 16 -6.86 7.76 -3.22
CA ASN A 16 -6.32 8.84 -4.05
C ASN A 16 -5.03 9.38 -3.47
N GLY A 17 -4.82 9.16 -2.18
CA GLY A 17 -3.58 9.52 -1.55
C GLY A 17 -2.52 8.49 -1.82
N ALA A 18 -2.91 7.23 -1.70
CA ALA A 18 -2.01 6.10 -1.93
C ALA A 18 -1.44 6.13 -3.35
N VAL A 19 -2.33 6.34 -4.33
CA VAL A 19 -1.91 6.37 -5.72
C VAL A 19 -0.93 7.51 -5.98
N SER A 20 -1.23 8.67 -5.39
CA SER A 20 -0.44 9.87 -5.63
C SER A 20 0.99 9.68 -5.12
N LYS A 21 1.12 9.04 -3.96
CA LYS A 21 2.43 8.79 -3.38
C LYS A 21 3.21 7.80 -4.21
N LEU A 22 2.52 6.85 -4.82
CA LEU A 22 3.17 5.86 -5.67
C LEU A 22 3.56 6.48 -7.00
N GLU A 23 2.70 7.34 -7.53
CA GLU A 23 3.01 8.07 -8.75
C GLU A 23 4.16 9.03 -8.51
N ALA A 24 4.26 9.49 -7.27
CA ALA A 24 5.37 10.31 -6.83
C ALA A 24 6.62 9.45 -6.64
N LEU A 25 6.39 8.21 -6.25
CA LEU A 25 7.47 7.24 -6.02
C LEU A 25 8.10 6.83 -7.35
N GLY A 26 7.28 6.78 -8.38
CA GLY A 26 7.78 6.53 -9.72
C GLY A 26 7.97 5.06 -10.02
N GLU A 27 8.93 4.77 -10.89
CA GLU A 27 9.19 3.41 -11.33
C GLU A 27 9.76 2.56 -10.21
N ARG A 28 10.23 3.22 -9.15
CA ARG A 28 10.84 2.53 -8.01
C ARG A 28 9.81 1.66 -7.29
N GLY A 29 8.54 1.97 -7.48
CA GLY A 29 7.49 1.20 -6.84
C GLY A 29 7.16 -0.07 -7.59
N GLY A 30 7.86 -0.32 -8.70
CA GLY A 30 7.60 -1.50 -9.49
C GLY A 30 6.30 -1.39 -10.25
N PHE A 31 6.15 -0.32 -11.00
CA PHE A 31 4.92 -0.10 -11.76
C PHE A 31 5.23 -0.01 -13.26
N ALA A 32 4.81 -1.02 -13.98
CA ALA A 32 5.00 -1.05 -15.43
C ALA A 32 3.89 -0.28 -16.15
N ASN A 33 2.72 -0.24 -15.53
CA ASN A 33 1.58 0.45 -16.13
C ASN A 33 0.68 1.04 -15.05
N ARG A 34 -0.40 1.70 -15.46
CA ARG A 34 -1.30 2.37 -14.53
C ARG A 34 -1.95 1.37 -13.56
N LYS A 35 -2.27 0.19 -14.04
CA LYS A 35 -2.95 -0.80 -13.24
C LYS A 35 -2.07 -1.26 -12.09
N GLU A 36 -0.76 -1.36 -12.35
CA GLU A 36 0.20 -1.71 -11.32
C GLU A 36 0.13 -0.72 -10.16
N LEU A 37 -0.02 0.55 -10.52
CA LEU A 37 -0.17 1.61 -9.55
C LEU A 37 -1.44 1.39 -8.73
N GLU A 38 -2.53 1.12 -9.44
CA GLU A 38 -3.83 0.89 -8.82
C GLU A 38 -3.79 -0.28 -7.84
N GLN A 39 -3.24 -1.39 -8.29
CA GLN A 39 -3.23 -2.62 -7.51
C GLN A 39 -2.40 -2.47 -6.24
N ALA A 40 -1.33 -1.69 -6.32
CA ALA A 40 -0.48 -1.47 -5.16
C ALA A 40 -1.13 -0.50 -4.20
N ALA A 41 -1.66 0.59 -4.73
CA ALA A 41 -2.34 1.59 -3.93
C ALA A 41 -3.58 1.01 -3.27
N GLY A 42 -4.25 0.11 -3.99
CA GLY A 42 -5.43 -0.56 -3.46
C GLY A 42 -5.08 -1.42 -2.27
N GLN A 43 -3.85 -1.90 -2.22
CA GLN A 43 -3.39 -2.67 -1.09
C GLN A 43 -2.95 -1.73 0.02
N ILE A 44 -2.31 -0.64 -0.37
CA ILE A 44 -1.86 0.37 0.57
C ILE A 44 -3.02 0.91 1.39
N VAL A 45 -4.02 1.42 0.69
CA VAL A 45 -5.18 1.98 1.36
C VAL A 45 -5.90 0.92 2.20
N PHE A 46 -5.84 -0.32 1.73
CA PHE A 46 -6.44 -1.44 2.45
C PHE A 46 -5.74 -1.63 3.79
N GLU A 47 -4.42 -1.78 3.76
CA GLU A 47 -3.64 -1.97 4.97
C GLU A 47 -3.61 -0.70 5.81
N SER A 48 -3.72 0.44 5.17
CA SER A 48 -3.80 1.72 5.87
C SER A 48 -5.03 1.76 6.76
N LYS A 49 -6.15 1.29 6.22
CA LYS A 49 -7.41 1.30 6.95
C LYS A 49 -7.41 0.30 8.09
N VAL A 50 -6.71 -0.83 7.92
CA VAL A 50 -6.64 -1.82 8.98
C VAL A 50 -5.68 -1.39 10.08
N SER A 51 -4.72 -0.54 9.70
CA SER A 51 -3.78 0.03 10.66
C SER A 51 -4.44 1.20 11.38
N GLY A 52 -5.31 1.92 10.67
CA GLY A 52 -6.02 3.02 11.28
C GLY A 52 -5.58 4.36 10.73
N LEU A 53 -4.83 4.34 9.62
CA LEU A 53 -4.33 5.57 9.04
C LEU A 53 -5.44 6.36 8.37
N GLN A 54 -5.35 7.67 8.46
CA GLN A 54 -6.31 8.55 7.81
C GLN A 54 -5.64 9.33 6.69
N ARG A 55 -4.36 9.06 6.48
CA ARG A 55 -3.59 9.74 5.47
C ARG A 55 -2.31 8.96 5.16
N ILE A 56 -1.97 8.82 3.89
CA ILE A 56 -0.66 8.30 3.51
C ILE A 56 0.24 9.46 3.15
N ASP A 57 1.21 9.77 3.99
CA ASP A 57 2.11 10.88 3.74
C ASP A 57 3.35 10.42 2.98
N HIS A 58 3.92 9.31 3.41
CA HIS A 58 5.11 8.79 2.75
C HIS A 58 4.94 7.32 2.45
N VAL A 59 5.47 6.90 1.31
CA VAL A 59 5.45 5.50 0.95
C VAL A 59 6.88 5.01 0.71
N VAL A 60 7.28 3.99 1.44
CA VAL A 60 8.62 3.45 1.32
C VAL A 60 8.58 2.04 0.76
N PRO A 61 9.09 1.84 -0.46
CA PRO A 61 9.11 0.53 -1.10
C PRO A 61 10.20 -0.38 -0.51
N ASN A 62 9.85 -1.64 -0.29
CA ASN A 62 10.79 -2.61 0.26
C ASN A 62 11.85 -2.97 -0.79
N LYS A 63 12.71 -3.92 -0.45
CA LYS A 63 13.90 -4.24 -1.24
C LYS A 63 13.57 -4.43 -2.73
N SER A 64 12.65 -5.32 -3.03
CA SER A 64 12.34 -5.66 -4.41
C SER A 64 11.04 -5.00 -4.86
N GLY A 65 10.57 -4.02 -4.09
CA GLY A 65 9.27 -3.44 -4.35
C GLY A 65 8.17 -4.43 -3.99
N ASP A 66 8.55 -5.41 -3.18
CA ASP A 66 7.68 -6.49 -2.75
C ASP A 66 6.76 -6.02 -1.63
N GLY A 67 7.03 -4.85 -1.11
CA GLY A 67 6.21 -4.31 -0.06
C GLY A 67 6.29 -2.81 -0.03
N PHE A 68 5.30 -2.17 0.55
CA PHE A 68 5.29 -0.73 0.68
C PHE A 68 4.99 -0.34 2.11
N PHE A 69 5.78 0.55 2.67
CA PHE A 69 5.50 1.07 3.98
C PHE A 69 4.71 2.37 3.85
N ALA A 70 3.47 2.33 4.30
CA ALA A 70 2.63 3.52 4.28
C ALA A 70 2.65 4.15 5.66
N VAL A 71 3.08 5.40 5.71
CA VAL A 71 3.21 6.08 6.98
C VAL A 71 2.48 7.41 6.96
N GLN A 72 1.77 7.67 8.04
CA GLN A 72 1.08 8.94 8.23
C GLN A 72 1.96 9.86 9.05
N GLY A 73 2.25 11.03 8.52
CA GLY A 73 3.18 11.92 9.16
C GLY A 73 4.55 11.87 8.51
N GLU A 74 5.47 12.66 9.00
CA GLU A 74 6.81 12.70 8.46
C GLU A 74 7.68 11.63 9.09
N LEU A 75 8.69 11.19 8.33
CA LEU A 75 9.56 10.11 8.77
C LEU A 75 10.48 10.56 9.88
N THR A 76 10.45 11.84 10.19
CA THR A 76 11.26 12.41 11.25
C THR A 76 10.37 12.79 12.44
N ASP A 77 9.09 12.50 12.31
CA ASP A 77 8.13 12.83 13.34
C ASP A 77 7.88 11.62 14.25
N PRO A 78 7.85 11.84 15.57
CA PRO A 78 7.68 10.76 16.56
C PRO A 78 6.28 10.14 16.56
N ALA A 79 5.33 10.77 15.89
CA ALA A 79 3.96 10.29 15.88
C ALA A 79 3.61 9.63 14.57
N MET A 80 4.61 9.34 13.75
CA MET A 80 4.37 8.69 12.48
C MET A 80 3.94 7.24 12.69
N GLN A 81 2.76 6.90 12.19
CA GLN A 81 2.30 5.52 12.22
C GLN A 81 2.58 4.87 10.87
N ARG A 82 3.31 3.77 10.88
CA ARG A 82 3.71 3.12 9.65
C ARG A 82 3.13 1.72 9.58
N VAL A 83 2.62 1.37 8.40
CA VAL A 83 2.06 0.04 8.18
C VAL A 83 2.73 -0.61 6.96
N PHE A 84 3.04 -1.90 7.07
CA PHE A 84 3.65 -2.62 5.97
C PHE A 84 2.57 -3.17 5.05
N VAL A 85 2.63 -2.74 3.80
CA VAL A 85 1.69 -3.20 2.80
C VAL A 85 2.34 -4.27 1.92
N ASP A 86 1.81 -5.47 1.99
CA ASP A 86 2.27 -6.54 1.11
C ASP A 86 1.77 -6.28 -0.30
N ARG A 87 2.71 -6.41 -1.25
CA ARG A 87 2.47 -6.06 -2.66
C ARG A 87 1.24 -6.78 -3.21
N ASN A 88 0.96 -7.97 -2.71
CA ASN A 88 -0.14 -8.78 -3.23
C ASN A 88 -0.94 -9.37 -2.09
N GLN A 89 -0.97 -8.64 -0.96
CA GLN A 89 -1.64 -9.07 0.28
C GLN A 89 -1.43 -10.56 0.57
N ALA A 90 -0.18 -10.98 0.50
CA ALA A 90 0.18 -12.35 0.84
C ALA A 90 0.62 -12.43 2.29
N GLN A 91 0.59 -13.63 2.85
CA GLN A 91 0.96 -13.82 4.25
C GLN A 91 2.26 -14.61 4.37
N ASN A 92 2.97 -14.71 3.25
CA ASN A 92 4.28 -15.34 3.24
C ASN A 92 5.23 -14.54 2.36
N GLN A 93 4.96 -14.55 1.07
CA GLN A 93 5.80 -13.85 0.09
C GLN A 93 4.93 -13.24 -1.00
N PRO A 94 5.09 -11.92 -1.26
CA PRO A 94 4.27 -11.19 -2.23
C PRO A 94 4.54 -11.60 -3.67
N LEU A 95 3.77 -12.56 -4.16
CA LEU A 95 3.85 -13.05 -5.55
C LEU A 95 5.10 -13.90 -5.75
N GLU A 96 6.25 -13.32 -5.41
CA GLU A 96 7.51 -14.01 -5.56
C GLU A 96 7.77 -14.91 -4.36
N ASN A 97 7.37 -16.17 -4.48
CA ASN A 97 7.59 -17.13 -3.41
C ASN A 97 8.76 -18.04 -3.77
N SER A 98 9.89 -17.78 -3.14
CA SER A 98 11.08 -18.57 -3.39
C SER A 98 11.09 -19.83 -2.54
N SER A 99 10.36 -20.84 -2.99
CA SER A 99 10.27 -22.10 -2.27
C SER A 99 11.47 -22.98 -2.58
N ARG A 100 12.27 -22.58 -3.56
CA ARG A 100 13.41 -23.36 -4.00
C ARG A 100 14.68 -22.93 -3.25
N GLN A 101 14.57 -22.82 -1.94
CA GLN A 101 15.70 -22.49 -1.10
C GLN A 101 15.83 -23.54 0.00
N ALA A 102 15.23 -24.71 -0.27
CA ALA A 102 15.06 -25.76 0.73
C ALA A 102 14.11 -25.31 1.83
N ALA A 103 14.60 -24.41 2.68
CA ALA A 103 13.79 -23.85 3.75
C ALA A 103 14.54 -22.71 4.46
N GLU A 104 14.24 -21.47 4.08
CA GLU A 104 14.84 -20.33 4.75
C GLU A 104 14.08 -20.06 6.05
N GLU A 105 12.85 -20.54 6.10
CA GLU A 105 12.03 -20.42 7.29
C GLU A 105 12.10 -21.72 8.08
N GLY A 1 -16.66 -8.28 -7.23
CA GLY A 1 -16.71 -7.43 -6.02
C GLY A 1 -15.54 -6.49 -5.94
N SER A 2 -15.19 -6.09 -4.72
CA SER A 2 -14.08 -5.18 -4.47
C SER A 2 -14.31 -3.84 -5.16
N HIS A 3 -15.30 -3.09 -4.67
CA HIS A 3 -15.58 -1.77 -5.19
C HIS A 3 -14.67 -0.73 -4.54
N MET A 4 -13.37 -1.00 -4.57
CA MET A 4 -12.41 -0.08 -3.99
C MET A 4 -12.09 1.04 -4.97
N SER A 5 -12.18 0.73 -6.25
CA SER A 5 -11.98 1.71 -7.30
C SER A 5 -13.29 2.45 -7.59
N ASP A 6 -14.29 2.20 -6.76
CA ASP A 6 -15.60 2.80 -6.90
C ASP A 6 -15.66 4.09 -6.09
N PRO A 7 -16.04 5.21 -6.72
CA PRO A 7 -16.10 6.51 -6.06
C PRO A 7 -17.10 6.56 -4.90
N ARG A 8 -17.98 5.56 -4.84
CA ARG A 8 -18.95 5.46 -3.76
C ARG A 8 -18.33 4.82 -2.52
N HIS A 9 -17.11 4.30 -2.68
CA HIS A 9 -16.40 3.67 -1.59
C HIS A 9 -15.83 4.73 -0.66
N PRO A 10 -16.03 4.59 0.65
CA PRO A 10 -15.64 5.61 1.65
C PRO A 10 -14.15 5.86 1.72
N ASP A 11 -13.37 4.97 1.12
CA ASP A 11 -11.91 5.08 1.17
C ASP A 11 -11.36 5.53 -0.18
N ASN A 12 -12.21 6.21 -0.96
CA ASN A 12 -11.83 6.61 -2.31
C ASN A 12 -10.80 7.73 -2.28
N ALA A 13 -11.07 8.76 -1.49
CA ALA A 13 -10.19 9.92 -1.40
C ALA A 13 -8.83 9.51 -0.83
N MET A 14 -8.84 8.55 0.08
CA MET A 14 -7.61 8.04 0.67
C MET A 14 -6.86 7.19 -0.35
N TYR A 15 -7.61 6.44 -1.15
CA TYR A 15 -7.05 5.69 -2.27
C TYR A 15 -6.40 6.66 -3.26
N ASN A 16 -7.06 7.80 -3.47
CA ASN A 16 -6.54 8.85 -4.33
C ASN A 16 -5.25 9.44 -3.75
N GLY A 17 -5.09 9.27 -2.44
CA GLY A 17 -3.86 9.66 -1.80
C GLY A 17 -2.77 8.65 -2.04
N ALA A 18 -3.15 7.38 -1.94
CA ALA A 18 -2.23 6.28 -2.14
C ALA A 18 -1.66 6.29 -3.56
N VAL A 19 -2.53 6.43 -4.56
CA VAL A 19 -2.10 6.43 -5.95
C VAL A 19 -1.15 7.59 -6.23
N SER A 20 -1.47 8.77 -5.70
CA SER A 20 -0.68 9.95 -5.94
C SER A 20 0.67 9.86 -5.23
N LYS A 21 0.72 9.10 -4.16
CA LYS A 21 1.97 8.88 -3.44
C LYS A 21 2.86 7.90 -4.19
N LEU A 22 2.23 6.97 -4.91
CA LEU A 22 2.96 6.02 -5.72
C LEU A 22 3.38 6.66 -7.04
N GLU A 23 2.54 7.55 -7.56
CA GLU A 23 2.91 8.35 -8.72
C GLU A 23 4.08 9.25 -8.35
N ALA A 24 4.02 9.80 -7.14
CA ALA A 24 5.11 10.58 -6.58
C ALA A 24 6.34 9.71 -6.38
N LEU A 25 6.10 8.47 -5.98
CA LEU A 25 7.16 7.52 -5.76
C LEU A 25 7.84 7.17 -7.08
N GLY A 26 7.03 6.99 -8.12
CA GLY A 26 7.53 6.84 -9.47
C GLY A 26 8.39 5.60 -9.66
N GLU A 27 9.61 5.82 -10.13
CA GLU A 27 10.54 4.74 -10.44
C GLU A 27 10.90 3.94 -9.21
N ARG A 28 10.83 4.58 -8.04
CA ARG A 28 11.20 3.93 -6.79
C ARG A 28 10.25 2.77 -6.50
N GLY A 29 9.02 2.90 -6.95
CA GLY A 29 8.03 1.88 -6.71
C GLY A 29 8.18 0.67 -7.61
N GLY A 30 8.77 0.89 -8.79
CA GLY A 30 8.99 -0.19 -9.73
C GLY A 30 7.69 -0.74 -10.27
N PHE A 31 6.89 0.13 -10.88
CA PHE A 31 5.61 -0.28 -11.44
C PHE A 31 5.74 -0.55 -12.93
N ALA A 32 5.28 -1.72 -13.35
CA ALA A 32 5.36 -2.12 -14.75
C ALA A 32 4.35 -1.37 -15.61
N ASN A 33 3.22 -1.01 -15.01
CA ASN A 33 2.18 -0.26 -15.69
C ASN A 33 1.19 0.32 -14.69
N ARG A 34 0.16 1.00 -15.19
CA ARG A 34 -0.83 1.66 -14.34
C ARG A 34 -1.46 0.69 -13.35
N LYS A 35 -1.72 -0.53 -13.79
CA LYS A 35 -2.44 -1.50 -12.96
C LYS A 35 -1.65 -1.80 -11.70
N GLU A 36 -0.33 -1.86 -11.83
CA GLU A 36 0.53 -2.15 -10.69
C GLU A 36 0.48 -1.00 -9.69
N LEU A 37 0.40 0.21 -10.23
CA LEU A 37 0.23 1.42 -9.43
C LEU A 37 -1.07 1.32 -8.65
N GLU A 38 -2.14 1.02 -9.38
CA GLU A 38 -3.47 0.96 -8.83
C GLU A 38 -3.62 -0.19 -7.83
N GLN A 39 -3.06 -1.35 -8.17
CA GLN A 39 -3.09 -2.51 -7.26
C GLN A 39 -2.39 -2.18 -5.96
N ALA A 40 -1.19 -1.62 -6.07
CA ALA A 40 -0.40 -1.29 -4.90
C ALA A 40 -1.11 -0.25 -4.05
N ALA A 41 -1.67 0.76 -4.69
CA ALA A 41 -2.39 1.81 -3.99
C ALA A 41 -3.61 1.25 -3.29
N GLY A 42 -4.30 0.32 -3.96
CA GLY A 42 -5.44 -0.34 -3.36
C GLY A 42 -5.03 -1.14 -2.16
N GLN A 43 -3.89 -1.79 -2.26
CA GLN A 43 -3.33 -2.53 -1.15
C GLN A 43 -2.92 -1.59 -0.04
N ILE A 44 -2.34 -0.46 -0.43
CA ILE A 44 -1.89 0.54 0.51
C ILE A 44 -3.05 1.09 1.33
N VAL A 45 -4.08 1.58 0.64
CA VAL A 45 -5.23 2.16 1.32
C VAL A 45 -5.94 1.10 2.17
N PHE A 46 -5.85 -0.14 1.74
CA PHE A 46 -6.42 -1.24 2.50
C PHE A 46 -5.62 -1.48 3.79
N GLU A 47 -4.33 -1.75 3.64
CA GLU A 47 -3.47 -2.05 4.77
C GLU A 47 -3.35 -0.87 5.73
N SER A 48 -3.43 0.34 5.21
CA SER A 48 -3.34 1.53 6.03
C SER A 48 -4.61 1.70 6.88
N LYS A 49 -5.77 1.50 6.27
CA LYS A 49 -7.04 1.60 6.99
C LYS A 49 -7.10 0.60 8.13
N VAL A 50 -6.70 -0.64 7.87
CA VAL A 50 -6.76 -1.68 8.88
C VAL A 50 -5.64 -1.51 9.91
N SER A 51 -4.66 -0.68 9.58
CA SER A 51 -3.59 -0.37 10.50
C SER A 51 -3.97 0.78 11.42
N GLY A 52 -4.93 1.58 10.98
CA GLY A 52 -5.37 2.71 11.79
C GLY A 52 -5.00 4.05 11.18
N LEU A 53 -4.50 4.02 9.95
CA LEU A 53 -4.14 5.24 9.24
C LEU A 53 -5.35 5.81 8.54
N GLN A 54 -5.37 7.13 8.38
CA GLN A 54 -6.43 7.79 7.64
C GLN A 54 -5.86 8.61 6.49
N ARG A 55 -4.56 8.51 6.29
CA ARG A 55 -3.88 9.25 5.23
C ARG A 55 -2.51 8.65 4.95
N ILE A 56 -2.17 8.53 3.68
CA ILE A 56 -0.83 8.12 3.29
C ILE A 56 -0.01 9.35 2.95
N ASP A 57 0.92 9.71 3.83
CA ASP A 57 1.70 10.92 3.63
C ASP A 57 3.01 10.59 2.92
N HIS A 58 3.60 9.46 3.26
CA HIS A 58 4.80 8.99 2.60
C HIS A 58 4.71 7.49 2.34
N VAL A 59 5.28 7.05 1.25
CA VAL A 59 5.33 5.63 0.94
C VAL A 59 6.76 5.23 0.56
N VAL A 60 7.29 4.23 1.24
CA VAL A 60 8.63 3.76 1.00
C VAL A 60 8.62 2.34 0.43
N PRO A 61 9.25 2.14 -0.75
CA PRO A 61 9.27 0.85 -1.41
C PRO A 61 10.35 -0.07 -0.87
N ASN A 62 10.10 -1.37 -0.93
CA ASN A 62 11.09 -2.35 -0.51
C ASN A 62 11.96 -2.78 -1.68
N LYS A 63 12.89 -3.68 -1.41
CA LYS A 63 13.93 -4.07 -2.37
C LYS A 63 13.35 -4.55 -3.69
N SER A 64 12.46 -5.54 -3.65
CA SER A 64 11.89 -6.11 -4.87
C SER A 64 10.58 -5.41 -5.24
N GLY A 65 10.22 -4.37 -4.51
CA GLY A 65 8.97 -3.67 -4.76
C GLY A 65 7.76 -4.54 -4.46
N ASP A 66 7.97 -5.53 -3.61
CA ASP A 66 6.91 -6.47 -3.24
C ASP A 66 6.16 -5.97 -2.01
N GLY A 67 6.65 -4.88 -1.44
CA GLY A 67 6.00 -4.30 -0.29
C GLY A 67 6.27 -2.81 -0.20
N PHE A 68 5.30 -2.08 0.31
CA PHE A 68 5.43 -0.63 0.44
C PHE A 68 5.11 -0.20 1.86
N PHE A 69 5.92 0.67 2.41
CA PHE A 69 5.65 1.20 3.74
C PHE A 69 4.80 2.46 3.62
N ALA A 70 3.57 2.38 4.07
CA ALA A 70 2.70 3.53 4.11
C ALA A 70 2.72 4.15 5.49
N VAL A 71 3.15 5.39 5.56
CA VAL A 71 3.27 6.06 6.84
C VAL A 71 2.53 7.40 6.83
N GLN A 72 1.78 7.64 7.89
CA GLN A 72 1.14 8.91 8.09
C GLN A 72 2.00 9.74 9.03
N GLY A 73 2.64 10.75 8.48
CA GLY A 73 3.58 11.55 9.25
C GLY A 73 4.96 11.49 8.64
N GLU A 74 5.94 12.01 9.35
CA GLU A 74 7.30 12.07 8.86
C GLU A 74 8.11 10.89 9.39
N LEU A 75 9.08 10.46 8.59
CA LEU A 75 9.90 9.29 8.90
C LEU A 75 10.83 9.58 10.07
N THR A 76 10.98 10.84 10.40
CA THR A 76 11.84 11.25 11.51
C THR A 76 10.98 11.71 12.69
N ASP A 77 9.68 11.42 12.63
CA ASP A 77 8.78 11.80 13.71
C ASP A 77 8.51 10.61 14.62
N PRO A 78 8.74 10.78 15.93
CA PRO A 78 8.58 9.70 16.92
C PRO A 78 7.15 9.18 17.04
N ALA A 79 6.19 9.94 16.53
CA ALA A 79 4.79 9.57 16.64
C ALA A 79 4.21 9.15 15.30
N MET A 80 5.08 8.87 14.34
CA MET A 80 4.63 8.42 13.01
C MET A 80 4.02 7.02 13.12
N GLN A 81 3.03 6.77 12.29
CA GLN A 81 2.42 5.44 12.22
C GLN A 81 2.63 4.88 10.82
N ARG A 82 3.25 3.72 10.74
CA ARG A 82 3.62 3.13 9.47
C ARG A 82 3.11 1.70 9.36
N VAL A 83 2.71 1.31 8.17
CA VAL A 83 2.24 -0.05 7.91
C VAL A 83 2.97 -0.63 6.70
N PHE A 84 3.44 -1.87 6.84
CA PHE A 84 4.01 -2.59 5.72
C PHE A 84 2.89 -3.12 4.83
N VAL A 85 2.75 -2.50 3.67
CA VAL A 85 1.72 -2.87 2.73
C VAL A 85 2.20 -3.99 1.81
N ASP A 86 1.44 -5.07 1.80
CA ASP A 86 1.71 -6.18 0.90
C ASP A 86 1.23 -5.83 -0.50
N ARG A 87 2.11 -6.02 -1.48
CA ARG A 87 1.84 -5.62 -2.86
C ARG A 87 0.59 -6.30 -3.43
N ASN A 88 0.30 -7.50 -2.97
CA ASN A 88 -0.80 -8.28 -3.55
C ASN A 88 -1.51 -9.10 -2.49
N GLN A 89 -1.60 -8.55 -1.27
CA GLN A 89 -2.18 -9.22 -0.10
C GLN A 89 -1.78 -10.69 -0.01
N ALA A 90 -0.48 -10.94 -0.20
CA ALA A 90 0.14 -12.26 -0.04
C ALA A 90 -0.39 -13.27 -1.04
N GLN A 91 -0.81 -12.79 -2.20
CA GLN A 91 -1.28 -13.69 -3.26
C GLN A 91 -0.16 -13.98 -4.25
N ASN A 92 0.88 -13.15 -4.25
CA ASN A 92 1.94 -13.28 -5.24
C ASN A 92 3.32 -13.43 -4.59
N GLN A 93 4.17 -12.42 -4.73
CA GLN A 93 5.54 -12.51 -4.24
C GLN A 93 5.62 -12.34 -2.73
N PRO A 94 5.08 -11.23 -2.16
CA PRO A 94 5.06 -11.03 -0.70
C PRO A 94 4.16 -12.03 -0.01
N LEU A 95 4.52 -12.40 1.21
CA LEU A 95 3.75 -13.40 1.95
C LEU A 95 3.11 -12.79 3.18
N GLU A 96 2.22 -13.54 3.82
CA GLU A 96 1.48 -13.06 4.96
C GLU A 96 1.90 -13.79 6.23
N ASN A 97 2.96 -13.30 6.85
CA ASN A 97 3.48 -13.86 8.10
C ASN A 97 3.92 -15.31 7.89
N SER A 98 5.21 -15.50 7.62
CA SER A 98 5.76 -16.82 7.39
C SER A 98 5.65 -17.68 8.67
N SER A 99 5.34 -17.04 9.78
CA SER A 99 5.13 -17.75 11.04
C SER A 99 3.74 -18.39 11.07
N ARG A 100 2.87 -17.96 10.16
CA ARG A 100 1.51 -18.48 10.09
C ARG A 100 1.30 -19.20 8.76
N GLN A 101 1.51 -18.49 7.67
CA GLN A 101 1.41 -19.07 6.34
C GLN A 101 2.71 -19.77 5.98
N ALA A 102 2.62 -20.82 5.17
CA ALA A 102 3.76 -21.65 4.81
C ALA A 102 4.36 -22.30 6.05
N ALA A 103 3.51 -22.57 7.03
CA ALA A 103 3.90 -23.20 8.27
C ALA A 103 3.04 -24.41 8.54
N GLU A 104 2.88 -25.24 7.51
CA GLU A 104 2.03 -26.41 7.58
C GLU A 104 2.66 -27.51 8.42
N GLU A 105 2.25 -27.58 9.68
CA GLU A 105 2.73 -28.61 10.57
C GLU A 105 1.96 -29.91 10.35
N GLY A 1 -8.30 1.83 -11.51
CA GLY A 1 -8.27 1.83 -10.03
C GLY A 1 -9.56 1.34 -9.44
N SER A 2 -9.46 0.55 -8.37
CA SER A 2 -10.64 -0.01 -7.74
C SER A 2 -11.31 1.01 -6.81
N HIS A 3 -12.01 1.97 -7.39
CA HIS A 3 -12.74 2.97 -6.61
C HIS A 3 -13.89 3.59 -7.41
N MET A 4 -13.99 3.25 -8.69
CA MET A 4 -15.06 3.78 -9.53
C MET A 4 -16.32 2.96 -9.35
N SER A 5 -16.16 1.70 -9.02
CA SER A 5 -17.29 0.79 -8.85
C SER A 5 -18.01 1.06 -7.54
N ASP A 6 -17.25 1.41 -6.50
CA ASP A 6 -17.85 1.70 -5.21
C ASP A 6 -17.48 3.11 -4.76
N PRO A 7 -18.32 4.10 -5.08
CA PRO A 7 -18.14 5.47 -4.62
C PRO A 7 -18.38 5.60 -3.12
N ARG A 8 -19.11 4.63 -2.57
CA ARG A 8 -19.43 4.62 -1.15
C ARG A 8 -18.35 3.88 -0.36
N HIS A 9 -17.27 3.52 -1.02
CA HIS A 9 -16.18 2.81 -0.37
C HIS A 9 -15.40 3.75 0.52
N PRO A 10 -15.20 3.39 1.80
CA PRO A 10 -14.51 4.24 2.78
C PRO A 10 -13.01 4.34 2.51
N ASP A 11 -12.59 3.80 1.37
CA ASP A 11 -11.20 3.79 0.99
C ASP A 11 -10.94 4.78 -0.13
N ASN A 12 -12.02 5.25 -0.76
CA ASN A 12 -11.92 6.05 -1.99
C ASN A 12 -11.10 7.32 -1.77
N ALA A 13 -11.47 8.11 -0.77
CA ALA A 13 -10.83 9.41 -0.54
C ALA A 13 -9.37 9.24 -0.14
N MET A 14 -9.06 8.12 0.49
CA MET A 14 -7.71 7.84 0.94
C MET A 14 -6.90 7.19 -0.19
N TYR A 15 -7.59 6.42 -1.02
CA TYR A 15 -6.98 5.75 -2.17
C TYR A 15 -6.40 6.76 -3.15
N ASN A 16 -7.06 7.90 -3.28
CA ASN A 16 -6.59 8.96 -4.15
C ASN A 16 -5.25 9.50 -3.67
N GLY A 17 -4.99 9.36 -2.38
CA GLY A 17 -3.72 9.75 -1.84
C GLY A 17 -2.69 8.66 -2.01
N ALA A 18 -3.12 7.42 -1.81
CA ALA A 18 -2.25 6.26 -1.97
C ALA A 18 -1.67 6.20 -3.38
N VAL A 19 -2.53 6.36 -4.39
CA VAL A 19 -2.09 6.33 -5.78
C VAL A 19 -1.11 7.47 -6.05
N SER A 20 -1.40 8.63 -5.51
CA SER A 20 -0.58 9.80 -5.75
C SER A 20 0.80 9.64 -5.13
N LYS A 21 0.87 8.97 -3.98
CA LYS A 21 2.14 8.74 -3.32
C LYS A 21 2.97 7.74 -4.11
N LEU A 22 2.33 6.75 -4.70
CA LEU A 22 3.03 5.80 -5.54
C LEU A 22 3.43 6.43 -6.86
N GLU A 23 2.60 7.33 -7.35
CA GLU A 23 2.95 8.10 -8.55
C GLU A 23 4.09 9.05 -8.24
N ALA A 24 4.10 9.57 -7.03
CA ALA A 24 5.19 10.40 -6.54
C ALA A 24 6.44 9.55 -6.37
N LEU A 25 6.24 8.31 -5.94
CA LEU A 25 7.32 7.35 -5.78
C LEU A 25 7.91 7.00 -7.14
N GLY A 26 7.05 6.96 -8.13
CA GLY A 26 7.46 6.81 -9.51
C GLY A 26 8.19 5.52 -9.79
N GLU A 27 9.44 5.65 -10.22
CA GLU A 27 10.23 4.49 -10.64
C GLU A 27 10.79 3.73 -9.44
N ARG A 28 10.72 4.35 -8.26
CA ARG A 28 11.30 3.76 -7.06
C ARG A 28 10.41 2.64 -6.52
N GLY A 29 9.17 2.61 -6.98
CA GLY A 29 8.23 1.61 -6.50
C GLY A 29 8.52 0.21 -7.02
N GLY A 30 8.47 0.06 -8.33
CA GLY A 30 8.63 -1.25 -8.92
C GLY A 30 7.35 -1.72 -9.58
N PHE A 31 6.82 -0.90 -10.47
CA PHE A 31 5.56 -1.18 -11.13
C PHE A 31 5.77 -1.51 -12.61
N ALA A 32 5.37 -2.71 -13.00
CA ALA A 32 5.47 -3.14 -14.38
C ALA A 32 4.51 -2.37 -15.28
N ASN A 33 3.32 -2.09 -14.77
CA ASN A 33 2.31 -1.37 -15.54
C ASN A 33 1.59 -0.38 -14.64
N ARG A 34 0.71 0.44 -15.22
CA ARG A 34 -0.04 1.42 -14.45
C ARG A 34 -1.02 0.70 -13.52
N LYS A 35 -1.50 -0.46 -13.95
CA LYS A 35 -2.39 -1.27 -13.15
C LYS A 35 -1.76 -1.63 -11.81
N GLU A 36 -0.47 -1.94 -11.85
CA GLU A 36 0.26 -2.33 -10.64
C GLU A 36 0.31 -1.16 -9.66
N LEU A 37 0.42 0.04 -10.20
CA LEU A 37 0.40 1.26 -9.41
C LEU A 37 -0.90 1.29 -8.61
N GLU A 38 -2.01 1.07 -9.30
CA GLU A 38 -3.32 1.14 -8.71
C GLU A 38 -3.55 -0.02 -7.74
N GLN A 39 -3.08 -1.21 -8.12
CA GLN A 39 -3.24 -2.38 -7.27
C GLN A 39 -2.50 -2.23 -5.97
N ALA A 40 -1.28 -1.72 -6.04
CA ALA A 40 -0.47 -1.51 -4.87
C ALA A 40 -1.06 -0.43 -3.98
N ALA A 41 -1.56 0.63 -4.61
CA ALA A 41 -2.21 1.71 -3.89
C ALA A 41 -3.49 1.21 -3.23
N GLY A 42 -4.19 0.32 -3.92
CA GLY A 42 -5.39 -0.27 -3.37
C GLY A 42 -5.07 -1.12 -2.17
N GLN A 43 -3.91 -1.74 -2.19
CA GLN A 43 -3.41 -2.49 -1.06
C GLN A 43 -2.98 -1.54 0.05
N ILE A 44 -2.33 -0.46 -0.35
CA ILE A 44 -1.87 0.55 0.58
C ILE A 44 -3.02 1.08 1.43
N VAL A 45 -4.04 1.58 0.76
CA VAL A 45 -5.18 2.12 1.46
C VAL A 45 -5.89 1.03 2.26
N PHE A 46 -5.91 -0.18 1.71
CA PHE A 46 -6.50 -1.33 2.39
C PHE A 46 -5.82 -1.57 3.74
N GLU A 47 -4.51 -1.77 3.71
CA GLU A 47 -3.73 -2.01 4.92
C GLU A 47 -3.74 -0.79 5.83
N SER A 48 -3.78 0.39 5.23
CA SER A 48 -3.84 1.63 5.99
C SER A 48 -5.14 1.71 6.79
N LYS A 49 -6.26 1.42 6.13
CA LYS A 49 -7.57 1.48 6.76
C LYS A 49 -7.69 0.49 7.92
N VAL A 50 -7.07 -0.67 7.77
CA VAL A 50 -7.17 -1.71 8.78
C VAL A 50 -6.16 -1.49 9.91
N SER A 51 -5.13 -0.69 9.62
CA SER A 51 -4.09 -0.42 10.62
C SER A 51 -4.40 0.84 11.41
N GLY A 52 -5.24 1.71 10.87
CA GLY A 52 -5.63 2.92 11.58
C GLY A 52 -5.04 4.18 10.97
N LEU A 53 -4.39 4.03 9.82
CA LEU A 53 -3.82 5.16 9.12
C LEU A 53 -4.91 6.09 8.62
N GLN A 54 -4.69 7.39 8.78
CA GLN A 54 -5.67 8.38 8.34
C GLN A 54 -5.36 8.83 6.93
N ARG A 55 -4.08 9.10 6.67
CA ARG A 55 -3.63 9.52 5.36
C ARG A 55 -2.25 8.95 5.08
N ILE A 56 -2.00 8.61 3.83
CA ILE A 56 -0.66 8.23 3.41
C ILE A 56 0.08 9.49 2.99
N ASP A 57 1.05 9.91 3.77
CA ASP A 57 1.82 11.11 3.45
C ASP A 57 3.08 10.74 2.69
N HIS A 58 3.68 9.62 3.04
CA HIS A 58 4.85 9.13 2.33
C HIS A 58 4.78 7.62 2.20
N VAL A 59 5.31 7.10 1.11
CA VAL A 59 5.32 5.67 0.88
C VAL A 59 6.74 5.19 0.56
N VAL A 60 7.20 4.20 1.29
CA VAL A 60 8.54 3.65 1.09
C VAL A 60 8.45 2.23 0.57
N PRO A 61 9.02 1.95 -0.60
CA PRO A 61 9.01 0.62 -1.20
C PRO A 61 10.01 -0.32 -0.54
N ASN A 62 9.62 -1.57 -0.39
CA ASN A 62 10.50 -2.59 0.18
C ASN A 62 11.56 -2.97 -0.85
N LYS A 63 12.56 -3.73 -0.41
CA LYS A 63 13.72 -4.06 -1.24
C LYS A 63 13.35 -4.53 -2.64
N SER A 64 12.45 -5.49 -2.73
CA SER A 64 12.11 -6.09 -4.01
C SER A 64 10.81 -5.51 -4.56
N GLY A 65 10.37 -4.38 -3.99
CA GLY A 65 9.11 -3.79 -4.38
C GLY A 65 7.94 -4.68 -4.01
N ASP A 66 8.17 -5.57 -3.06
CA ASP A 66 7.18 -6.54 -2.63
C ASP A 66 6.36 -6.00 -1.46
N GLY A 67 6.66 -4.79 -1.07
CA GLY A 67 5.94 -4.18 0.02
C GLY A 67 6.08 -2.68 0.00
N PHE A 68 5.16 -1.99 0.65
CA PHE A 68 5.22 -0.54 0.71
C PHE A 68 4.88 -0.06 2.11
N PHE A 69 5.70 0.81 2.64
CA PHE A 69 5.44 1.40 3.94
C PHE A 69 4.63 2.67 3.80
N ALA A 70 3.41 2.64 4.28
CA ALA A 70 2.55 3.81 4.24
C ALA A 70 2.60 4.51 5.59
N VAL A 71 3.11 5.73 5.59
CA VAL A 71 3.28 6.47 6.82
C VAL A 71 2.44 7.74 6.83
N GLN A 72 1.96 8.10 8.00
CA GLN A 72 1.22 9.32 8.20
C GLN A 72 2.15 10.38 8.75
N GLY A 73 2.19 11.54 8.12
CA GLY A 73 3.03 12.61 8.58
C GLY A 73 4.41 12.60 7.96
N GLU A 74 5.37 11.97 8.64
CA GLU A 74 6.77 12.07 8.26
C GLU A 74 7.47 10.72 8.39
N LEU A 75 8.65 10.61 7.80
CA LEU A 75 9.41 9.36 7.76
C LEU A 75 10.46 9.31 8.88
N THR A 76 11.19 10.39 9.06
CA THR A 76 12.31 10.40 9.99
C THR A 76 11.82 10.31 11.45
N ASP A 77 10.59 10.73 11.67
CA ASP A 77 10.02 10.70 13.01
C ASP A 77 9.23 9.41 13.24
N PRO A 78 9.71 8.57 14.16
CA PRO A 78 9.10 7.27 14.45
C PRO A 78 7.84 7.38 15.30
N ALA A 79 7.49 8.60 15.69
CA ALA A 79 6.27 8.85 16.43
C ALA A 79 5.07 8.79 15.50
N MET A 80 5.36 8.92 14.21
CA MET A 80 4.33 8.88 13.19
C MET A 80 3.90 7.44 12.91
N GLN A 81 2.64 7.28 12.50
CA GLN A 81 2.07 5.96 12.33
C GLN A 81 2.39 5.42 10.94
N ARG A 82 2.80 4.16 10.88
CA ARG A 82 3.24 3.54 9.64
C ARG A 82 2.72 2.11 9.54
N VAL A 83 2.44 1.65 8.34
CA VAL A 83 1.99 0.29 8.12
C VAL A 83 2.75 -0.34 6.94
N PHE A 84 3.14 -1.60 7.10
CA PHE A 84 3.76 -2.35 6.02
C PHE A 84 2.68 -2.94 5.13
N VAL A 85 2.59 -2.45 3.91
CA VAL A 85 1.59 -2.88 2.97
C VAL A 85 2.09 -4.05 2.14
N ASP A 86 1.35 -5.15 2.21
CA ASP A 86 1.61 -6.29 1.34
C ASP A 86 1.28 -5.92 -0.09
N ARG A 87 2.18 -6.28 -1.00
CA ARG A 87 2.12 -5.87 -2.39
C ARG A 87 0.81 -6.27 -3.07
N ASN A 88 0.17 -7.35 -2.60
CA ASN A 88 -1.08 -7.80 -3.22
C ASN A 88 -1.87 -8.74 -2.30
N GLN A 89 -1.52 -8.71 -1.02
CA GLN A 89 -2.16 -9.54 0.01
C GLN A 89 -1.85 -11.02 -0.21
N ALA A 90 -0.64 -11.41 0.17
CA ALA A 90 -0.26 -12.82 0.16
C ALA A 90 0.31 -13.19 1.53
N GLN A 91 -0.31 -14.16 2.17
CA GLN A 91 -0.06 -14.46 3.57
C GLN A 91 1.41 -14.77 3.87
N ASN A 92 2.06 -13.83 4.56
CA ASN A 92 3.41 -14.00 5.10
C ASN A 92 4.49 -13.89 4.03
N GLN A 93 4.10 -13.46 2.84
CA GLN A 93 5.05 -13.28 1.74
C GLN A 93 4.30 -12.79 0.51
N PRO A 94 4.45 -11.49 0.17
CA PRO A 94 3.78 -10.87 -0.98
C PRO A 94 4.25 -11.42 -2.33
N LEU A 95 3.91 -12.67 -2.59
CA LEU A 95 4.31 -13.40 -3.79
C LEU A 95 5.80 -13.73 -3.76
N GLU A 96 6.14 -14.93 -4.18
CA GLU A 96 7.51 -15.34 -4.29
C GLU A 96 8.12 -14.78 -5.57
N ASN A 97 8.30 -13.46 -5.59
CA ASN A 97 8.80 -12.78 -6.77
C ASN A 97 10.27 -13.08 -6.99
N SER A 98 10.69 -12.97 -8.25
CA SER A 98 12.06 -13.23 -8.68
C SER A 98 12.41 -14.73 -8.63
N SER A 99 11.99 -15.41 -7.58
CA SER A 99 12.26 -16.83 -7.43
C SER A 99 11.27 -17.67 -8.25
N ARG A 100 9.98 -17.50 -7.97
CA ARG A 100 8.94 -18.22 -8.69
C ARG A 100 8.58 -17.50 -9.99
N GLN A 101 8.55 -16.18 -9.92
CA GLN A 101 8.20 -15.38 -11.09
C GLN A 101 9.45 -15.06 -11.90
N ALA A 102 9.39 -15.31 -13.19
CA ALA A 102 10.52 -15.06 -14.07
C ALA A 102 10.27 -13.82 -14.92
N ALA A 103 9.15 -13.82 -15.65
CA ALA A 103 8.81 -12.71 -16.52
C ALA A 103 8.07 -11.61 -15.74
N GLU A 104 8.69 -11.14 -14.68
CA GLU A 104 8.11 -10.09 -13.84
C GLU A 104 8.80 -8.75 -14.08
N GLU A 105 10.01 -8.81 -14.60
CA GLU A 105 10.77 -7.60 -14.84
C GLU A 105 10.94 -7.36 -16.34
N GLY A 1 -13.61 -7.97 -2.98
CA GLY A 1 -14.22 -7.70 -4.30
C GLY A 1 -13.90 -6.30 -4.79
N SER A 2 -14.59 -5.88 -5.84
CA SER A 2 -14.39 -4.55 -6.41
C SER A 2 -15.03 -3.49 -5.53
N HIS A 3 -14.24 -2.95 -4.61
CA HIS A 3 -14.73 -1.92 -3.69
C HIS A 3 -14.13 -0.56 -4.00
N MET A 4 -13.10 -0.54 -4.83
CA MET A 4 -12.45 0.72 -5.21
C MET A 4 -13.23 1.40 -6.33
N SER A 5 -14.11 0.65 -6.97
CA SER A 5 -14.90 1.18 -8.08
C SER A 5 -16.12 1.93 -7.56
N ASP A 6 -16.46 1.70 -6.30
CA ASP A 6 -17.60 2.35 -5.67
C ASP A 6 -17.20 3.72 -5.15
N PRO A 7 -17.74 4.79 -5.73
CA PRO A 7 -17.37 6.16 -5.37
C PRO A 7 -17.82 6.55 -3.97
N ARG A 8 -18.74 5.77 -3.42
CA ARG A 8 -19.26 6.02 -2.08
C ARG A 8 -18.50 5.22 -1.04
N HIS A 9 -17.46 4.54 -1.48
CA HIS A 9 -16.63 3.75 -0.57
C HIS A 9 -15.68 4.68 0.21
N PRO A 10 -15.62 4.52 1.54
CA PRO A 10 -14.93 5.47 2.44
C PRO A 10 -13.40 5.39 2.36
N ASP A 11 -12.87 4.61 1.43
CA ASP A 11 -11.42 4.45 1.32
C ASP A 11 -10.90 5.10 0.04
N ASN A 12 -11.81 5.59 -0.78
CA ASN A 12 -11.43 6.12 -2.10
C ASN A 12 -10.61 7.39 -1.99
N ALA A 13 -10.98 8.26 -1.06
CA ALA A 13 -10.24 9.50 -0.85
C ALA A 13 -8.82 9.21 -0.35
N MET A 14 -8.71 8.16 0.45
CA MET A 14 -7.43 7.69 0.94
C MET A 14 -6.64 7.03 -0.19
N TYR A 15 -7.37 6.32 -1.03
CA TYR A 15 -6.82 5.69 -2.23
C TYR A 15 -6.26 6.75 -3.18
N ASN A 16 -6.93 7.89 -3.24
CA ASN A 16 -6.47 9.02 -4.05
C ASN A 16 -5.13 9.52 -3.53
N GLY A 17 -4.93 9.38 -2.23
CA GLY A 17 -3.66 9.74 -1.64
C GLY A 17 -2.60 8.71 -1.95
N ALA A 18 -2.97 7.44 -1.84
CA ALA A 18 -2.06 6.34 -2.10
C ALA A 18 -1.53 6.40 -3.53
N VAL A 19 -2.41 6.61 -4.51
CA VAL A 19 -1.99 6.66 -5.90
C VAL A 19 -1.11 7.87 -6.17
N SER A 20 -1.46 9.00 -5.58
CA SER A 20 -0.71 10.22 -5.77
C SER A 20 0.67 10.11 -5.13
N LYS A 21 0.73 9.44 -3.98
CA LYS A 21 1.97 9.23 -3.27
C LYS A 21 2.85 8.23 -4.00
N LEU A 22 2.23 7.31 -4.72
CA LEU A 22 2.97 6.36 -5.54
C LEU A 22 3.50 7.06 -6.79
N GLU A 23 2.72 7.98 -7.34
CA GLU A 23 3.19 8.80 -8.43
C GLU A 23 4.33 9.70 -7.95
N ALA A 24 4.20 10.17 -6.71
CA ALA A 24 5.25 10.93 -6.06
C ALA A 24 6.46 10.05 -5.82
N LEU A 25 6.21 8.79 -5.55
CA LEU A 25 7.26 7.80 -5.35
C LEU A 25 8.02 7.56 -6.65
N GLY A 26 7.30 7.68 -7.76
CA GLY A 26 7.92 7.61 -9.06
C GLY A 26 8.29 6.20 -9.46
N GLU A 27 9.50 6.04 -9.96
CA GLU A 27 9.98 4.77 -10.48
C GLU A 27 10.36 3.83 -9.34
N ARG A 28 10.45 4.39 -8.14
CA ARG A 28 10.81 3.61 -6.96
C ARG A 28 9.73 2.59 -6.62
N GLY A 29 8.52 2.83 -7.12
CA GLY A 29 7.43 1.90 -6.91
C GLY A 29 7.62 0.59 -7.64
N GLY A 30 8.42 0.63 -8.71
CA GLY A 30 8.68 -0.56 -9.49
C GLY A 30 7.47 -1.03 -10.26
N PHE A 31 6.65 -0.08 -10.69
CA PHE A 31 5.41 -0.39 -11.38
C PHE A 31 5.65 -0.50 -12.88
N ALA A 32 5.35 -1.67 -13.42
CA ALA A 32 5.52 -1.94 -14.84
C ALA A 32 4.47 -1.21 -15.66
N ASN A 33 3.28 -1.02 -15.08
CA ASN A 33 2.19 -0.36 -15.77
C ASN A 33 1.44 0.56 -14.82
N ARG A 34 0.54 1.38 -15.35
CA ARG A 34 -0.28 2.25 -14.52
C ARG A 34 -1.09 1.44 -13.51
N LYS A 35 -1.73 0.38 -13.99
CA LYS A 35 -2.59 -0.43 -13.16
C LYS A 35 -1.84 -1.02 -11.97
N GLU A 36 -0.55 -1.26 -12.14
CA GLU A 36 0.29 -1.77 -11.06
C GLU A 36 0.30 -0.80 -9.90
N LEU A 37 0.35 0.49 -10.23
CA LEU A 37 0.37 1.54 -9.24
C LEU A 37 -0.98 1.59 -8.53
N GLU A 38 -2.05 1.50 -9.32
CA GLU A 38 -3.39 1.55 -8.79
C GLU A 38 -3.69 0.33 -7.92
N GLN A 39 -3.24 -0.84 -8.37
CA GLN A 39 -3.41 -2.07 -7.61
C GLN A 39 -2.65 -1.98 -6.29
N ALA A 40 -1.46 -1.41 -6.35
CA ALA A 40 -0.63 -1.25 -5.16
C ALA A 40 -1.29 -0.28 -4.19
N ALA A 41 -1.78 0.84 -4.71
CA ALA A 41 -2.44 1.84 -3.89
C ALA A 41 -3.66 1.25 -3.19
N GLY A 42 -4.40 0.41 -3.90
CA GLY A 42 -5.58 -0.20 -3.34
C GLY A 42 -5.27 -1.09 -2.15
N GLN A 43 -4.20 -1.85 -2.26
CA GLN A 43 -3.80 -2.75 -1.18
C GLN A 43 -3.06 -1.97 -0.09
N ILE A 44 -2.49 -0.84 -0.48
CA ILE A 44 -1.86 0.06 0.47
C ILE A 44 -2.89 0.58 1.45
N VAL A 45 -3.97 1.14 0.92
CA VAL A 45 -5.05 1.67 1.74
C VAL A 45 -5.63 0.56 2.60
N PHE A 46 -5.73 -0.63 2.01
CA PHE A 46 -6.23 -1.81 2.69
C PHE A 46 -5.47 -2.06 4.00
N GLU A 47 -4.15 -2.24 3.90
CA GLU A 47 -3.32 -2.47 5.07
C GLU A 47 -3.28 -1.24 5.97
N SER A 48 -3.33 -0.06 5.35
CA SER A 48 -3.34 1.18 6.10
C SER A 48 -4.56 1.27 7.01
N LYS A 49 -5.72 0.88 6.49
CA LYS A 49 -6.97 0.92 7.24
C LYS A 49 -6.93 -0.02 8.43
N VAL A 50 -6.44 -1.24 8.22
CA VAL A 50 -6.43 -2.24 9.28
C VAL A 50 -5.46 -1.87 10.40
N SER A 51 -4.49 -1.03 10.07
CA SER A 51 -3.53 -0.56 11.05
C SER A 51 -4.03 0.71 11.74
N GLY A 52 -4.97 1.39 11.11
CA GLY A 52 -5.54 2.58 11.72
C GLY A 52 -5.06 3.87 11.11
N LEU A 53 -4.66 3.83 9.84
CA LEU A 53 -4.26 5.04 9.13
C LEU A 53 -5.47 5.73 8.52
N GLN A 54 -5.37 7.04 8.37
CA GLN A 54 -6.43 7.84 7.80
C GLN A 54 -6.01 8.38 6.43
N ARG A 55 -4.69 8.46 6.23
CA ARG A 55 -4.15 9.07 5.02
C ARG A 55 -2.76 8.53 4.77
N ILE A 56 -2.34 8.50 3.50
CA ILE A 56 -0.98 8.14 3.16
C ILE A 56 -0.20 9.40 2.79
N ASP A 57 0.84 9.70 3.55
CA ASP A 57 1.69 10.86 3.26
C ASP A 57 2.90 10.44 2.45
N HIS A 58 3.50 9.32 2.83
CA HIS A 58 4.68 8.83 2.14
C HIS A 58 4.57 7.32 1.93
N VAL A 59 5.00 6.86 0.77
CA VAL A 59 5.07 5.45 0.50
C VAL A 59 6.53 5.06 0.25
N VAL A 60 7.03 4.13 1.04
CA VAL A 60 8.42 3.71 0.91
C VAL A 60 8.49 2.24 0.50
N PRO A 61 8.99 1.94 -0.71
CA PRO A 61 9.14 0.57 -1.16
C PRO A 61 10.25 -0.15 -0.41
N ASN A 62 9.99 -1.39 0.02
CA ASN A 62 10.98 -2.14 0.76
C ASN A 62 12.10 -2.58 -0.16
N LYS A 63 13.32 -2.67 0.37
CA LYS A 63 14.50 -2.95 -0.45
C LYS A 63 14.31 -4.16 -1.36
N SER A 64 13.78 -5.23 -0.79
CA SER A 64 13.62 -6.49 -1.50
C SER A 64 12.42 -6.46 -2.46
N GLY A 65 11.67 -5.36 -2.44
CA GLY A 65 10.54 -5.22 -3.35
C GLY A 65 9.40 -6.17 -3.03
N ASP A 66 9.36 -6.64 -1.79
CA ASP A 66 8.35 -7.60 -1.37
C ASP A 66 7.17 -6.87 -0.73
N GLY A 67 7.28 -5.56 -0.61
CA GLY A 67 6.21 -4.78 -0.03
C GLY A 67 6.51 -3.30 -0.01
N PHE A 68 5.51 -2.53 0.38
CA PHE A 68 5.64 -1.09 0.51
C PHE A 68 5.40 -0.67 1.94
N PHE A 69 5.77 0.55 2.28
CA PHE A 69 5.47 1.10 3.58
C PHE A 69 4.63 2.35 3.44
N ALA A 70 3.45 2.34 4.03
CA ALA A 70 2.57 3.51 4.00
C ALA A 70 2.73 4.30 5.27
N VAL A 71 3.15 5.55 5.13
CA VAL A 71 3.42 6.39 6.28
C VAL A 71 2.47 7.57 6.32
N GLN A 72 1.79 7.74 7.45
CA GLN A 72 1.04 8.96 7.71
C GLN A 72 1.89 9.85 8.62
N GLY A 73 2.25 11.02 8.12
CA GLY A 73 3.19 11.86 8.82
C GLY A 73 4.51 11.92 8.08
N GLU A 74 5.52 12.51 8.71
CA GLU A 74 6.82 12.66 8.10
C GLU A 74 7.79 11.61 8.63
N LEU A 75 8.74 11.22 7.78
CA LEU A 75 9.65 10.12 8.07
C LEU A 75 10.65 10.49 9.17
N THR A 76 10.75 11.78 9.46
CA THR A 76 11.68 12.26 10.47
C THR A 76 10.95 12.73 11.73
N ASP A 77 9.69 12.32 11.86
CA ASP A 77 8.91 12.63 13.06
C ASP A 77 8.50 11.35 13.77
N PRO A 78 8.72 11.27 15.08
CA PRO A 78 8.35 10.09 15.89
C PRO A 78 6.84 9.85 15.91
N ALA A 79 6.08 10.83 15.42
CA ALA A 79 4.63 10.72 15.35
C ALA A 79 4.19 10.00 14.08
N MET A 80 5.13 9.61 13.25
CA MET A 80 4.83 8.89 12.02
C MET A 80 4.28 7.50 12.34
N GLN A 81 3.33 7.06 11.54
CA GLN A 81 2.84 5.70 11.64
C GLN A 81 3.05 5.01 10.31
N ARG A 82 3.75 3.89 10.32
CA ARG A 82 4.14 3.21 9.11
C ARG A 82 3.54 1.81 9.05
N VAL A 83 2.85 1.53 7.96
CA VAL A 83 2.23 0.23 7.76
C VAL A 83 2.91 -0.50 6.61
N PHE A 84 3.26 -1.76 6.81
CA PHE A 84 3.84 -2.55 5.75
C PHE A 84 2.74 -3.13 4.87
N VAL A 85 2.81 -2.84 3.59
CA VAL A 85 1.87 -3.34 2.62
C VAL A 85 2.52 -4.41 1.77
N ASP A 86 2.06 -5.64 1.90
CA ASP A 86 2.59 -6.74 1.09
C ASP A 86 2.29 -6.47 -0.38
N ARG A 87 3.31 -6.65 -1.21
CA ARG A 87 3.23 -6.31 -2.63
C ARG A 87 2.13 -7.13 -3.33
N ASN A 88 1.82 -8.29 -2.79
CA ASN A 88 0.80 -9.14 -3.37
C ASN A 88 -0.30 -9.42 -2.36
N GLN A 89 -0.35 -8.59 -1.32
CA GLN A 89 -1.26 -8.78 -0.17
C GLN A 89 -1.32 -10.25 0.26
N ALA A 90 -0.14 -10.88 0.28
CA ALA A 90 0.01 -12.27 0.72
C ALA A 90 -0.71 -13.24 -0.21
N GLN A 91 -0.79 -12.91 -1.49
CA GLN A 91 -1.49 -13.75 -2.46
C GLN A 91 -0.56 -14.28 -3.55
N ASN A 92 0.73 -14.40 -3.28
CA ASN A 92 1.66 -14.94 -4.28
C ASN A 92 2.92 -15.53 -3.66
N GLN A 93 3.87 -14.68 -3.31
CA GLN A 93 5.14 -15.15 -2.75
C GLN A 93 5.44 -14.48 -1.39
N PRO A 94 5.38 -13.13 -1.30
CA PRO A 94 5.54 -12.46 0.00
C PRO A 94 4.46 -12.89 0.97
N LEU A 95 4.86 -13.18 2.22
CA LEU A 95 3.94 -13.74 3.23
C LEU A 95 3.34 -15.05 2.73
N GLU A 96 2.29 -15.51 3.40
CA GLU A 96 1.61 -16.75 3.02
C GLU A 96 0.14 -16.70 3.40
N ASN A 97 -0.52 -17.84 3.28
CA ASN A 97 -1.94 -17.97 3.64
C ASN A 97 -2.81 -17.18 2.66
N SER A 98 -2.68 -17.51 1.38
CA SER A 98 -3.42 -16.80 0.34
C SER A 98 -4.87 -17.26 0.30
N SER A 99 -5.07 -18.56 0.05
CA SER A 99 -6.41 -19.12 0.00
C SER A 99 -6.67 -19.96 1.25
N ARG A 100 -7.19 -19.32 2.28
CA ARG A 100 -7.42 -19.99 3.56
C ARG A 100 -8.83 -20.57 3.60
N GLN A 101 -9.76 -19.91 2.95
CA GLN A 101 -11.14 -20.36 2.91
C GLN A 101 -11.44 -21.05 1.59
N ALA A 102 -10.50 -20.93 0.65
CA ALA A 102 -10.62 -21.53 -0.68
C ALA A 102 -11.71 -20.87 -1.50
N ALA A 103 -12.96 -21.14 -1.16
CA ALA A 103 -14.10 -20.54 -1.84
C ALA A 103 -14.38 -19.13 -1.29
N GLU A 104 -13.31 -18.35 -1.19
CA GLU A 104 -13.40 -17.00 -0.64
C GLU A 104 -13.65 -15.98 -1.74
N GLU A 105 -13.67 -16.46 -2.98
CA GLU A 105 -14.01 -15.64 -4.15
C GLU A 105 -13.15 -14.39 -4.24
N GLY A 1 -12.18 -5.95 4.10
CA GLY A 1 -11.67 -4.69 3.51
C GLY A 1 -11.46 -4.81 2.01
N SER A 2 -12.51 -4.59 1.25
CA SER A 2 -12.44 -4.67 -0.20
C SER A 2 -13.26 -3.55 -0.82
N HIS A 3 -13.34 -3.53 -2.15
CA HIS A 3 -14.07 -2.49 -2.88
C HIS A 3 -13.44 -1.12 -2.67
N MET A 4 -12.13 -1.09 -2.45
CA MET A 4 -11.43 0.16 -2.18
C MET A 4 -11.28 0.99 -3.44
N SER A 5 -11.47 0.35 -4.58
CA SER A 5 -11.37 1.02 -5.86
C SER A 5 -12.74 1.53 -6.32
N ASP A 6 -13.73 1.43 -5.45
CA ASP A 6 -15.06 1.94 -5.74
C ASP A 6 -15.18 3.38 -5.28
N PRO A 7 -15.71 4.25 -6.16
CA PRO A 7 -15.79 5.70 -5.90
C PRO A 7 -16.77 6.04 -4.77
N ARG A 8 -17.54 5.07 -4.33
CA ARG A 8 -18.48 5.28 -3.23
C ARG A 8 -17.90 4.74 -1.93
N HIS A 9 -16.67 4.29 -1.98
CA HIS A 9 -16.01 3.75 -0.80
C HIS A 9 -15.39 4.88 0.00
N PRO A 10 -15.54 4.84 1.33
CA PRO A 10 -15.11 5.94 2.23
C PRO A 10 -13.60 6.19 2.19
N ASP A 11 -12.86 5.19 1.73
CA ASP A 11 -11.41 5.26 1.71
C ASP A 11 -10.87 5.43 0.30
N ASN A 12 -11.73 5.69 -0.66
CA ASN A 12 -11.28 5.87 -2.04
C ASN A 12 -10.41 7.13 -2.14
N ALA A 13 -10.63 8.06 -1.20
CA ALA A 13 -9.82 9.26 -1.12
C ALA A 13 -8.40 8.90 -0.68
N MET A 14 -8.29 7.97 0.25
CA MET A 14 -7.00 7.45 0.68
C MET A 14 -6.37 6.64 -0.45
N TYR A 15 -7.20 5.93 -1.18
CA TYR A 15 -6.77 5.20 -2.36
C TYR A 15 -6.18 6.16 -3.39
N ASN A 16 -6.87 7.26 -3.65
CA ASN A 16 -6.39 8.28 -4.57
C ASN A 16 -5.13 8.95 -4.04
N GLY A 17 -5.00 8.98 -2.72
CA GLY A 17 -3.78 9.48 -2.11
C GLY A 17 -2.65 8.50 -2.29
N ALA A 18 -2.96 7.22 -2.08
CA ALA A 18 -1.99 6.15 -2.22
C ALA A 18 -1.43 6.10 -3.64
N VAL A 19 -2.32 6.19 -4.64
CA VAL A 19 -1.87 6.16 -6.03
C VAL A 19 -0.96 7.33 -6.33
N SER A 20 -1.30 8.49 -5.79
CA SER A 20 -0.53 9.70 -6.03
C SER A 20 0.84 9.59 -5.38
N LYS A 21 0.90 8.95 -4.22
CA LYS A 21 2.17 8.74 -3.53
C LYS A 21 3.04 7.76 -4.29
N LEU A 22 2.43 6.79 -4.94
CA LEU A 22 3.16 5.83 -5.75
C LEU A 22 3.61 6.47 -7.06
N GLU A 23 2.76 7.32 -7.61
CA GLU A 23 3.13 8.09 -8.80
C GLU A 23 4.24 9.07 -8.45
N ALA A 24 4.15 9.63 -7.25
CA ALA A 24 5.18 10.52 -6.74
C ALA A 24 6.46 9.76 -6.45
N LEU A 25 6.30 8.49 -6.10
CA LEU A 25 7.43 7.64 -5.76
C LEU A 25 8.29 7.38 -7.00
N GLY A 26 7.65 7.34 -8.16
CA GLY A 26 8.37 7.23 -9.41
C GLY A 26 8.98 5.86 -9.62
N GLU A 27 10.19 5.86 -10.17
CA GLU A 27 10.88 4.61 -10.50
C GLU A 27 11.27 3.81 -9.26
N ARG A 28 11.14 4.42 -8.09
CA ARG A 28 11.40 3.71 -6.85
C ARG A 28 10.31 2.68 -6.58
N GLY A 29 9.16 2.87 -7.22
CA GLY A 29 8.08 1.90 -7.12
C GLY A 29 8.24 0.80 -8.14
N GLY A 30 8.54 1.20 -9.38
CA GLY A 30 8.79 0.24 -10.43
C GLY A 30 7.51 -0.37 -10.96
N PHE A 31 6.55 0.48 -11.29
CA PHE A 31 5.27 0.03 -11.81
C PHE A 31 5.30 -0.01 -13.33
N ALA A 32 5.07 -1.19 -13.89
CA ALA A 32 5.14 -1.38 -15.32
C ALA A 32 4.03 -0.65 -16.07
N ASN A 33 2.86 -0.55 -15.44
CA ASN A 33 1.71 0.09 -16.09
C ASN A 33 0.76 0.71 -15.06
N ARG A 34 -0.32 1.32 -15.54
CA ARG A 34 -1.26 2.01 -14.66
C ARG A 34 -1.92 1.04 -13.69
N LYS A 35 -2.29 -0.12 -14.21
CA LYS A 35 -2.92 -1.16 -13.40
C LYS A 35 -2.05 -1.53 -12.21
N GLU A 36 -0.75 -1.69 -12.46
CA GLU A 36 0.20 -2.01 -11.42
C GLU A 36 0.17 -0.97 -10.30
N LEU A 37 0.08 0.29 -10.71
CA LEU A 37 0.01 1.40 -9.77
C LEU A 37 -1.24 1.27 -8.90
N GLU A 38 -2.39 1.14 -9.56
CA GLU A 38 -3.68 1.10 -8.88
C GLU A 38 -3.80 -0.13 -7.99
N GLN A 39 -3.19 -1.24 -8.40
CA GLN A 39 -3.24 -2.47 -7.63
C GLN A 39 -2.55 -2.30 -6.28
N ALA A 40 -1.33 -1.79 -6.30
CA ALA A 40 -0.55 -1.62 -5.09
C ALA A 40 -1.21 -0.63 -4.15
N ALA A 41 -1.70 0.48 -4.72
CA ALA A 41 -2.38 1.49 -3.93
C ALA A 41 -3.63 0.94 -3.28
N GLY A 42 -4.31 0.04 -3.98
CA GLY A 42 -5.50 -0.60 -3.44
C GLY A 42 -5.18 -1.46 -2.23
N GLN A 43 -3.98 -2.01 -2.22
CA GLN A 43 -3.52 -2.79 -1.08
C GLN A 43 -3.09 -1.86 0.04
N ILE A 44 -2.45 -0.75 -0.36
CA ILE A 44 -1.95 0.24 0.58
C ILE A 44 -3.09 0.79 1.44
N VAL A 45 -4.12 1.32 0.79
CA VAL A 45 -5.24 1.92 1.50
C VAL A 45 -5.92 0.89 2.40
N PHE A 46 -5.96 -0.36 1.96
CA PHE A 46 -6.53 -1.44 2.74
C PHE A 46 -5.72 -1.68 4.01
N GLU A 47 -4.42 -1.92 3.84
CA GLU A 47 -3.52 -2.13 4.96
C GLU A 47 -3.45 -0.89 5.86
N SER A 48 -3.65 0.27 5.24
CA SER A 48 -3.71 1.52 5.99
C SER A 48 -4.84 1.48 7.00
N LYS A 49 -6.05 1.12 6.54
CA LYS A 49 -7.23 1.10 7.38
C LYS A 49 -7.07 0.15 8.57
N VAL A 50 -6.54 -1.04 8.30
CA VAL A 50 -6.42 -2.06 9.34
C VAL A 50 -5.30 -1.74 10.31
N SER A 51 -4.36 -0.92 9.88
CA SER A 51 -3.24 -0.54 10.73
C SER A 51 -3.56 0.72 11.54
N GLY A 52 -4.46 1.55 11.03
CA GLY A 52 -4.84 2.76 11.73
C GLY A 52 -4.39 4.02 11.02
N LEU A 53 -4.01 3.88 9.76
CA LEU A 53 -3.64 5.02 8.93
C LEU A 53 -4.89 5.77 8.49
N GLN A 54 -4.85 7.08 8.60
CA GLN A 54 -5.96 7.91 8.17
C GLN A 54 -5.63 8.63 6.87
N ARG A 55 -4.34 8.65 6.55
CA ARG A 55 -3.87 9.29 5.33
C ARG A 55 -2.48 8.76 4.99
N ILE A 56 -2.24 8.45 3.73
CA ILE A 56 -0.91 8.03 3.30
C ILE A 56 -0.07 9.27 3.00
N ASP A 57 0.74 9.68 3.97
CA ASP A 57 1.58 10.84 3.81
C ASP A 57 2.80 10.52 2.96
N HIS A 58 3.45 9.43 3.29
CA HIS A 58 4.64 9.00 2.54
C HIS A 58 4.61 7.50 2.33
N VAL A 59 5.12 7.07 1.20
CA VAL A 59 5.20 5.65 0.89
C VAL A 59 6.65 5.26 0.60
N VAL A 60 7.15 4.28 1.34
CA VAL A 60 8.53 3.83 1.18
C VAL A 60 8.56 2.43 0.59
N PRO A 61 9.20 2.26 -0.57
CA PRO A 61 9.30 0.97 -1.24
C PRO A 61 10.33 0.06 -0.57
N ASN A 62 9.97 -1.21 -0.43
CA ASN A 62 10.86 -2.20 0.16
C ASN A 62 11.99 -2.54 -0.82
N LYS A 63 12.96 -3.32 -0.35
CA LYS A 63 14.16 -3.65 -1.13
C LYS A 63 13.83 -4.13 -2.54
N SER A 64 12.95 -5.11 -2.66
CA SER A 64 12.59 -5.65 -3.98
C SER A 64 11.39 -4.92 -4.56
N GLY A 65 10.90 -3.90 -3.86
CA GLY A 65 9.69 -3.21 -4.30
C GLY A 65 8.47 -4.11 -4.18
N ASP A 66 8.60 -5.16 -3.38
CA ASP A 66 7.55 -6.14 -3.18
C ASP A 66 6.62 -5.69 -2.06
N GLY A 67 7.06 -4.66 -1.36
CA GLY A 67 6.28 -4.10 -0.29
C GLY A 67 6.43 -2.59 -0.25
N PHE A 68 5.46 -1.93 0.36
CA PHE A 68 5.48 -0.49 0.48
C PHE A 68 5.06 -0.08 1.89
N PHE A 69 5.84 0.79 2.50
CA PHE A 69 5.52 1.29 3.82
C PHE A 69 4.68 2.55 3.72
N ALA A 70 3.46 2.48 4.21
CA ALA A 70 2.60 3.65 4.25
C ALA A 70 2.66 4.28 5.62
N VAL A 71 3.11 5.51 5.68
CA VAL A 71 3.30 6.20 6.95
C VAL A 71 2.55 7.53 6.97
N GLN A 72 1.91 7.81 8.09
CA GLN A 72 1.22 9.07 8.30
C GLN A 72 2.11 10.01 9.10
N GLY A 73 2.26 11.23 8.61
CA GLY A 73 3.15 12.17 9.24
C GLY A 73 4.49 12.23 8.54
N GLU A 74 5.56 12.11 9.31
CA GLU A 74 6.91 12.13 8.76
C GLU A 74 7.75 11.07 9.44
N LEU A 75 8.78 10.61 8.72
CA LEU A 75 9.67 9.56 9.20
C LEU A 75 10.59 10.10 10.30
N THR A 76 10.51 11.39 10.52
CA THR A 76 11.31 12.05 11.55
C THR A 76 10.51 12.25 12.82
N ASP A 77 9.30 11.71 12.83
CA ASP A 77 8.43 11.78 14.01
C ASP A 77 8.26 10.40 14.62
N PRO A 78 8.57 10.25 15.92
CA PRO A 78 8.47 8.97 16.62
C PRO A 78 7.01 8.49 16.80
N ALA A 79 6.07 9.39 16.59
CA ALA A 79 4.65 9.05 16.75
C ALA A 79 4.02 8.66 15.42
N MET A 80 4.85 8.52 14.39
CA MET A 80 4.37 8.16 13.06
C MET A 80 3.76 6.76 13.07
N GLN A 81 2.68 6.59 12.33
CA GLN A 81 2.08 5.28 12.16
C GLN A 81 2.45 4.74 10.79
N ARG A 82 3.03 3.55 10.75
CA ARG A 82 3.51 2.98 9.50
C ARG A 82 3.04 1.54 9.35
N VAL A 83 2.61 1.18 8.15
CA VAL A 83 2.18 -0.17 7.86
C VAL A 83 2.93 -0.73 6.65
N PHE A 84 3.41 -1.96 6.77
CA PHE A 84 4.05 -2.61 5.65
C PHE A 84 3.00 -3.23 4.74
N VAL A 85 2.85 -2.64 3.57
CA VAL A 85 1.89 -3.12 2.60
C VAL A 85 2.58 -4.04 1.60
N ASP A 86 1.95 -5.16 1.31
CA ASP A 86 2.44 -6.04 0.26
C ASP A 86 1.93 -5.55 -1.08
N ARG A 87 2.83 -5.56 -2.05
CA ARG A 87 2.59 -4.99 -3.38
C ARG A 87 1.32 -5.51 -4.02
N ASN A 88 0.98 -6.76 -3.72
CA ASN A 88 -0.27 -7.36 -4.18
C ASN A 88 -0.83 -8.24 -3.08
N GLN A 89 -2.13 -8.48 -3.10
CA GLN A 89 -2.75 -9.32 -2.09
C GLN A 89 -2.17 -10.74 -2.14
N ALA A 90 -1.97 -11.24 -3.36
CA ALA A 90 -1.38 -12.55 -3.58
C ALA A 90 -0.87 -12.64 -5.01
N GLN A 91 0.41 -13.01 -5.16
CA GLN A 91 1.00 -13.16 -6.48
C GLN A 91 2.32 -13.94 -6.38
N ASN A 92 3.35 -13.30 -5.83
CA ASN A 92 4.64 -13.96 -5.68
C ASN A 92 4.98 -14.09 -4.20
N GLN A 93 5.73 -13.14 -3.66
CA GLN A 93 6.00 -13.11 -2.23
C GLN A 93 4.97 -12.22 -1.51
N PRO A 94 4.63 -11.02 -2.06
CA PRO A 94 3.54 -10.19 -1.51
C PRO A 94 2.30 -11.00 -1.19
N LEU A 95 1.95 -11.02 0.09
CA LEU A 95 0.82 -11.77 0.58
C LEU A 95 0.31 -11.07 1.84
N GLU A 96 -0.84 -10.43 1.74
CA GLU A 96 -1.38 -9.69 2.88
C GLU A 96 -2.04 -10.64 3.87
N ASN A 97 -1.81 -10.37 5.15
CA ASN A 97 -2.36 -11.19 6.22
C ASN A 97 -2.17 -10.50 7.57
N SER A 98 -2.64 -9.26 7.67
CA SER A 98 -2.55 -8.50 8.90
C SER A 98 -3.54 -9.03 9.94
N SER A 99 -3.36 -10.27 10.34
CA SER A 99 -4.19 -10.90 11.34
C SER A 99 -3.79 -10.41 12.73
N ARG A 100 -4.30 -9.24 13.11
CA ARG A 100 -3.99 -8.65 14.40
C ARG A 100 -4.50 -9.54 15.53
N GLN A 101 -3.56 -10.02 16.34
CA GLN A 101 -3.91 -10.90 17.45
C GLN A 101 -4.41 -10.10 18.63
N ALA A 102 -5.58 -9.49 18.46
CA ALA A 102 -6.17 -8.65 19.47
C ALA A 102 -7.66 -8.95 19.59
N ALA A 103 -8.18 -8.88 20.80
CA ALA A 103 -9.60 -9.15 21.05
C ALA A 103 -10.46 -8.02 20.51
N GLU A 104 -9.81 -6.96 20.06
CA GLU A 104 -10.48 -5.85 19.41
C GLU A 104 -10.99 -6.28 18.04
N GLU A 105 -10.39 -7.34 17.51
CA GLU A 105 -10.77 -7.86 16.21
C GLU A 105 -11.98 -8.78 16.32
N GLY A 1 -15.12 -3.00 -9.59
CA GLY A 1 -15.43 -2.87 -8.15
C GLY A 1 -16.91 -2.68 -7.90
N SER A 2 -17.33 -2.80 -6.66
CA SER A 2 -18.71 -2.62 -6.29
C SER A 2 -19.05 -1.14 -6.10
N HIS A 3 -18.40 -0.49 -5.15
CA HIS A 3 -18.64 0.92 -4.88
C HIS A 3 -17.36 1.65 -4.50
N MET A 4 -16.27 1.32 -5.20
CA MET A 4 -14.98 1.97 -4.95
C MET A 4 -14.90 3.30 -5.68
N SER A 5 -15.84 3.55 -6.57
CA SER A 5 -15.78 4.72 -7.45
C SER A 5 -16.17 6.00 -6.72
N ASP A 6 -16.77 5.87 -5.55
CA ASP A 6 -17.20 7.04 -4.78
C ASP A 6 -16.02 7.70 -4.07
N PRO A 7 -15.69 8.95 -4.45
CA PRO A 7 -14.61 9.70 -3.80
C PRO A 7 -14.98 10.10 -2.38
N ARG A 8 -16.25 9.96 -2.06
CA ARG A 8 -16.73 10.22 -0.71
C ARG A 8 -16.46 9.04 0.21
N HIS A 9 -16.16 7.90 -0.39
CA HIS A 9 -15.88 6.70 0.38
C HIS A 9 -14.50 6.82 1.02
N PRO A 10 -14.44 6.70 2.36
CA PRO A 10 -13.23 6.94 3.15
C PRO A 10 -12.03 6.11 2.69
N ASP A 11 -12.31 4.97 2.09
CA ASP A 11 -11.27 4.11 1.56
C ASP A 11 -10.74 4.68 0.25
N ASN A 12 -11.65 5.11 -0.61
CA ASN A 12 -11.28 5.70 -1.91
C ASN A 12 -10.47 6.96 -1.70
N ALA A 13 -10.87 7.75 -0.72
CA ALA A 13 -10.17 8.99 -0.39
C ALA A 13 -8.69 8.71 -0.12
N MET A 14 -8.43 7.69 0.68
CA MET A 14 -7.05 7.32 1.00
C MET A 14 -6.41 6.54 -0.13
N TYR A 15 -7.24 5.85 -0.91
CA TYR A 15 -6.78 5.14 -2.10
C TYR A 15 -6.21 6.12 -3.10
N ASN A 16 -6.87 7.27 -3.24
CA ASN A 16 -6.40 8.32 -4.13
C ASN A 16 -5.11 8.93 -3.60
N GLY A 17 -4.95 8.86 -2.29
CA GLY A 17 -3.70 9.27 -1.68
C GLY A 17 -2.62 8.27 -1.94
N ALA A 18 -2.96 6.99 -1.78
CA ALA A 18 -2.03 5.89 -2.00
C ALA A 18 -1.50 5.90 -3.43
N VAL A 19 -2.42 6.01 -4.39
CA VAL A 19 -2.03 5.99 -5.80
C VAL A 19 -1.13 7.19 -6.13
N SER A 20 -1.49 8.35 -5.60
CA SER A 20 -0.76 9.57 -5.87
C SER A 20 0.64 9.52 -5.28
N LYS A 21 0.77 8.87 -4.13
CA LYS A 21 2.05 8.72 -3.48
C LYS A 21 2.93 7.75 -4.25
N LEU A 22 2.31 6.76 -4.88
CA LEU A 22 3.04 5.82 -5.71
C LEU A 22 3.38 6.43 -7.04
N GLU A 23 2.49 7.26 -7.57
CA GLU A 23 2.78 8.02 -8.78
C GLU A 23 3.93 8.98 -8.53
N ALA A 24 3.96 9.52 -7.32
CA ALA A 24 5.05 10.39 -6.89
C ALA A 24 6.32 9.57 -6.64
N LEU A 25 6.11 8.33 -6.21
CA LEU A 25 7.20 7.43 -5.92
C LEU A 25 7.89 6.98 -7.20
N GLY A 26 7.07 6.66 -8.20
CA GLY A 26 7.55 6.37 -9.53
C GLY A 26 8.52 5.20 -9.60
N GLU A 27 9.74 5.49 -10.04
CA GLU A 27 10.76 4.48 -10.24
C GLU A 27 11.32 3.97 -8.93
N ARG A 28 11.09 4.74 -7.86
CA ARG A 28 11.49 4.31 -6.53
C ARG A 28 10.68 3.09 -6.13
N GLY A 29 9.43 3.07 -6.53
CA GLY A 29 8.58 1.91 -6.28
C GLY A 29 8.77 0.84 -7.32
N GLY A 30 8.84 1.27 -8.58
CA GLY A 30 9.05 0.32 -9.66
C GLY A 30 7.76 -0.02 -10.37
N PHE A 31 7.08 0.98 -10.90
CA PHE A 31 5.81 0.77 -11.58
C PHE A 31 5.96 0.96 -13.08
N ALA A 32 5.85 -0.12 -13.82
CA ALA A 32 5.93 -0.06 -15.28
C ALA A 32 4.56 0.15 -15.89
N ASN A 33 3.53 -0.07 -15.09
CA ASN A 33 2.15 0.01 -15.54
C ASN A 33 1.29 0.61 -14.45
N ARG A 34 0.33 1.46 -14.84
CA ARG A 34 -0.59 2.07 -13.89
C ARG A 34 -1.43 1.01 -13.18
N LYS A 35 -1.48 -0.18 -13.75
CA LYS A 35 -2.13 -1.30 -13.11
C LYS A 35 -1.37 -1.70 -11.86
N GLU A 36 -0.04 -1.72 -11.97
CA GLU A 36 0.83 -2.03 -10.83
C GLU A 36 0.58 -1.02 -9.72
N LEU A 37 0.41 0.22 -10.16
CA LEU A 37 0.13 1.34 -9.28
C LEU A 37 -1.13 1.03 -8.45
N GLU A 38 -2.20 0.67 -9.15
CA GLU A 38 -3.48 0.41 -8.52
C GLU A 38 -3.44 -0.87 -7.67
N GLN A 39 -2.70 -1.85 -8.13
CA GLN A 39 -2.55 -3.11 -7.40
C GLN A 39 -1.89 -2.88 -6.05
N ALA A 40 -0.84 -2.08 -6.05
CA ALA A 40 -0.11 -1.77 -4.83
C ALA A 40 -0.90 -0.82 -3.94
N ALA A 41 -1.43 0.24 -4.54
CA ALA A 41 -2.18 1.24 -3.81
C ALA A 41 -3.42 0.63 -3.17
N GLY A 42 -4.04 -0.32 -3.87
CA GLY A 42 -5.21 -0.98 -3.35
C GLY A 42 -4.91 -1.78 -2.10
N GLN A 43 -3.69 -2.29 -2.03
CA GLN A 43 -3.23 -2.98 -0.84
C GLN A 43 -2.82 -1.97 0.22
N ILE A 44 -2.11 -0.95 -0.22
CA ILE A 44 -1.65 0.11 0.66
C ILE A 44 -2.80 0.72 1.44
N VAL A 45 -3.85 1.10 0.74
CA VAL A 45 -5.01 1.71 1.38
C VAL A 45 -5.70 0.70 2.29
N PHE A 46 -5.76 -0.55 1.85
CA PHE A 46 -6.41 -1.60 2.63
C PHE A 46 -5.75 -1.75 4.00
N GLU A 47 -4.46 -2.02 4.01
CA GLU A 47 -3.72 -2.23 5.25
C GLU A 47 -3.66 -0.96 6.08
N SER A 48 -3.61 0.19 5.43
CA SER A 48 -3.51 1.45 6.14
C SER A 48 -4.83 1.78 6.85
N LYS A 49 -5.96 1.53 6.19
CA LYS A 49 -7.27 1.77 6.80
C LYS A 49 -7.41 0.99 8.10
N VAL A 50 -7.13 -0.30 8.03
CA VAL A 50 -7.30 -1.20 9.17
C VAL A 50 -6.23 -0.96 10.23
N SER A 51 -5.08 -0.46 9.81
CA SER A 51 -3.98 -0.20 10.73
C SER A 51 -4.25 1.06 11.55
N GLY A 52 -5.04 1.98 10.99
CA GLY A 52 -5.38 3.20 11.69
C GLY A 52 -4.78 4.44 11.05
N LEU A 53 -4.37 4.32 9.80
CA LEU A 53 -3.88 5.46 9.03
C LEU A 53 -5.06 6.37 8.67
N GLN A 54 -4.79 7.67 8.60
CA GLN A 54 -5.82 8.61 8.19
C GLN A 54 -5.55 9.11 6.78
N ARG A 55 -4.32 8.87 6.32
CA ARG A 55 -3.89 9.28 5.01
C ARG A 55 -2.48 8.76 4.74
N ILE A 56 -2.26 8.24 3.55
CA ILE A 56 -0.92 7.85 3.17
C ILE A 56 -0.16 9.09 2.72
N ASP A 57 0.64 9.64 3.62
CA ASP A 57 1.36 10.87 3.32
C ASP A 57 2.67 10.56 2.62
N HIS A 58 3.31 9.50 3.06
CA HIS A 58 4.54 9.03 2.44
C HIS A 58 4.48 7.54 2.24
N VAL A 59 5.24 7.04 1.28
CA VAL A 59 5.28 5.62 0.99
C VAL A 59 6.71 5.18 0.71
N VAL A 60 7.19 4.23 1.48
CA VAL A 60 8.55 3.73 1.33
C VAL A 60 8.54 2.32 0.75
N PRO A 61 9.10 2.16 -0.45
CA PRO A 61 9.11 0.88 -1.15
C PRO A 61 10.19 -0.06 -0.63
N ASN A 62 9.91 -1.36 -0.70
CA ASN A 62 10.87 -2.39 -0.34
C ASN A 62 11.94 -2.46 -1.43
N LYS A 63 12.98 -3.25 -1.21
CA LYS A 63 14.11 -3.33 -2.13
C LYS A 63 13.67 -3.68 -3.55
N SER A 64 12.83 -4.71 -3.65
CA SER A 64 12.40 -5.21 -4.95
C SER A 64 11.07 -4.58 -5.37
N GLY A 65 10.57 -3.65 -4.55
CA GLY A 65 9.28 -3.04 -4.81
C GLY A 65 8.13 -4.00 -4.55
N ASP A 66 8.42 -5.06 -3.83
CA ASP A 66 7.44 -6.09 -3.53
C ASP A 66 6.74 -5.81 -2.20
N GLY A 67 7.00 -4.63 -1.66
CA GLY A 67 6.39 -4.22 -0.42
C GLY A 67 6.44 -2.73 -0.27
N PHE A 68 5.49 -2.15 0.45
CA PHE A 68 5.43 -0.71 0.62
C PHE A 68 5.07 -0.34 2.05
N PHE A 69 5.79 0.61 2.61
CA PHE A 69 5.46 1.14 3.92
C PHE A 69 4.58 2.37 3.77
N ALA A 70 3.36 2.28 4.30
CA ALA A 70 2.45 3.41 4.26
C ALA A 70 2.52 4.17 5.57
N VAL A 71 2.97 5.41 5.50
CA VAL A 71 3.18 6.20 6.70
C VAL A 71 2.52 7.57 6.59
N GLN A 72 1.86 7.97 7.66
CA GLN A 72 1.27 9.28 7.75
C GLN A 72 2.09 10.13 8.71
N GLY A 73 2.09 11.44 8.49
CA GLY A 73 2.86 12.32 9.31
C GLY A 73 4.17 12.70 8.66
N GLU A 74 5.28 12.38 9.32
CA GLU A 74 6.60 12.72 8.82
C GLU A 74 7.59 11.60 9.13
N LEU A 75 8.47 11.34 8.16
CA LEU A 75 9.41 10.23 8.25
C LEU A 75 10.41 10.44 9.38
N THR A 76 10.62 11.69 9.73
CA THR A 76 11.55 12.04 10.78
C THR A 76 10.84 12.40 12.08
N ASP A 77 9.56 12.07 12.17
CA ASP A 77 8.76 12.39 13.35
C ASP A 77 8.30 11.11 14.03
N PRO A 78 8.58 10.99 15.34
CA PRO A 78 8.27 9.78 16.12
C PRO A 78 6.76 9.54 16.29
N ALA A 79 5.94 10.51 15.91
CA ALA A 79 4.50 10.37 16.04
C ALA A 79 3.87 9.85 14.75
N MET A 80 4.71 9.56 13.76
CA MET A 80 4.24 9.01 12.49
C MET A 80 3.66 7.62 12.72
N GLN A 81 2.79 7.20 11.83
CA GLN A 81 2.29 5.83 11.85
C GLN A 81 2.63 5.15 10.54
N ARG A 82 3.30 4.02 10.60
CA ARG A 82 3.76 3.35 9.40
C ARG A 82 3.37 1.88 9.43
N VAL A 83 2.70 1.44 8.38
CA VAL A 83 2.31 0.05 8.23
C VAL A 83 2.98 -0.57 7.01
N PHE A 84 3.54 -1.75 7.16
CA PHE A 84 4.15 -2.45 6.03
C PHE A 84 3.08 -3.21 5.26
N VAL A 85 2.96 -2.89 3.98
CA VAL A 85 1.98 -3.54 3.13
C VAL A 85 2.69 -4.37 2.07
N ASP A 86 2.27 -5.61 1.93
CA ASP A 86 2.78 -6.48 0.89
C ASP A 86 2.19 -6.07 -0.44
N ARG A 87 2.99 -6.08 -1.49
CA ARG A 87 2.62 -5.49 -2.78
C ARG A 87 1.23 -5.95 -3.27
N ASN A 88 0.96 -7.24 -3.15
CA ASN A 88 -0.33 -7.78 -3.56
C ASN A 88 -1.07 -8.39 -2.40
N GLN A 89 -2.23 -8.96 -2.68
CA GLN A 89 -3.17 -9.41 -1.66
C GLN A 89 -2.72 -10.69 -0.96
N ALA A 90 -1.71 -10.53 -0.13
CA ALA A 90 -1.24 -11.58 0.77
C ALA A 90 -0.42 -10.93 1.87
N GLN A 91 -1.04 -10.73 3.03
CA GLN A 91 -0.41 -9.98 4.11
C GLN A 91 0.62 -10.85 4.86
N ASN A 92 1.54 -11.39 4.08
CA ASN A 92 2.62 -12.26 4.56
C ASN A 92 3.34 -12.81 3.33
N GLN A 93 4.20 -11.97 2.75
CA GLN A 93 4.84 -12.26 1.47
C GLN A 93 3.82 -12.08 0.33
N PRO A 94 4.00 -11.04 -0.50
CA PRO A 94 3.00 -10.63 -1.49
C PRO A 94 2.65 -11.72 -2.48
N LEU A 95 1.37 -11.77 -2.83
CA LEU A 95 0.86 -12.75 -3.78
C LEU A 95 1.11 -12.27 -5.20
N GLU A 96 2.38 -12.23 -5.58
CA GLU A 96 2.76 -11.80 -6.92
C GLU A 96 2.23 -12.78 -7.96
N ASN A 97 1.82 -12.24 -9.11
CA ASN A 97 1.14 -13.04 -10.13
C ASN A 97 -0.09 -13.69 -9.54
N SER A 98 -1.10 -12.87 -9.28
CA SER A 98 -2.30 -13.30 -8.59
C SER A 98 -3.24 -14.09 -9.50
N SER A 99 -2.78 -15.25 -9.95
CA SER A 99 -3.58 -16.12 -10.79
C SER A 99 -3.29 -17.58 -10.47
N ARG A 100 -3.39 -17.91 -9.19
CA ARG A 100 -3.16 -19.28 -8.74
C ARG A 100 -4.40 -20.13 -8.99
N GLN A 101 -5.44 -19.87 -8.19
CA GLN A 101 -6.72 -20.60 -8.29
C GLN A 101 -6.48 -22.10 -8.39
N ALA A 102 -6.07 -22.71 -7.29
CA ALA A 102 -5.78 -24.13 -7.25
C ALA A 102 -6.99 -24.91 -6.72
N ALA A 103 -8.17 -24.58 -7.28
CA ALA A 103 -9.43 -25.21 -6.90
C ALA A 103 -9.80 -24.92 -5.44
N GLU A 104 -10.89 -25.53 -4.98
CA GLU A 104 -11.36 -25.38 -3.61
C GLU A 104 -11.64 -23.91 -3.29
N GLU A 105 -12.31 -23.22 -4.22
CA GLU A 105 -12.60 -21.82 -4.05
C GLU A 105 -14.04 -21.63 -3.59
N GLY A 1 -9.42 2.61 -12.17
CA GLY A 1 -9.61 1.15 -12.02
C GLY A 1 -9.69 0.72 -10.58
N SER A 2 -9.66 -0.60 -10.36
CA SER A 2 -9.73 -1.19 -9.03
C SER A 2 -11.04 -0.83 -8.31
N HIS A 3 -11.03 0.26 -7.55
CA HIS A 3 -12.24 0.68 -6.84
C HIS A 3 -12.31 2.21 -6.75
N MET A 4 -11.71 2.88 -7.73
CA MET A 4 -11.71 4.34 -7.77
C MET A 4 -13.08 4.87 -8.13
N SER A 5 -13.86 4.04 -8.79
CA SER A 5 -15.18 4.43 -9.28
C SER A 5 -16.26 4.14 -8.25
N ASP A 6 -15.86 3.78 -7.04
CA ASP A 6 -16.80 3.45 -5.99
C ASP A 6 -16.84 4.54 -4.93
N PRO A 7 -17.77 5.51 -5.08
CA PRO A 7 -17.89 6.65 -4.18
C PRO A 7 -18.38 6.26 -2.79
N ARG A 8 -18.96 5.08 -2.67
CA ARG A 8 -19.47 4.61 -1.39
C ARG A 8 -18.32 4.14 -0.50
N HIS A 9 -17.12 4.10 -1.07
CA HIS A 9 -15.92 3.78 -0.33
C HIS A 9 -15.42 5.00 0.44
N PRO A 10 -15.24 4.86 1.76
CA PRO A 10 -14.72 5.94 2.60
C PRO A 10 -13.22 6.11 2.41
N ASP A 11 -12.59 5.05 1.89
CA ASP A 11 -11.14 5.03 1.70
C ASP A 11 -10.76 5.65 0.37
N ASN A 12 -11.73 6.23 -0.33
CA ASN A 12 -11.48 6.83 -1.64
C ASN A 12 -10.46 7.95 -1.54
N ALA A 13 -10.59 8.81 -0.53
CA ALA A 13 -9.68 9.93 -0.34
C ALA A 13 -8.27 9.44 -0.05
N MET A 14 -8.19 8.35 0.69
CA MET A 14 -6.90 7.75 1.03
C MET A 14 -6.32 7.05 -0.18
N TYR A 15 -7.18 6.37 -0.93
CA TYR A 15 -6.78 5.66 -2.14
C TYR A 15 -6.25 6.64 -3.18
N ASN A 16 -6.95 7.75 -3.34
CA ASN A 16 -6.52 8.79 -4.28
C ASN A 16 -5.23 9.44 -3.81
N GLY A 17 -4.97 9.34 -2.52
CA GLY A 17 -3.72 9.82 -1.98
C GLY A 17 -2.62 8.80 -2.20
N ALA A 18 -2.94 7.54 -1.93
CA ALA A 18 -2.02 6.44 -2.10
C ALA A 18 -1.44 6.41 -3.51
N VAL A 19 -2.32 6.53 -4.51
CA VAL A 19 -1.89 6.52 -5.90
C VAL A 19 -0.93 7.67 -6.18
N SER A 20 -1.24 8.84 -5.63
CA SER A 20 -0.44 10.03 -5.88
C SER A 20 0.95 9.88 -5.27
N LYS A 21 1.02 9.22 -4.13
CA LYS A 21 2.28 8.98 -3.46
C LYS A 21 3.12 7.97 -4.22
N LEU A 22 2.45 6.98 -4.81
CA LEU A 22 3.14 5.98 -5.62
C LEU A 22 3.56 6.57 -6.96
N GLU A 23 2.74 7.47 -7.48
CA GLU A 23 3.11 8.22 -8.68
C GLU A 23 4.33 9.07 -8.42
N ALA A 24 4.37 9.65 -7.22
CA ALA A 24 5.51 10.43 -6.77
C ALA A 24 6.73 9.53 -6.61
N LEU A 25 6.49 8.32 -6.14
CA LEU A 25 7.52 7.33 -5.97
C LEU A 25 8.08 6.91 -7.34
N GLY A 26 7.18 6.77 -8.29
CA GLY A 26 7.56 6.57 -9.67
C GLY A 26 8.09 5.18 -9.95
N GLU A 27 9.22 5.12 -10.67
CA GLU A 27 9.81 3.87 -11.10
C GLU A 27 10.30 3.06 -9.90
N ARG A 28 10.53 3.74 -8.79
CA ARG A 28 10.99 3.10 -7.57
C ARG A 28 9.94 2.16 -7.00
N GLY A 29 8.72 2.28 -7.50
CA GLY A 29 7.66 1.40 -7.05
C GLY A 29 7.48 0.20 -7.96
N GLY A 30 8.18 0.19 -9.07
CA GLY A 30 8.10 -0.93 -10.01
C GLY A 30 6.73 -1.03 -10.67
N PHE A 31 6.31 0.04 -11.34
CA PHE A 31 5.00 0.06 -11.98
C PHE A 31 5.13 -0.02 -13.49
N ALA A 32 4.72 -1.14 -14.06
CA ALA A 32 4.75 -1.34 -15.50
C ALA A 32 3.64 -0.55 -16.19
N ASN A 33 2.48 -0.51 -15.56
CA ASN A 33 1.32 0.17 -16.13
C ASN A 33 0.59 0.96 -15.06
N ARG A 34 -0.44 1.71 -15.47
CA ARG A 34 -1.23 2.48 -14.51
C ARG A 34 -1.98 1.54 -13.57
N LYS A 35 -2.35 0.37 -14.07
CA LYS A 35 -3.04 -0.63 -13.26
C LYS A 35 -2.17 -1.04 -12.09
N GLU A 36 -0.87 -1.17 -12.35
CA GLU A 36 0.09 -1.55 -11.32
C GLU A 36 0.06 -0.54 -10.19
N LEU A 37 0.01 0.72 -10.57
CA LEU A 37 -0.08 1.84 -9.63
C LEU A 37 -1.32 1.65 -8.75
N GLU A 38 -2.45 1.43 -9.40
CA GLU A 38 -3.73 1.31 -8.72
C GLU A 38 -3.77 0.08 -7.83
N GLN A 39 -3.25 -1.04 -8.32
CA GLN A 39 -3.25 -2.29 -7.57
C GLN A 39 -2.45 -2.12 -6.28
N ALA A 40 -1.29 -1.49 -6.40
CA ALA A 40 -0.44 -1.26 -5.25
C ALA A 40 -1.09 -0.29 -4.28
N ALA A 41 -1.66 0.79 -4.82
CA ALA A 41 -2.33 1.79 -4.02
C ALA A 41 -3.54 1.19 -3.31
N GLY A 42 -4.21 0.28 -4.00
CA GLY A 42 -5.34 -0.41 -3.41
C GLY A 42 -4.90 -1.27 -2.24
N GLN A 43 -3.67 -1.75 -2.31
CA GLN A 43 -3.08 -2.49 -1.21
C GLN A 43 -2.61 -1.53 -0.13
N ILE A 44 -2.06 -0.40 -0.57
CA ILE A 44 -1.62 0.65 0.33
C ILE A 44 -2.75 1.04 1.27
N VAL A 45 -3.85 1.50 0.69
CA VAL A 45 -4.97 1.99 1.46
C VAL A 45 -5.64 0.86 2.24
N PHE A 46 -5.57 -0.35 1.71
CA PHE A 46 -6.14 -1.52 2.36
C PHE A 46 -5.44 -1.78 3.69
N GLU A 47 -4.12 -1.94 3.65
CA GLU A 47 -3.34 -2.19 4.85
C GLU A 47 -3.34 -0.96 5.75
N SER A 48 -3.50 0.21 5.15
CA SER A 48 -3.62 1.44 5.91
C SER A 48 -4.84 1.40 6.81
N LYS A 49 -6.00 1.12 6.23
CA LYS A 49 -7.26 1.11 6.98
C LYS A 49 -7.24 0.10 8.12
N VAL A 50 -6.73 -1.10 7.84
CA VAL A 50 -6.71 -2.15 8.85
C VAL A 50 -5.74 -1.82 9.98
N SER A 51 -4.78 -0.96 9.69
CA SER A 51 -3.80 -0.55 10.69
C SER A 51 -4.23 0.74 11.40
N GLY A 52 -5.29 1.35 10.91
CA GLY A 52 -5.81 2.55 11.56
C GLY A 52 -5.34 3.84 10.91
N LEU A 53 -4.69 3.72 9.75
CA LEU A 53 -4.26 4.88 8.99
C LEU A 53 -5.46 5.59 8.40
N GLN A 54 -5.46 6.91 8.47
CA GLN A 54 -6.54 7.70 7.90
C GLN A 54 -6.03 8.54 6.73
N ARG A 55 -4.76 8.34 6.39
CA ARG A 55 -4.14 9.08 5.30
C ARG A 55 -2.75 8.53 5.02
N ILE A 56 -2.39 8.48 3.74
CA ILE A 56 -1.05 8.11 3.33
C ILE A 56 -0.29 9.35 2.89
N ASP A 57 0.63 9.81 3.72
CA ASP A 57 1.39 11.01 3.39
C ASP A 57 2.70 10.64 2.71
N HIS A 58 3.29 9.53 3.15
CA HIS A 58 4.51 9.03 2.55
C HIS A 58 4.39 7.55 2.27
N VAL A 59 5.10 7.09 1.26
CA VAL A 59 5.13 5.67 0.93
C VAL A 59 6.56 5.24 0.62
N VAL A 60 7.05 4.25 1.35
CA VAL A 60 8.40 3.76 1.19
C VAL A 60 8.39 2.34 0.63
N PRO A 61 9.04 2.11 -0.52
CA PRO A 61 9.11 0.78 -1.12
C PRO A 61 10.03 -0.14 -0.35
N ASN A 62 9.52 -1.31 0.02
CA ASN A 62 10.32 -2.30 0.74
C ASN A 62 11.38 -2.86 -0.20
N LYS A 63 12.63 -2.72 0.19
CA LYS A 63 13.76 -3.12 -0.63
C LYS A 63 13.78 -4.64 -0.84
N SER A 64 13.11 -5.37 0.04
CA SER A 64 12.99 -6.81 -0.07
C SER A 64 11.94 -7.18 -1.12
N GLY A 65 11.15 -6.20 -1.53
CA GLY A 65 10.18 -6.41 -2.59
C GLY A 65 8.85 -6.95 -2.10
N ASP A 66 8.71 -7.11 -0.80
CA ASP A 66 7.49 -7.66 -0.21
C ASP A 66 6.32 -6.69 -0.32
N GLY A 67 6.63 -5.40 -0.45
CA GLY A 67 5.58 -4.42 -0.57
C GLY A 67 6.05 -3.01 -0.29
N PHE A 68 5.25 -2.26 0.44
CA PHE A 68 5.52 -0.86 0.71
C PHE A 68 5.28 -0.54 2.18
N PHE A 69 5.63 0.68 2.58
CA PHE A 69 5.31 1.18 3.90
C PHE A 69 4.58 2.51 3.78
N ALA A 70 3.37 2.57 4.30
CA ALA A 70 2.59 3.80 4.27
C ALA A 70 2.73 4.54 5.59
N VAL A 71 3.05 5.82 5.51
CA VAL A 71 3.28 6.63 6.70
C VAL A 71 2.39 7.85 6.68
N GLN A 72 1.81 8.19 7.83
CA GLN A 72 1.04 9.41 7.96
C GLN A 72 1.83 10.41 8.80
N GLY A 73 2.27 11.50 8.18
CA GLY A 73 3.00 12.51 8.91
C GLY A 73 4.36 12.78 8.33
N GLU A 74 5.40 12.44 9.08
CA GLU A 74 6.77 12.70 8.66
C GLU A 74 7.64 11.46 8.88
N LEU A 75 8.54 11.22 7.94
CA LEU A 75 9.44 10.08 8.02
C LEU A 75 10.55 10.34 9.03
N THR A 76 10.73 11.61 9.36
CA THR A 76 11.75 12.02 10.30
C THR A 76 11.33 11.73 11.73
N ASP A 77 10.02 11.66 11.94
CA ASP A 77 9.48 11.48 13.28
C ASP A 77 9.18 10.01 13.55
N PRO A 78 9.72 9.46 14.64
CA PRO A 78 9.55 8.06 15.01
C PRO A 78 8.23 7.75 15.73
N ALA A 79 7.43 8.78 15.97
CA ALA A 79 6.16 8.61 16.65
C ALA A 79 5.03 8.54 15.65
N MET A 80 5.36 8.69 14.37
CA MET A 80 4.37 8.62 13.30
C MET A 80 3.91 7.19 13.09
N GLN A 81 2.72 7.03 12.54
CA GLN A 81 2.17 5.71 12.30
C GLN A 81 2.59 5.23 10.92
N ARG A 82 3.18 4.05 10.88
CA ARG A 82 3.62 3.44 9.64
C ARG A 82 3.07 2.03 9.54
N VAL A 83 2.58 1.67 8.37
CA VAL A 83 2.01 0.35 8.14
C VAL A 83 2.73 -0.35 6.99
N PHE A 84 3.05 -1.62 7.17
CA PHE A 84 3.60 -2.41 6.10
C PHE A 84 2.49 -2.85 5.16
N VAL A 85 2.71 -2.67 3.87
CA VAL A 85 1.75 -3.02 2.87
C VAL A 85 2.22 -4.22 2.06
N ASP A 86 1.46 -5.30 2.12
CA ASP A 86 1.73 -6.46 1.30
C ASP A 86 1.48 -6.12 -0.16
N ARG A 87 2.51 -6.27 -0.98
CA ARG A 87 2.46 -5.91 -2.39
C ARG A 87 1.35 -6.66 -3.11
N ASN A 88 1.17 -7.93 -2.76
CA ASN A 88 0.10 -8.73 -3.31
C ASN A 88 -0.63 -9.45 -2.19
N GLN A 89 -1.00 -8.67 -1.16
CA GLN A 89 -1.78 -9.15 0.00
C GLN A 89 -1.36 -10.54 0.47
N ALA A 90 -0.05 -10.73 0.65
CA ALA A 90 0.52 -11.96 1.19
C ALA A 90 0.14 -13.18 0.36
N GLN A 91 0.17 -13.04 -0.97
CA GLN A 91 -0.20 -14.15 -1.84
C GLN A 91 0.81 -14.34 -2.98
N ASN A 92 2.05 -13.88 -2.78
CA ASN A 92 3.09 -14.07 -3.79
C ASN A 92 4.48 -13.82 -3.22
N GLN A 93 4.91 -12.57 -3.19
CA GLN A 93 6.23 -12.25 -2.63
C GLN A 93 6.15 -12.14 -1.10
N PRO A 94 5.24 -11.30 -0.55
CA PRO A 94 4.98 -11.31 0.89
C PRO A 94 4.33 -12.61 1.31
N LEU A 95 4.99 -13.34 2.21
CA LEU A 95 4.53 -14.66 2.66
C LEU A 95 4.52 -15.66 1.50
N GLU A 96 4.02 -16.87 1.78
CA GLU A 96 3.90 -17.93 0.78
C GLU A 96 5.22 -18.22 0.06
N ASN A 97 6.31 -18.14 0.80
CA ASN A 97 7.62 -18.52 0.29
C ASN A 97 8.10 -19.75 1.04
N SER A 98 7.65 -19.89 2.28
CA SER A 98 7.92 -21.09 3.05
C SER A 98 6.92 -22.16 2.70
N SER A 99 7.41 -23.34 2.31
CA SER A 99 6.57 -24.45 1.90
C SER A 99 5.75 -24.07 0.66
N ARG A 100 6.44 -23.61 -0.38
CA ARG A 100 5.79 -23.20 -1.62
C ARG A 100 5.87 -24.32 -2.65
N GLN A 101 5.92 -25.56 -2.16
CA GLN A 101 6.03 -26.73 -3.02
C GLN A 101 5.75 -27.99 -2.20
N ALA A 102 5.72 -29.13 -2.89
CA ALA A 102 5.41 -30.40 -2.24
C ALA A 102 6.68 -31.11 -1.80
N ALA A 103 7.57 -30.37 -1.16
CA ALA A 103 8.83 -30.93 -0.71
C ALA A 103 8.70 -31.45 0.72
N GLU A 104 9.26 -32.63 0.96
CA GLU A 104 9.23 -33.27 2.27
C GLU A 104 7.80 -33.60 2.69
N GLU A 105 6.92 -33.78 1.71
CA GLU A 105 5.53 -34.14 1.93
C GLU A 105 4.79 -33.03 2.70
N GLY A 1 -10.78 -4.03 -14.62
CA GLY A 1 -9.56 -3.23 -14.36
C GLY A 1 -9.88 -1.87 -13.78
N SER A 2 -9.13 -1.47 -12.75
CA SER A 2 -9.33 -0.20 -12.05
C SER A 2 -10.63 -0.22 -11.23
N HIS A 3 -10.51 0.17 -9.97
CA HIS A 3 -11.67 0.21 -9.09
C HIS A 3 -11.85 1.61 -8.50
N MET A 4 -11.44 2.61 -9.28
CA MET A 4 -11.62 4.00 -8.87
C MET A 4 -13.03 4.48 -9.21
N SER A 5 -13.78 3.62 -9.89
CA SER A 5 -15.14 3.94 -10.29
C SER A 5 -16.15 3.60 -9.21
N ASP A 6 -15.66 3.24 -8.03
CA ASP A 6 -16.52 2.87 -6.91
C ASP A 6 -16.57 3.97 -5.86
N PRO A 7 -17.57 4.86 -5.94
CA PRO A 7 -17.74 5.95 -4.99
C PRO A 7 -18.26 5.45 -3.66
N ARG A 8 -18.72 4.20 -3.66
CA ARG A 8 -19.23 3.56 -2.45
C ARG A 8 -18.09 3.14 -1.54
N HIS A 9 -16.86 3.31 -2.02
CA HIS A 9 -15.70 3.06 -1.22
C HIS A 9 -15.38 4.33 -0.43
N PRO A 10 -15.55 4.29 0.90
CA PRO A 10 -15.42 5.47 1.76
C PRO A 10 -13.98 5.97 1.88
N ASP A 11 -13.05 5.19 1.36
CA ASP A 11 -11.65 5.55 1.38
C ASP A 11 -11.23 6.00 -0.01
N ASN A 12 -12.15 6.66 -0.71
CA ASN A 12 -11.92 7.11 -2.08
C ASN A 12 -10.77 8.11 -2.16
N ALA A 13 -10.85 9.18 -1.38
CA ALA A 13 -9.83 10.21 -1.39
C ALA A 13 -8.50 9.66 -0.86
N MET A 14 -8.59 8.76 0.11
CA MET A 14 -7.41 8.14 0.69
C MET A 14 -6.72 7.23 -0.33
N TYR A 15 -7.51 6.48 -1.07
CA TYR A 15 -6.99 5.64 -2.14
C TYR A 15 -6.32 6.51 -3.20
N ASN A 16 -6.93 7.64 -3.49
CA ASN A 16 -6.35 8.59 -4.44
C ASN A 16 -5.07 9.19 -3.88
N GLY A 17 -4.98 9.26 -2.57
CA GLY A 17 -3.76 9.70 -1.93
C GLY A 17 -2.67 8.64 -2.05
N ALA A 18 -3.08 7.39 -1.90
CA ALA A 18 -2.18 6.27 -2.04
C ALA A 18 -1.57 6.21 -3.43
N VAL A 19 -2.43 6.32 -4.45
CA VAL A 19 -1.96 6.29 -5.83
C VAL A 19 -1.08 7.49 -6.11
N SER A 20 -1.45 8.63 -5.54
CA SER A 20 -0.72 9.87 -5.74
C SER A 20 0.68 9.77 -5.15
N LYS A 21 0.80 9.13 -4.00
CA LYS A 21 2.09 8.93 -3.37
C LYS A 21 2.96 8.02 -4.22
N LEU A 22 2.35 7.04 -4.88
CA LEU A 22 3.07 6.16 -5.77
C LEU A 22 3.41 6.87 -7.06
N GLU A 23 2.53 7.73 -7.53
CA GLU A 23 2.80 8.58 -8.68
C GLU A 23 3.97 9.51 -8.37
N ALA A 24 4.00 9.97 -7.13
CA ALA A 24 5.08 10.82 -6.64
C ALA A 24 6.37 10.02 -6.52
N LEU A 25 6.26 8.81 -6.01
CA LEU A 25 7.39 7.90 -5.86
C LEU A 25 7.96 7.54 -7.23
N GLY A 26 7.05 7.33 -8.18
CA GLY A 26 7.45 7.08 -9.54
C GLY A 26 7.52 5.60 -9.86
N GLU A 27 8.14 5.29 -10.98
CA GLU A 27 8.29 3.92 -11.44
C GLU A 27 9.25 3.15 -10.53
N ARG A 28 9.95 3.90 -9.68
CA ARG A 28 10.87 3.34 -8.69
C ARG A 28 10.20 2.26 -7.84
N GLY A 29 8.91 2.43 -7.59
CA GLY A 29 8.16 1.47 -6.80
C GLY A 29 8.10 0.10 -7.45
N GLY A 30 8.31 0.06 -8.75
CA GLY A 30 8.25 -1.20 -9.47
C GLY A 30 6.92 -1.37 -10.16
N PHE A 31 6.55 -0.42 -10.99
CA PHE A 31 5.27 -0.47 -11.67
C PHE A 31 5.48 -0.63 -13.18
N ALA A 32 5.15 -1.81 -13.69
CA ALA A 32 5.28 -2.09 -15.11
C ALA A 32 4.11 -1.50 -15.88
N ASN A 33 2.96 -1.41 -15.22
CA ASN A 33 1.76 -0.88 -15.85
C ASN A 33 0.98 -0.04 -14.84
N ARG A 34 -0.06 0.64 -15.30
CA ARG A 34 -0.90 1.44 -14.41
C ARG A 34 -1.59 0.53 -13.40
N LYS A 35 -1.95 -0.67 -13.84
CA LYS A 35 -2.58 -1.67 -13.00
C LYS A 35 -1.79 -1.87 -11.72
N GLU A 36 -0.48 -2.05 -11.87
CA GLU A 36 0.41 -2.29 -10.73
C GLU A 36 0.30 -1.15 -9.72
N LEU A 37 0.27 0.08 -10.24
CA LEU A 37 0.14 1.28 -9.43
C LEU A 37 -1.15 1.19 -8.61
N GLU A 38 -2.24 0.90 -9.30
CA GLU A 38 -3.56 0.86 -8.69
C GLU A 38 -3.70 -0.32 -7.74
N GLN A 39 -3.00 -1.41 -8.03
CA GLN A 39 -3.02 -2.59 -7.16
C GLN A 39 -2.29 -2.30 -5.87
N ALA A 40 -1.09 -1.74 -5.99
CA ALA A 40 -0.27 -1.41 -4.84
C ALA A 40 -0.98 -0.42 -3.93
N ALA A 41 -1.46 0.66 -4.54
CA ALA A 41 -2.16 1.69 -3.80
C ALA A 41 -3.43 1.16 -3.16
N GLY A 42 -4.06 0.19 -3.83
CA GLY A 42 -5.26 -0.42 -3.31
C GLY A 42 -4.98 -1.20 -2.05
N GLN A 43 -3.79 -1.80 -1.99
CA GLN A 43 -3.37 -2.51 -0.81
C GLN A 43 -2.86 -1.52 0.22
N ILE A 44 -2.24 -0.45 -0.26
CA ILE A 44 -1.74 0.60 0.61
C ILE A 44 -2.85 1.17 1.46
N VAL A 45 -3.90 1.66 0.83
CA VAL A 45 -5.00 2.27 1.55
C VAL A 45 -5.68 1.24 2.45
N PHE A 46 -5.75 0.00 1.99
CA PHE A 46 -6.35 -1.08 2.77
C PHE A 46 -5.52 -1.35 4.03
N GLU A 47 -4.25 -1.64 3.85
CA GLU A 47 -3.36 -1.94 4.96
C GLU A 47 -3.21 -0.74 5.88
N SER A 48 -3.33 0.44 5.31
CA SER A 48 -3.33 1.66 6.11
C SER A 48 -4.55 1.70 7.02
N LYS A 49 -5.72 1.38 6.49
CA LYS A 49 -6.95 1.39 7.27
C LYS A 49 -6.90 0.35 8.38
N VAL A 50 -6.39 -0.84 8.07
CA VAL A 50 -6.30 -1.90 9.05
C VAL A 50 -5.23 -1.57 10.10
N SER A 51 -4.32 -0.69 9.73
CA SER A 51 -3.30 -0.21 10.64
C SER A 51 -3.86 0.93 11.50
N GLY A 52 -4.96 1.52 11.05
CA GLY A 52 -5.59 2.60 11.78
C GLY A 52 -5.38 3.95 11.13
N LEU A 53 -4.66 3.97 10.01
CA LEU A 53 -4.35 5.21 9.33
C LEU A 53 -5.57 5.75 8.59
N GLN A 54 -5.63 7.06 8.46
CA GLN A 54 -6.74 7.72 7.78
C GLN A 54 -6.26 8.36 6.50
N ARG A 55 -4.94 8.44 6.34
CA ARG A 55 -4.34 9.01 5.15
C ARG A 55 -2.91 8.52 4.98
N ILE A 56 -2.43 8.53 3.75
CA ILE A 56 -1.05 8.18 3.46
C ILE A 56 -0.24 9.45 3.24
N ASP A 57 0.75 9.68 4.08
CA ASP A 57 1.60 10.86 3.95
C ASP A 57 2.83 10.55 3.12
N HIS A 58 3.43 9.39 3.34
CA HIS A 58 4.60 8.97 2.59
C HIS A 58 4.51 7.49 2.28
N VAL A 59 5.15 7.09 1.19
CA VAL A 59 5.20 5.69 0.82
C VAL A 59 6.65 5.28 0.51
N VAL A 60 7.11 4.22 1.15
CA VAL A 60 8.47 3.75 0.96
C VAL A 60 8.48 2.39 0.29
N PRO A 61 9.23 2.22 -0.80
CA PRO A 61 9.40 0.94 -1.45
C PRO A 61 10.40 0.07 -0.69
N ASN A 62 10.01 -1.15 -0.36
CA ASN A 62 10.89 -2.05 0.38
C ASN A 62 12.04 -2.51 -0.50
N LYS A 63 13.20 -2.68 0.11
CA LYS A 63 14.43 -3.03 -0.62
C LYS A 63 14.32 -4.42 -1.26
N SER A 64 13.35 -5.21 -0.82
CA SER A 64 13.13 -6.53 -1.39
C SER A 64 12.25 -6.44 -2.62
N GLY A 65 11.61 -5.28 -2.80
CA GLY A 65 10.70 -5.09 -3.91
C GLY A 65 9.45 -5.95 -3.80
N ASP A 66 9.14 -6.36 -2.58
CA ASP A 66 8.01 -7.23 -2.32
C ASP A 66 6.85 -6.43 -1.73
N GLY A 67 7.14 -5.26 -1.21
CA GLY A 67 6.11 -4.47 -0.59
C GLY A 67 6.47 -3.01 -0.46
N PHE A 68 5.57 -2.26 0.14
CA PHE A 68 5.76 -0.86 0.42
C PHE A 68 5.53 -0.58 1.90
N PHE A 69 5.84 0.63 2.33
CA PHE A 69 5.53 1.06 3.67
C PHE A 69 4.70 2.33 3.62
N ALA A 70 3.48 2.25 4.11
CA ALA A 70 2.60 3.40 4.15
C ALA A 70 2.65 4.04 5.53
N VAL A 71 2.99 5.31 5.58
CA VAL A 71 3.15 6.00 6.83
C VAL A 71 2.30 7.26 6.88
N GLN A 72 1.67 7.49 8.02
CA GLN A 72 0.92 8.69 8.26
C GLN A 72 1.73 9.61 9.16
N GLY A 73 1.92 10.84 8.71
CA GLY A 73 2.78 11.78 9.41
C GLY A 73 4.07 12.02 8.67
N GLU A 74 5.17 11.98 9.39
CA GLU A 74 6.49 12.22 8.80
C GLU A 74 7.45 11.12 9.21
N LEU A 75 8.33 10.75 8.29
CA LEU A 75 9.32 9.69 8.53
C LEU A 75 10.40 10.17 9.48
N THR A 76 10.34 11.44 9.84
CA THR A 76 11.31 12.03 10.74
C THR A 76 10.83 11.95 12.18
N ASP A 77 9.62 11.44 12.36
CA ASP A 77 9.01 11.38 13.68
C ASP A 77 8.72 9.94 14.06
N PRO A 78 9.46 9.39 15.04
CA PRO A 78 9.32 7.99 15.47
C PRO A 78 7.91 7.63 15.93
N ALA A 79 7.12 8.66 16.26
CA ALA A 79 5.74 8.45 16.67
C ALA A 79 4.83 8.15 15.48
N MET A 80 5.39 8.23 14.29
CA MET A 80 4.65 7.93 13.06
C MET A 80 4.16 6.49 13.06
N GLN A 81 3.02 6.26 12.44
CA GLN A 81 2.52 4.92 12.25
C GLN A 81 2.75 4.49 10.81
N ARG A 82 3.44 3.37 10.62
CA ARG A 82 3.81 2.91 9.30
C ARG A 82 3.52 1.43 9.17
N VAL A 83 2.79 1.07 8.12
CA VAL A 83 2.38 -0.32 7.92
C VAL A 83 3.00 -0.87 6.64
N PHE A 84 3.38 -2.15 6.66
CA PHE A 84 3.92 -2.80 5.49
C PHE A 84 2.79 -3.18 4.55
N VAL A 85 2.94 -2.83 3.29
CA VAL A 85 1.92 -3.08 2.30
C VAL A 85 2.41 -4.07 1.25
N ASP A 86 1.59 -5.08 0.99
CA ASP A 86 1.86 -6.02 -0.09
C ASP A 86 1.89 -5.26 -1.42
N ARG A 87 2.97 -5.46 -2.17
CA ARG A 87 3.22 -4.72 -3.41
C ARG A 87 2.07 -4.85 -4.40
N ASN A 88 1.38 -5.98 -4.37
CA ASN A 88 0.22 -6.19 -5.23
C ASN A 88 -0.87 -6.89 -4.45
N GLN A 89 -0.48 -7.91 -3.70
CA GLN A 89 -1.39 -8.68 -2.87
C GLN A 89 -0.61 -9.73 -2.10
N ALA A 90 -1.23 -10.29 -1.07
CA ALA A 90 -0.56 -11.25 -0.20
C ALA A 90 -0.58 -12.66 -0.81
N GLN A 91 -0.45 -12.70 -2.13
CA GLN A 91 -0.39 -13.94 -2.86
C GLN A 91 0.28 -13.69 -4.21
N ASN A 92 1.30 -12.86 -4.18
CA ASN A 92 2.05 -12.50 -5.39
C ASN A 92 3.53 -12.73 -5.15
N GLN A 93 4.01 -12.16 -4.05
CA GLN A 93 5.38 -12.35 -3.59
C GLN A 93 5.45 -12.10 -2.10
N PRO A 94 4.92 -10.96 -1.61
CA PRO A 94 4.67 -10.76 -0.18
C PRO A 94 3.60 -11.75 0.31
N LEU A 95 3.80 -12.31 1.49
CA LEU A 95 2.92 -13.36 1.97
C LEU A 95 2.44 -13.05 3.39
N GLU A 96 1.79 -11.89 3.55
CA GLU A 96 1.22 -11.48 4.83
C GLU A 96 2.29 -11.19 5.88
N ASN A 97 2.49 -9.91 6.17
CA ASN A 97 3.38 -9.51 7.26
C ASN A 97 2.81 -9.99 8.58
N SER A 98 1.50 -10.06 8.66
CA SER A 98 0.81 -10.51 9.84
C SER A 98 -0.13 -11.66 9.50
N SER A 99 0.02 -12.78 10.17
CA SER A 99 -0.82 -13.94 9.91
C SER A 99 -1.36 -14.50 11.21
N ARG A 100 -2.64 -14.89 11.18
CA ARG A 100 -3.31 -15.45 12.35
C ARG A 100 -3.26 -14.48 13.54
N GLN A 101 -3.57 -13.22 13.25
CA GLN A 101 -3.68 -12.20 14.27
C GLN A 101 -4.63 -11.10 13.80
N ALA A 102 -5.65 -11.54 13.06
CA ALA A 102 -6.63 -10.65 12.46
C ALA A 102 -5.97 -9.68 11.48
N ALA A 103 -5.81 -8.42 11.89
CA ALA A 103 -5.22 -7.36 11.05
C ALA A 103 -6.12 -7.01 9.87
N GLU A 104 -6.38 -7.99 9.01
CA GLU A 104 -7.19 -7.79 7.82
C GLU A 104 -8.58 -7.29 8.16
N GLU A 105 -9.21 -7.95 9.13
CA GLU A 105 -10.56 -7.58 9.54
C GLU A 105 -10.55 -7.00 10.94
N GLY A 1 -16.14 0.24 -8.35
CA GLY A 1 -15.56 0.09 -6.99
C GLY A 1 -16.58 0.39 -5.91
N SER A 2 -16.80 -0.58 -5.02
CA SER A 2 -17.80 -0.49 -3.97
C SER A 2 -17.64 0.80 -3.14
N HIS A 3 -16.48 0.97 -2.51
CA HIS A 3 -16.27 2.13 -1.64
C HIS A 3 -15.83 3.35 -2.44
N MET A 4 -15.76 3.20 -3.76
CA MET A 4 -15.40 4.31 -4.63
C MET A 4 -16.61 5.19 -4.89
N SER A 5 -17.80 4.65 -4.61
CA SER A 5 -19.04 5.39 -4.81
C SER A 5 -19.27 6.38 -3.68
N ASP A 6 -18.57 6.18 -2.58
CA ASP A 6 -18.71 7.01 -1.41
C ASP A 6 -17.51 7.95 -1.28
N PRO A 7 -17.71 9.25 -1.54
CA PRO A 7 -16.63 10.23 -1.46
C PRO A 7 -16.27 10.57 -0.01
N ARG A 8 -17.12 10.17 0.91
CA ARG A 8 -16.90 10.43 2.33
C ARG A 8 -16.31 9.20 3.01
N HIS A 9 -16.00 8.19 2.23
CA HIS A 9 -15.43 6.96 2.76
C HIS A 9 -13.91 7.07 2.77
N PRO A 10 -13.30 6.76 3.93
CA PRO A 10 -11.89 7.03 4.21
C PRO A 10 -10.94 6.34 3.24
N ASP A 11 -11.27 5.11 2.87
CA ASP A 11 -10.44 4.32 1.98
C ASP A 11 -10.41 4.91 0.58
N ASN A 12 -11.48 5.56 0.18
CA ASN A 12 -11.52 6.23 -1.13
C ASN A 12 -10.46 7.34 -1.15
N ALA A 13 -10.50 8.17 -0.12
CA ALA A 13 -9.54 9.25 0.02
C ALA A 13 -8.12 8.71 0.18
N MET A 14 -7.99 7.69 1.01
CA MET A 14 -6.68 7.06 1.25
C MET A 14 -6.12 6.46 -0.03
N TYR A 15 -6.97 5.82 -0.81
CA TYR A 15 -6.56 5.23 -2.07
C TYR A 15 -6.05 6.31 -3.02
N ASN A 16 -6.76 7.43 -3.06
CA ASN A 16 -6.37 8.54 -3.91
C ASN A 16 -5.09 9.18 -3.41
N GLY A 17 -4.84 9.05 -2.12
CA GLY A 17 -3.57 9.49 -1.57
C GLY A 17 -2.47 8.50 -1.90
N ALA A 18 -2.80 7.22 -1.79
CA ALA A 18 -1.86 6.15 -2.08
C ALA A 18 -1.39 6.21 -3.53
N VAL A 19 -2.32 6.31 -4.46
CA VAL A 19 -1.98 6.38 -5.87
C VAL A 19 -1.11 7.60 -6.16
N SER A 20 -1.48 8.73 -5.58
CA SER A 20 -0.76 9.97 -5.81
C SER A 20 0.66 9.88 -5.28
N LYS A 21 0.82 9.23 -4.12
CA LYS A 21 2.13 9.05 -3.52
C LYS A 21 2.97 8.08 -4.33
N LEU A 22 2.33 7.09 -4.93
CA LEU A 22 3.04 6.15 -5.78
C LEU A 22 3.40 6.77 -7.12
N GLU A 23 2.52 7.64 -7.63
CA GLU A 23 2.84 8.42 -8.82
C GLU A 23 4.01 9.33 -8.53
N ALA A 24 4.07 9.81 -7.29
CA ALA A 24 5.17 10.63 -6.82
C ALA A 24 6.40 9.79 -6.54
N LEU A 25 6.17 8.51 -6.26
CA LEU A 25 7.24 7.58 -5.97
C LEU A 25 7.93 7.17 -7.27
N GLY A 26 7.14 6.95 -8.30
CA GLY A 26 7.68 6.70 -9.61
C GLY A 26 8.09 5.26 -9.83
N GLU A 27 9.20 5.07 -10.53
CA GLU A 27 9.67 3.75 -10.91
C GLU A 27 10.20 2.98 -9.69
N ARG A 28 10.36 3.69 -8.57
CA ARG A 28 10.85 3.07 -7.34
C ARG A 28 9.87 2.00 -6.84
N GLY A 29 8.61 2.14 -7.25
CA GLY A 29 7.60 1.18 -6.84
C GLY A 29 7.46 0.03 -7.83
N GLY A 30 8.24 0.08 -8.91
CA GLY A 30 8.18 -0.97 -9.91
C GLY A 30 6.84 -0.99 -10.65
N PHE A 31 6.48 0.13 -11.26
CA PHE A 31 5.22 0.22 -11.97
C PHE A 31 5.44 0.29 -13.48
N ALA A 32 5.06 -0.78 -14.17
CA ALA A 32 5.16 -0.82 -15.60
C ALA A 32 4.07 0.01 -16.26
N ASN A 33 2.90 0.03 -15.63
CA ASN A 33 1.75 0.74 -16.17
C ASN A 33 0.91 1.35 -15.05
N ARG A 34 -0.19 2.01 -15.42
CA ARG A 34 -1.04 2.68 -14.44
C ARG A 34 -1.78 1.68 -13.56
N LYS A 35 -2.11 0.53 -14.10
CA LYS A 35 -2.84 -0.47 -13.35
C LYS A 35 -1.96 -1.06 -12.26
N GLU A 36 -0.67 -1.16 -12.57
CA GLU A 36 0.33 -1.57 -11.58
C GLU A 36 0.30 -0.60 -10.40
N LEU A 37 0.22 0.68 -10.73
CA LEU A 37 0.09 1.75 -9.75
C LEU A 37 -1.17 1.50 -8.90
N GLU A 38 -2.28 1.29 -9.59
CA GLU A 38 -3.57 1.05 -8.95
C GLU A 38 -3.51 -0.15 -8.01
N GLN A 39 -2.84 -1.21 -8.45
CA GLN A 39 -2.74 -2.43 -7.66
C GLN A 39 -2.01 -2.19 -6.35
N ALA A 40 -0.84 -1.57 -6.44
CA ALA A 40 -0.03 -1.33 -5.25
C ALA A 40 -0.74 -0.37 -4.29
N ALA A 41 -1.36 0.66 -4.85
CA ALA A 41 -2.12 1.61 -4.05
C ALA A 41 -3.31 0.94 -3.41
N GLY A 42 -3.92 0.02 -4.14
CA GLY A 42 -5.03 -0.74 -3.62
C GLY A 42 -4.63 -1.61 -2.47
N GLN A 43 -3.39 -2.10 -2.52
CA GLN A 43 -2.81 -2.86 -1.43
C GLN A 43 -2.51 -1.93 -0.27
N ILE A 44 -1.93 -0.78 -0.59
CA ILE A 44 -1.56 0.21 0.41
C ILE A 44 -2.75 0.60 1.26
N VAL A 45 -3.79 1.10 0.61
CA VAL A 45 -4.98 1.54 1.33
C VAL A 45 -5.62 0.38 2.08
N PHE A 46 -5.55 -0.81 1.50
CA PHE A 46 -6.13 -2.01 2.08
C PHE A 46 -5.44 -2.35 3.41
N GLU A 47 -4.11 -2.30 3.42
CA GLU A 47 -3.34 -2.58 4.62
C GLU A 47 -3.38 -1.39 5.57
N SER A 48 -3.42 -0.20 5.02
CA SER A 48 -3.47 1.01 5.82
C SER A 48 -4.77 1.11 6.61
N LYS A 49 -5.86 0.67 5.99
CA LYS A 49 -7.18 0.70 6.63
C LYS A 49 -7.21 -0.11 7.92
N VAL A 50 -6.61 -1.29 7.89
CA VAL A 50 -6.66 -2.19 9.04
C VAL A 50 -5.70 -1.74 10.13
N SER A 51 -4.70 -0.97 9.74
CA SER A 51 -3.69 -0.49 10.67
C SER A 51 -4.15 0.78 11.39
N GLY A 52 -5.10 1.48 10.79
CA GLY A 52 -5.64 2.68 11.41
C GLY A 52 -5.17 3.96 10.73
N LEU A 53 -4.65 3.83 9.53
CA LEU A 53 -4.23 4.98 8.74
C LEU A 53 -5.46 5.74 8.24
N GLN A 54 -5.32 7.04 8.06
CA GLN A 54 -6.41 7.85 7.54
C GLN A 54 -5.97 8.60 6.29
N ARG A 55 -4.67 8.61 6.06
CA ARG A 55 -4.09 9.24 4.87
C ARG A 55 -2.62 8.85 4.74
N ILE A 56 -2.19 8.56 3.53
CA ILE A 56 -0.80 8.24 3.26
C ILE A 56 -0.04 9.51 2.88
N ASP A 57 0.94 9.87 3.68
CA ASP A 57 1.75 11.06 3.41
C ASP A 57 3.01 10.70 2.64
N HIS A 58 3.65 9.63 3.04
CA HIS A 58 4.84 9.15 2.33
C HIS A 58 4.75 7.64 2.14
N VAL A 59 5.35 7.17 1.07
CA VAL A 59 5.36 5.74 0.78
C VAL A 59 6.77 5.29 0.42
N VAL A 60 7.27 4.31 1.15
CA VAL A 60 8.61 3.80 0.92
C VAL A 60 8.55 2.36 0.42
N PRO A 61 9.05 2.10 -0.80
CA PRO A 61 9.10 0.76 -1.35
C PRO A 61 10.24 -0.05 -0.76
N ASN A 62 9.92 -1.23 -0.22
CA ASN A 62 10.94 -2.10 0.34
C ASN A 62 11.83 -2.57 -0.81
N LYS A 63 13.13 -2.64 -0.57
CA LYS A 63 14.10 -2.87 -1.65
C LYS A 63 14.12 -4.34 -2.10
N SER A 64 13.12 -5.10 -1.68
CA SER A 64 12.97 -6.48 -2.14
C SER A 64 11.77 -6.58 -3.09
N GLY A 65 11.00 -5.50 -3.18
CA GLY A 65 9.82 -5.50 -4.03
C GLY A 65 8.70 -6.34 -3.45
N ASP A 66 8.74 -6.54 -2.15
CA ASP A 66 7.79 -7.38 -1.46
C ASP A 66 6.75 -6.56 -0.71
N GLY A 67 6.99 -5.27 -0.57
CA GLY A 67 6.04 -4.44 0.14
C GLY A 67 6.39 -2.97 0.12
N PHE A 68 5.50 -2.17 0.69
CA PHE A 68 5.68 -0.74 0.80
C PHE A 68 5.47 -0.30 2.23
N PHE A 69 5.91 0.89 2.57
CA PHE A 69 5.64 1.47 3.87
C PHE A 69 4.83 2.75 3.70
N ALA A 70 3.60 2.71 4.17
CA ALA A 70 2.74 3.88 4.12
C ALA A 70 2.74 4.59 5.46
N VAL A 71 3.17 5.83 5.48
CA VAL A 71 3.28 6.58 6.71
C VAL A 71 2.41 7.84 6.69
N GLN A 72 1.73 8.06 7.79
CA GLN A 72 0.94 9.25 7.99
C GLN A 72 1.76 10.26 8.77
N GLY A 73 2.15 11.33 8.09
CA GLY A 73 3.11 12.25 8.65
C GLY A 73 4.48 12.07 8.02
N GLU A 74 5.50 11.97 8.85
CA GLU A 74 6.86 11.79 8.36
C GLU A 74 7.58 10.72 9.20
N LEU A 75 8.52 10.04 8.55
CA LEU A 75 9.20 8.87 9.13
C LEU A 75 9.98 9.22 10.38
N THR A 76 10.39 10.47 10.50
CA THR A 76 11.17 10.92 11.63
C THR A 76 10.31 11.69 12.65
N ASP A 77 9.00 11.62 12.46
CA ASP A 77 8.07 12.28 13.36
C ASP A 77 7.68 11.32 14.49
N PRO A 78 7.71 11.79 15.74
CA PRO A 78 7.43 10.94 16.91
C PRO A 78 5.99 10.45 16.99
N ALA A 79 5.10 11.09 16.25
CA ALA A 79 3.68 10.76 16.32
C ALA A 79 3.18 10.20 15.00
N MET A 80 4.09 9.78 14.14
CA MET A 80 3.73 9.25 12.83
C MET A 80 3.16 7.84 12.97
N GLN A 81 2.36 7.44 11.99
CA GLN A 81 1.83 6.10 11.93
C GLN A 81 2.24 5.45 10.62
N ARG A 82 2.89 4.30 10.70
CA ARG A 82 3.40 3.65 9.50
C ARG A 82 2.96 2.20 9.44
N VAL A 83 2.52 1.78 8.26
CA VAL A 83 2.06 0.42 8.06
C VAL A 83 2.86 -0.25 6.95
N PHE A 84 3.29 -1.48 7.18
CA PHE A 84 3.91 -2.26 6.13
C PHE A 84 2.83 -2.83 5.22
N VAL A 85 2.93 -2.50 3.96
CA VAL A 85 1.97 -2.96 2.98
C VAL A 85 2.54 -4.13 2.19
N ASP A 86 2.01 -5.32 2.46
CA ASP A 86 2.38 -6.50 1.69
C ASP A 86 1.96 -6.29 0.24
N ARG A 87 2.90 -6.56 -0.66
CA ARG A 87 2.71 -6.34 -2.09
C ARG A 87 1.48 -7.08 -2.62
N ASN A 88 1.12 -8.17 -1.98
CA ASN A 88 -0.04 -8.95 -2.37
C ASN A 88 -0.92 -9.23 -1.16
N GLN A 89 -2.23 -9.19 -1.37
CA GLN A 89 -3.18 -9.42 -0.28
C GLN A 89 -3.29 -10.91 0.04
N ALA A 90 -2.26 -11.43 0.67
CA ALA A 90 -2.22 -12.83 1.03
C ALA A 90 -2.39 -13.02 2.53
N GLN A 91 -2.55 -14.26 2.97
CA GLN A 91 -2.67 -14.55 4.39
C GLN A 91 -1.32 -14.35 5.06
N ASN A 92 -0.30 -15.00 4.50
CA ASN A 92 1.06 -14.88 5.00
C ASN A 92 2.04 -14.78 3.84
N GLN A 93 2.88 -13.74 3.88
CA GLN A 93 3.88 -13.48 2.85
C GLN A 93 3.25 -13.03 1.53
N PRO A 94 3.65 -11.84 1.05
CA PRO A 94 3.15 -11.29 -0.21
C PRO A 94 3.64 -12.07 -1.42
N LEU A 95 4.81 -12.67 -1.28
CA LEU A 95 5.36 -13.51 -2.32
C LEU A 95 5.23 -14.97 -1.90
N GLU A 96 5.09 -15.87 -2.88
CA GLU A 96 4.88 -17.27 -2.60
C GLU A 96 3.56 -17.47 -1.84
N ASN A 97 2.51 -16.85 -2.36
CA ASN A 97 1.19 -16.89 -1.72
C ASN A 97 0.67 -18.32 -1.66
N SER A 98 0.48 -18.93 -2.83
CA SER A 98 -0.03 -20.29 -2.92
C SER A 98 1.03 -21.19 -3.52
N SER A 99 2.19 -21.23 -2.88
CA SER A 99 3.33 -21.96 -3.40
C SER A 99 3.55 -23.25 -2.61
N ARG A 100 2.59 -23.59 -1.77
CA ARG A 100 2.70 -24.78 -0.93
C ARG A 100 1.97 -25.95 -1.59
N GLN A 101 0.64 -25.86 -1.64
CA GLN A 101 -0.19 -26.89 -2.26
C GLN A 101 0.06 -28.26 -1.64
N ALA A 102 0.23 -28.27 -0.32
CA ALA A 102 0.55 -29.50 0.39
C ALA A 102 -0.69 -30.14 0.98
N ALA A 103 -1.78 -29.39 1.02
CA ALA A 103 -3.04 -29.91 1.55
C ALA A 103 -3.81 -30.66 0.47
N GLU A 104 -3.21 -30.76 -0.71
CA GLU A 104 -3.82 -31.48 -1.81
C GLU A 104 -3.69 -32.99 -1.59
N GLU A 105 -2.86 -33.37 -0.63
CA GLU A 105 -2.66 -34.76 -0.28
C GLU A 105 -3.54 -35.14 0.91
N GLY A 1 -15.14 -7.92 3.49
CA GLY A 1 -14.47 -6.61 3.77
C GLY A 1 -14.29 -5.81 2.50
N SER A 2 -14.25 -4.49 2.65
CA SER A 2 -14.16 -3.61 1.50
C SER A 2 -12.73 -3.54 0.98
N HIS A 3 -12.51 -4.12 -0.19
CA HIS A 3 -11.20 -4.09 -0.83
C HIS A 3 -11.16 -3.00 -1.89
N MET A 4 -10.14 -3.00 -2.73
CA MET A 4 -10.06 -2.02 -3.81
C MET A 4 -11.17 -2.28 -4.83
N SER A 5 -11.60 -3.53 -4.91
CA SER A 5 -12.70 -3.93 -5.79
C SER A 5 -14.05 -3.51 -5.20
N ASP A 6 -14.00 -2.74 -4.11
CA ASP A 6 -15.21 -2.25 -3.46
C ASP A 6 -15.34 -0.75 -3.66
N PRO A 7 -16.26 -0.33 -4.54
CA PRO A 7 -16.56 1.09 -4.76
C PRO A 7 -17.23 1.73 -3.54
N ARG A 8 -17.49 0.91 -2.53
CA ARG A 8 -18.10 1.38 -1.30
C ARG A 8 -17.06 1.92 -0.33
N HIS A 9 -15.85 2.16 -0.83
CA HIS A 9 -14.79 2.77 -0.02
C HIS A 9 -15.06 4.25 0.19
N PRO A 10 -15.34 4.66 1.43
CA PRO A 10 -15.58 6.06 1.77
C PRO A 10 -14.26 6.83 1.83
N ASP A 11 -13.17 6.08 1.72
CA ASP A 11 -11.83 6.62 1.73
C ASP A 11 -11.23 6.62 0.33
N ASN A 12 -12.08 6.81 -0.67
CA ASN A 12 -11.63 6.80 -2.06
C ASN A 12 -10.61 7.92 -2.30
N ALA A 13 -10.77 9.03 -1.58
CA ALA A 13 -9.82 10.13 -1.67
C ALA A 13 -8.50 9.75 -1.01
N MET A 14 -8.58 8.91 0.01
CA MET A 14 -7.39 8.40 0.68
C MET A 14 -6.65 7.46 -0.26
N TYR A 15 -7.41 6.70 -1.02
CA TYR A 15 -6.88 5.86 -2.07
C TYR A 15 -6.11 6.70 -3.09
N ASN A 16 -6.67 7.84 -3.45
CA ASN A 16 -6.02 8.79 -4.36
C ASN A 16 -4.71 9.28 -3.75
N GLY A 17 -4.70 9.40 -2.43
CA GLY A 17 -3.49 9.79 -1.72
C GLY A 17 -2.41 8.74 -1.86
N ALA A 18 -2.79 7.49 -1.69
CA ALA A 18 -1.87 6.37 -1.89
C ALA A 18 -1.35 6.36 -3.32
N VAL A 19 -2.25 6.62 -4.26
CA VAL A 19 -1.90 6.70 -5.67
C VAL A 19 -0.88 7.83 -5.90
N SER A 20 -1.20 8.99 -5.38
CA SER A 20 -0.35 10.17 -5.55
C SER A 20 1.04 9.93 -4.98
N LYS A 21 1.10 9.26 -3.85
CA LYS A 21 2.38 8.97 -3.21
C LYS A 21 3.18 7.97 -4.02
N LEU A 22 2.50 7.07 -4.72
CA LEU A 22 3.17 6.13 -5.60
C LEU A 22 3.62 6.81 -6.88
N GLU A 23 2.83 7.76 -7.35
CA GLU A 23 3.21 8.57 -8.50
C GLU A 23 4.44 9.39 -8.17
N ALA A 24 4.48 9.87 -6.94
CA ALA A 24 5.62 10.60 -6.41
C ALA A 24 6.80 9.67 -6.19
N LEU A 25 6.49 8.41 -5.90
CA LEU A 25 7.50 7.40 -5.64
C LEU A 25 8.16 6.95 -6.95
N GLY A 26 7.34 6.69 -7.95
CA GLY A 26 7.85 6.28 -9.25
C GLY A 26 7.59 4.82 -9.52
N GLU A 27 8.14 4.32 -10.61
CA GLU A 27 7.95 2.92 -11.00
C GLU A 27 8.77 1.99 -10.11
N ARG A 28 9.64 2.57 -9.30
CA ARG A 28 10.49 1.83 -8.36
C ARG A 28 9.66 0.86 -7.51
N GLY A 29 8.40 1.20 -7.26
CA GLY A 29 7.54 0.36 -6.47
C GLY A 29 7.18 -0.95 -7.17
N GLY A 30 7.55 -1.07 -8.43
CA GLY A 30 7.24 -2.25 -9.20
C GLY A 30 6.05 -2.03 -10.11
N PHE A 31 6.09 -0.94 -10.86
CA PHE A 31 4.96 -0.57 -11.72
C PHE A 31 5.39 -0.53 -13.18
N ALA A 32 4.85 -1.44 -13.97
CA ALA A 32 5.05 -1.42 -15.41
C ALA A 32 4.32 -0.25 -16.03
N ASN A 33 3.22 0.13 -15.41
CA ASN A 33 2.41 1.27 -15.86
C ASN A 33 1.48 1.72 -14.74
N ARG A 34 0.60 2.67 -15.03
CA ARG A 34 -0.28 3.25 -14.02
C ARG A 34 -1.16 2.19 -13.33
N LYS A 35 -1.57 1.17 -14.09
CA LYS A 35 -2.46 0.14 -13.58
C LYS A 35 -1.84 -0.56 -12.38
N GLU A 36 -0.57 -0.89 -12.51
CA GLU A 36 0.18 -1.54 -11.45
C GLU A 36 0.24 -0.66 -10.21
N LEU A 37 0.40 0.63 -10.46
CA LEU A 37 0.45 1.63 -9.41
C LEU A 37 -0.89 1.71 -8.69
N GLU A 38 -1.96 1.80 -9.48
CA GLU A 38 -3.31 1.88 -8.94
C GLU A 38 -3.62 0.64 -8.10
N GLN A 39 -3.21 -0.51 -8.58
CA GLN A 39 -3.44 -1.77 -7.89
C GLN A 39 -2.68 -1.82 -6.56
N ALA A 40 -1.48 -1.26 -6.56
CA ALA A 40 -0.67 -1.23 -5.35
C ALA A 40 -1.24 -0.25 -4.35
N ALA A 41 -1.69 0.90 -4.84
CA ALA A 41 -2.32 1.91 -3.99
C ALA A 41 -3.57 1.35 -3.35
N GLY A 42 -4.27 0.49 -4.08
CA GLY A 42 -5.46 -0.15 -3.56
C GLY A 42 -5.14 -1.14 -2.46
N GLN A 43 -3.91 -1.62 -2.45
CA GLN A 43 -3.42 -2.46 -1.38
C GLN A 43 -2.97 -1.59 -0.22
N ILE A 44 -2.31 -0.49 -0.57
CA ILE A 44 -1.79 0.44 0.41
C ILE A 44 -2.90 1.00 1.28
N VAL A 45 -3.88 1.63 0.66
CA VAL A 45 -4.97 2.25 1.40
C VAL A 45 -5.76 1.19 2.17
N PHE A 46 -5.79 -0.03 1.63
CA PHE A 46 -6.47 -1.14 2.27
C PHE A 46 -5.81 -1.49 3.60
N GLU A 47 -4.49 -1.67 3.57
CA GLU A 47 -3.75 -1.96 4.79
C GLU A 47 -3.71 -0.74 5.71
N SER A 48 -3.76 0.44 5.11
CA SER A 48 -3.83 1.67 5.87
C SER A 48 -5.13 1.70 6.68
N LYS A 49 -6.23 1.27 6.06
CA LYS A 49 -7.53 1.23 6.72
C LYS A 49 -7.51 0.29 7.92
N VAL A 50 -6.91 -0.88 7.75
CA VAL A 50 -6.92 -1.89 8.81
C VAL A 50 -6.00 -1.47 9.96
N SER A 51 -5.06 -0.59 9.67
CA SER A 51 -4.17 -0.07 10.69
C SER A 51 -4.82 1.12 11.40
N GLY A 52 -5.77 1.75 10.74
CA GLY A 52 -6.46 2.89 11.33
C GLY A 52 -5.94 4.21 10.82
N LEU A 53 -5.25 4.18 9.67
CA LEU A 53 -4.74 5.40 9.07
C LEU A 53 -5.85 6.19 8.40
N GLN A 54 -5.66 7.49 8.33
CA GLN A 54 -6.62 8.38 7.69
C GLN A 54 -5.98 9.05 6.47
N ARG A 55 -4.67 8.88 6.33
CA ARG A 55 -3.94 9.50 5.24
C ARG A 55 -2.63 8.75 4.99
N ILE A 56 -2.20 8.68 3.75
CA ILE A 56 -0.88 8.18 3.41
C ILE A 56 0.03 9.35 3.07
N ASP A 57 1.00 9.63 3.91
CA ASP A 57 1.90 10.76 3.69
C ASP A 57 3.15 10.33 2.93
N HIS A 58 3.63 9.12 3.19
CA HIS A 58 4.80 8.60 2.49
C HIS A 58 4.63 7.11 2.22
N VAL A 59 5.11 6.68 1.07
CA VAL A 59 5.13 5.27 0.73
C VAL A 59 6.56 4.82 0.44
N VAL A 60 7.07 3.91 1.25
CA VAL A 60 8.41 3.40 1.06
C VAL A 60 8.35 1.97 0.54
N PRO A 61 8.87 1.72 -0.66
CA PRO A 61 8.88 0.38 -1.26
C PRO A 61 9.96 -0.50 -0.66
N ASN A 62 9.62 -1.75 -0.38
CA ASN A 62 10.60 -2.68 0.17
C ASN A 62 11.60 -3.08 -0.91
N LYS A 63 12.68 -3.72 -0.51
CA LYS A 63 13.80 -4.01 -1.40
C LYS A 63 13.37 -4.72 -2.68
N SER A 64 12.56 -5.76 -2.53
CA SER A 64 12.17 -6.57 -3.68
C SER A 64 10.79 -6.16 -4.21
N GLY A 65 10.31 -5.00 -3.77
CA GLY A 65 8.99 -4.53 -4.18
C GLY A 65 7.87 -5.41 -3.68
N ASP A 66 8.20 -6.24 -2.69
CA ASP A 66 7.28 -7.23 -2.14
C ASP A 66 6.34 -6.61 -1.12
N GLY A 67 6.52 -5.34 -0.86
CA GLY A 67 5.67 -4.66 0.07
C GLY A 67 5.92 -3.17 0.07
N PHE A 68 4.95 -2.42 0.54
CA PHE A 68 5.07 -0.99 0.64
C PHE A 68 4.88 -0.57 2.09
N PHE A 69 5.57 0.46 2.50
CA PHE A 69 5.36 1.01 3.82
C PHE A 69 4.57 2.30 3.72
N ALA A 70 3.37 2.28 4.28
CA ALA A 70 2.53 3.46 4.26
C ALA A 70 2.72 4.22 5.55
N VAL A 71 3.26 5.42 5.44
CA VAL A 71 3.58 6.21 6.60
C VAL A 71 2.69 7.43 6.69
N GLN A 72 1.99 7.56 7.80
CA GLN A 72 1.19 8.74 8.06
C GLN A 72 1.98 9.68 8.95
N GLY A 73 2.05 10.94 8.56
CA GLY A 73 2.84 11.90 9.29
C GLY A 73 4.11 12.26 8.56
N GLU A 74 5.23 12.21 9.25
CA GLU A 74 6.52 12.58 8.68
C GLU A 74 7.56 11.52 8.99
N LEU A 75 8.45 11.27 8.04
CA LEU A 75 9.48 10.23 8.19
C LEU A 75 10.52 10.65 9.21
N THR A 76 10.72 11.94 9.34
CA THR A 76 11.69 12.48 10.29
C THR A 76 11.02 12.70 11.65
N ASP A 77 9.77 12.32 11.75
CA ASP A 77 9.00 12.48 12.97
C ASP A 77 8.72 11.12 13.60
N PRO A 78 9.16 10.92 14.85
CA PRO A 78 9.08 9.61 15.53
C PRO A 78 7.66 9.14 15.78
N ALA A 79 6.69 10.04 15.64
CA ALA A 79 5.29 9.70 15.87
C ALA A 79 4.62 9.25 14.58
N MET A 80 5.43 8.91 13.58
CA MET A 80 4.91 8.43 12.32
C MET A 80 4.38 7.01 12.46
N GLN A 81 3.27 6.74 11.80
CA GLN A 81 2.71 5.40 11.79
C GLN A 81 3.09 4.72 10.48
N ARG A 82 3.72 3.56 10.57
CA ARG A 82 4.15 2.85 9.38
C ARG A 82 3.44 1.52 9.27
N VAL A 83 2.79 1.31 8.13
CA VAL A 83 2.05 0.09 7.87
C VAL A 83 2.68 -0.69 6.74
N PHE A 84 2.94 -1.97 6.96
CA PHE A 84 3.46 -2.81 5.90
C PHE A 84 2.32 -3.28 5.02
N VAL A 85 2.37 -2.86 3.77
CA VAL A 85 1.33 -3.20 2.81
C VAL A 85 1.66 -4.50 2.10
N ASP A 86 0.74 -5.46 2.21
CA ASP A 86 0.87 -6.72 1.52
C ASP A 86 0.74 -6.50 0.02
N ARG A 87 1.69 -7.04 -0.72
CA ARG A 87 1.74 -6.85 -2.17
C ARG A 87 0.66 -7.64 -2.89
N ASN A 88 0.03 -8.59 -2.20
CA ASN A 88 -0.97 -9.44 -2.86
C ASN A 88 -2.10 -9.87 -1.92
N GLN A 89 -2.23 -9.12 -0.82
CA GLN A 89 -3.22 -9.39 0.25
C GLN A 89 -3.40 -10.89 0.53
N ALA A 90 -2.32 -11.56 0.89
CA ALA A 90 -2.36 -13.01 1.05
C ALA A 90 -1.38 -13.51 2.11
N GLN A 91 -0.28 -12.81 2.30
CA GLN A 91 0.80 -13.30 3.15
C GLN A 91 1.46 -12.18 3.93
N ASN A 92 1.80 -12.47 5.19
CA ASN A 92 2.52 -11.52 6.04
C ASN A 92 3.86 -11.19 5.41
N GLN A 93 4.38 -12.13 4.65
CA GLN A 93 5.58 -11.92 3.86
C GLN A 93 5.26 -12.25 2.39
N PRO A 94 4.86 -11.24 1.61
CA PRO A 94 4.37 -11.41 0.23
C PRO A 94 5.47 -11.79 -0.76
N LEU A 95 5.97 -13.01 -0.63
CA LEU A 95 6.97 -13.57 -1.55
C LEU A 95 8.25 -12.74 -1.57
N GLU A 96 9.14 -13.05 -2.52
CA GLU A 96 10.41 -12.37 -2.69
C GLU A 96 11.31 -12.50 -1.46
N ASN A 97 11.03 -13.51 -0.64
CA ASN A 97 11.81 -13.72 0.58
C ASN A 97 12.43 -15.11 0.57
N SER A 98 12.53 -15.70 -0.61
CA SER A 98 13.16 -17.00 -0.76
C SER A 98 14.68 -16.84 -0.88
N SER A 99 15.21 -15.99 -0.01
CA SER A 99 16.63 -15.69 0.00
C SER A 99 16.96 -14.84 1.22
N ARG A 100 17.75 -15.39 2.13
CA ARG A 100 18.19 -14.65 3.31
C ARG A 100 19.35 -13.75 2.94
N GLN A 101 20.25 -14.29 2.11
CA GLN A 101 21.40 -13.55 1.61
C GLN A 101 21.46 -13.66 0.10
N ALA A 102 21.77 -14.85 -0.39
CA ALA A 102 21.88 -15.07 -1.83
C ALA A 102 21.46 -16.50 -2.19
N ALA A 103 20.28 -16.90 -1.73
CA ALA A 103 19.73 -18.19 -2.09
C ALA A 103 18.95 -18.06 -3.39
N GLU A 104 18.26 -16.93 -3.53
CA GLU A 104 17.60 -16.53 -4.76
C GLU A 104 16.74 -17.64 -5.35
N GLU A 105 15.73 -18.08 -4.58
CA GLU A 105 14.80 -19.12 -4.99
C GLU A 105 15.52 -20.42 -5.35
N GLY A 1 -13.18 12.38 -12.24
CA GLY A 1 -14.20 11.58 -12.96
C GLY A 1 -15.15 10.89 -12.01
N SER A 2 -15.83 9.85 -12.51
CA SER A 2 -16.84 9.15 -11.75
C SER A 2 -16.26 8.48 -10.50
N HIS A 3 -15.02 8.03 -10.60
CA HIS A 3 -14.36 7.32 -9.50
C HIS A 3 -14.02 8.29 -8.36
N MET A 4 -13.61 9.50 -8.71
CA MET A 4 -13.27 10.50 -7.71
C MET A 4 -14.51 10.95 -6.95
N SER A 5 -15.63 11.00 -7.66
CA SER A 5 -16.89 11.40 -7.06
C SER A 5 -17.63 10.19 -6.48
N ASP A 6 -16.95 9.05 -6.45
CA ASP A 6 -17.56 7.82 -5.97
C ASP A 6 -17.28 7.62 -4.48
N PRO A 7 -18.31 7.74 -3.65
CA PRO A 7 -18.21 7.48 -2.22
C PRO A 7 -18.43 6.01 -1.88
N ARG A 8 -18.71 5.20 -2.90
CA ARG A 8 -19.05 3.80 -2.69
C ARG A 8 -17.81 3.00 -2.35
N HIS A 9 -16.67 3.48 -2.80
CA HIS A 9 -15.40 2.92 -2.39
C HIS A 9 -15.10 3.37 -0.96
N PRO A 10 -14.89 2.43 -0.04
CA PRO A 10 -14.77 2.70 1.40
C PRO A 10 -13.88 3.91 1.70
N ASP A 11 -12.67 3.91 1.19
CA ASP A 11 -11.74 5.00 1.42
C ASP A 11 -11.21 5.51 0.09
N ASN A 12 -11.98 6.35 -0.57
CA ASN A 12 -11.62 6.84 -1.88
C ASN A 12 -10.59 7.97 -1.79
N ALA A 13 -10.84 8.92 -0.90
CA ALA A 13 -9.95 10.08 -0.76
C ALA A 13 -8.56 9.64 -0.33
N MET A 14 -8.51 8.64 0.53
CA MET A 14 -7.24 8.10 1.02
C MET A 14 -6.56 7.29 -0.08
N TYR A 15 -7.37 6.59 -0.87
CA TYR A 15 -6.86 5.81 -1.99
C TYR A 15 -6.18 6.71 -3.02
N ASN A 16 -6.75 7.88 -3.25
CA ASN A 16 -6.18 8.86 -4.16
C ASN A 16 -4.86 9.38 -3.62
N GLY A 17 -4.68 9.26 -2.32
CA GLY A 17 -3.41 9.62 -1.71
C GLY A 17 -2.37 8.55 -1.97
N ALA A 18 -2.81 7.29 -1.91
CA ALA A 18 -1.94 6.16 -2.16
C ALA A 18 -1.41 6.18 -3.59
N VAL A 19 -2.31 6.40 -4.55
CA VAL A 19 -1.92 6.41 -5.95
C VAL A 19 -0.97 7.56 -6.26
N SER A 20 -1.20 8.69 -5.62
CA SER A 20 -0.40 9.88 -5.83
C SER A 20 1.01 9.66 -5.31
N LYS A 21 1.11 8.96 -4.19
CA LYS A 21 2.40 8.66 -3.58
C LYS A 21 3.17 7.64 -4.40
N LEU A 22 2.46 6.67 -4.94
CA LEU A 22 3.09 5.66 -5.79
C LEU A 22 3.46 6.25 -7.15
N GLU A 23 2.62 7.14 -7.65
CA GLU A 23 2.93 7.89 -8.86
C GLU A 23 4.20 8.70 -8.66
N ALA A 24 4.33 9.27 -7.47
CA ALA A 24 5.52 10.00 -7.09
C ALA A 24 6.70 9.06 -6.94
N LEU A 25 6.43 7.87 -6.45
CA LEU A 25 7.45 6.85 -6.22
C LEU A 25 7.99 6.34 -7.55
N GLY A 26 7.08 6.05 -8.47
CA GLY A 26 7.44 5.68 -9.83
C GLY A 26 8.29 4.43 -9.90
N GLU A 27 9.48 4.58 -10.47
CA GLU A 27 10.38 3.46 -10.74
C GLU A 27 10.83 2.79 -9.45
N ARG A 28 10.74 3.51 -8.34
CA ARG A 28 11.14 2.98 -7.05
C ARG A 28 10.11 1.97 -6.55
N GLY A 29 8.91 2.07 -7.10
CA GLY A 29 7.87 1.10 -6.79
C GLY A 29 7.90 -0.05 -7.78
N GLY A 30 8.26 0.26 -9.02
CA GLY A 30 8.37 -0.76 -10.04
C GLY A 30 7.03 -1.12 -10.65
N PHE A 31 6.36 -0.12 -11.20
CA PHE A 31 5.05 -0.30 -11.79
C PHE A 31 5.14 -0.26 -13.32
N ALA A 32 4.93 -1.41 -13.94
CA ALA A 32 4.99 -1.53 -15.39
C ALA A 32 3.89 -0.70 -16.05
N ASN A 33 2.71 -0.71 -15.46
CA ASN A 33 1.57 0.02 -16.01
C ASN A 33 0.81 0.73 -14.90
N ARG A 34 -0.17 1.54 -15.26
CA ARG A 34 -0.96 2.24 -14.26
C ARG A 34 -1.79 1.26 -13.45
N LYS A 35 -2.16 0.14 -14.07
CA LYS A 35 -2.90 -0.91 -13.39
C LYS A 35 -2.13 -1.35 -12.15
N GLU A 36 -0.84 -1.59 -12.32
CA GLU A 36 0.02 -2.01 -11.22
C GLU A 36 0.04 -0.96 -10.12
N LEU A 37 0.08 0.29 -10.56
CA LEU A 37 0.06 1.44 -9.66
C LEU A 37 -1.21 1.40 -8.81
N GLU A 38 -2.34 1.32 -9.50
CA GLU A 38 -3.65 1.36 -8.85
C GLU A 38 -3.89 0.13 -8.01
N GLN A 39 -3.33 -1.01 -8.42
CA GLN A 39 -3.44 -2.24 -7.64
C GLN A 39 -2.74 -2.10 -6.30
N ALA A 40 -1.48 -1.68 -6.35
CA ALA A 40 -0.67 -1.55 -5.14
C ALA A 40 -1.25 -0.49 -4.22
N ALA A 41 -1.68 0.63 -4.79
CA ALA A 41 -2.29 1.69 -4.03
C ALA A 41 -3.55 1.21 -3.33
N GLY A 42 -4.28 0.33 -4.01
CA GLY A 42 -5.49 -0.23 -3.45
C GLY A 42 -5.19 -1.13 -2.28
N GLN A 43 -4.00 -1.74 -2.31
CA GLN A 43 -3.54 -2.57 -1.22
C GLN A 43 -3.02 -1.69 -0.09
N ILE A 44 -2.34 -0.61 -0.47
CA ILE A 44 -1.79 0.31 0.49
C ILE A 44 -2.87 0.90 1.37
N VAL A 45 -3.86 1.54 0.76
CA VAL A 45 -4.94 2.17 1.52
C VAL A 45 -5.69 1.13 2.35
N PHE A 46 -5.76 -0.09 1.82
CA PHE A 46 -6.42 -1.18 2.51
C PHE A 46 -5.65 -1.57 3.77
N GLU A 47 -4.39 -1.93 3.61
CA GLU A 47 -3.53 -2.32 4.72
C GLU A 47 -3.35 -1.18 5.70
N SER A 48 -3.39 0.04 5.18
CA SER A 48 -3.32 1.21 6.01
C SER A 48 -4.53 1.29 6.93
N LYS A 49 -5.71 1.15 6.35
CA LYS A 49 -6.95 1.24 7.11
C LYS A 49 -7.05 0.14 8.18
N VAL A 50 -6.62 -1.07 7.83
CA VAL A 50 -6.73 -2.19 8.76
C VAL A 50 -5.77 -2.02 9.92
N SER A 51 -4.75 -1.21 9.73
CA SER A 51 -3.79 -0.93 10.79
C SER A 51 -4.18 0.31 11.59
N GLY A 52 -5.01 1.15 11.00
CA GLY A 52 -5.47 2.34 11.69
C GLY A 52 -4.95 3.63 11.10
N LEU A 53 -4.44 3.56 9.87
CA LEU A 53 -3.97 4.75 9.17
C LEU A 53 -5.17 5.52 8.61
N GLN A 54 -5.09 6.83 8.64
CA GLN A 54 -6.16 7.67 8.12
C GLN A 54 -5.71 8.40 6.85
N ARG A 55 -4.41 8.62 6.72
CA ARG A 55 -3.87 9.29 5.56
C ARG A 55 -2.47 8.80 5.25
N ILE A 56 -2.19 8.61 3.96
CA ILE A 56 -0.88 8.20 3.51
C ILE A 56 -0.09 9.41 3.05
N ASP A 57 0.86 9.84 3.85
CA ASP A 57 1.61 11.05 3.55
C ASP A 57 2.90 10.71 2.82
N HIS A 58 3.49 9.57 3.14
CA HIS A 58 4.68 9.10 2.44
C HIS A 58 4.59 7.59 2.23
N VAL A 59 5.20 7.12 1.15
CA VAL A 59 5.27 5.69 0.88
C VAL A 59 6.72 5.29 0.65
N VAL A 60 7.16 4.23 1.33
CA VAL A 60 8.51 3.74 1.16
C VAL A 60 8.48 2.29 0.71
N PRO A 61 9.05 1.99 -0.47
CA PRO A 61 9.08 0.64 -1.01
C PRO A 61 10.11 -0.23 -0.32
N ASN A 62 9.76 -1.49 -0.07
CA ASN A 62 10.70 -2.44 0.49
C ASN A 62 11.76 -2.76 -0.56
N LYS A 63 12.93 -3.21 -0.14
CA LYS A 63 14.04 -3.41 -1.07
C LYS A 63 13.66 -4.33 -2.23
N SER A 64 12.99 -5.42 -1.92
CA SER A 64 12.56 -6.37 -2.95
C SER A 64 11.30 -5.86 -3.67
N GLY A 65 10.60 -4.93 -3.04
CA GLY A 65 9.37 -4.40 -3.63
C GLY A 65 8.16 -5.25 -3.31
N ASP A 66 8.32 -6.15 -2.37
CA ASP A 66 7.26 -7.08 -1.96
C ASP A 66 6.33 -6.43 -0.92
N GLY A 67 6.64 -5.20 -0.57
CA GLY A 67 5.86 -4.48 0.41
C GLY A 67 6.10 -3.00 0.33
N PHE A 68 5.13 -2.22 0.81
CA PHE A 68 5.24 -0.78 0.80
C PHE A 68 4.92 -0.22 2.18
N PHE A 69 5.75 0.68 2.66
CA PHE A 69 5.51 1.31 3.95
C PHE A 69 4.69 2.58 3.77
N ALA A 70 3.48 2.57 4.27
CA ALA A 70 2.64 3.76 4.25
C ALA A 70 2.70 4.43 5.61
N VAL A 71 3.10 5.69 5.62
CA VAL A 71 3.27 6.40 6.87
C VAL A 71 2.39 7.65 6.92
N GLN A 72 1.75 7.83 8.06
CA GLN A 72 0.97 9.01 8.33
C GLN A 72 1.83 10.02 9.08
N GLY A 73 2.19 11.10 8.40
CA GLY A 73 3.12 12.03 8.97
C GLY A 73 4.48 11.91 8.31
N GLU A 74 5.51 12.35 8.99
CA GLU A 74 6.86 12.30 8.44
C GLU A 74 7.69 11.25 9.15
N LEU A 75 8.65 10.70 8.41
CA LEU A 75 9.54 9.66 8.92
C LEU A 75 10.48 10.23 9.99
N THR A 76 10.51 11.55 10.07
CA THR A 76 11.36 12.25 11.01
C THR A 76 10.65 12.46 12.36
N ASP A 77 9.34 12.26 12.36
CA ASP A 77 8.55 12.45 13.57
C ASP A 77 8.28 11.12 14.26
N PRO A 78 8.29 11.10 15.59
CA PRO A 78 8.00 9.90 16.37
C PRO A 78 6.51 9.66 16.53
N ALA A 79 5.71 10.64 16.14
CA ALA A 79 4.27 10.55 16.26
C ALA A 79 3.64 9.99 14.98
N MET A 80 4.48 9.64 14.03
CA MET A 80 4.00 9.08 12.77
C MET A 80 3.58 7.63 12.96
N GLN A 81 2.71 7.16 12.09
CA GLN A 81 2.31 5.76 12.09
C GLN A 81 2.66 5.16 10.74
N ARG A 82 3.46 4.10 10.76
CA ARG A 82 3.89 3.46 9.54
C ARG A 82 3.40 2.03 9.49
N VAL A 83 2.80 1.65 8.37
CA VAL A 83 2.30 0.30 8.19
C VAL A 83 3.01 -0.39 7.02
N PHE A 84 3.33 -1.67 7.20
CA PHE A 84 3.89 -2.45 6.11
C PHE A 84 2.77 -3.05 5.28
N VAL A 85 2.58 -2.49 4.10
CA VAL A 85 1.57 -2.97 3.18
C VAL A 85 2.07 -4.19 2.41
N ASP A 86 1.37 -5.30 2.56
CA ASP A 86 1.67 -6.46 1.74
C ASP A 86 1.15 -6.21 0.33
N ARG A 87 2.01 -6.44 -0.65
CA ARG A 87 1.73 -6.09 -2.03
C ARG A 87 0.46 -6.75 -2.57
N ASN A 88 0.04 -7.85 -1.94
CA ASN A 88 -1.16 -8.56 -2.37
C ASN A 88 -1.99 -9.00 -1.19
N GLN A 89 -1.89 -8.24 -0.08
CA GLN A 89 -2.62 -8.54 1.17
C GLN A 89 -2.55 -10.02 1.54
N ALA A 90 -1.42 -10.63 1.24
CA ALA A 90 -1.25 -12.06 1.41
C ALA A 90 -0.53 -12.39 2.70
N GLN A 91 -0.20 -13.66 2.88
CA GLN A 91 0.56 -14.11 4.02
C GLN A 91 1.78 -14.88 3.54
N ASN A 92 2.90 -14.70 4.25
CA ASN A 92 4.19 -15.29 3.88
C ASN A 92 4.79 -14.55 2.68
N GLN A 93 4.12 -14.63 1.55
CA GLN A 93 4.56 -13.95 0.34
C GLN A 93 3.37 -13.33 -0.38
N PRO A 94 3.52 -12.10 -0.89
CA PRO A 94 2.49 -11.46 -1.72
C PRO A 94 2.38 -12.16 -3.07
N LEU A 95 1.66 -13.29 -3.08
CA LEU A 95 1.61 -14.21 -4.23
C LEU A 95 2.98 -14.86 -4.42
N GLU A 96 3.94 -14.08 -4.86
CA GLU A 96 5.33 -14.52 -4.95
C GLU A 96 6.23 -13.30 -4.95
N ASN A 97 6.27 -12.61 -6.09
CA ASN A 97 7.01 -11.35 -6.24
C ASN A 97 8.41 -11.46 -5.64
N SER A 98 9.22 -12.33 -6.21
CA SER A 98 10.55 -12.58 -5.68
C SER A 98 11.51 -12.86 -6.82
N SER A 99 12.80 -12.73 -6.55
CA SER A 99 13.83 -12.99 -7.54
C SER A 99 13.89 -14.46 -7.88
N ARG A 100 13.64 -14.78 -9.14
CA ARG A 100 13.67 -16.16 -9.60
C ARG A 100 15.03 -16.48 -10.23
N GLN A 101 16.00 -15.64 -9.96
CA GLN A 101 17.35 -15.85 -10.44
C GLN A 101 18.32 -15.73 -9.28
N ALA A 102 19.62 -15.84 -9.56
CA ALA A 102 20.68 -15.73 -8.56
C ALA A 102 20.72 -16.97 -7.66
N ALA A 103 21.87 -17.62 -7.63
CA ALA A 103 22.04 -18.82 -6.83
C ALA A 103 22.41 -18.48 -5.39
N GLU A 104 21.58 -17.65 -4.77
CA GLU A 104 21.79 -17.26 -3.38
C GLU A 104 21.41 -18.39 -2.45
N GLU A 105 20.39 -19.14 -2.84
CA GLU A 105 19.91 -20.26 -2.05
C GLU A 105 20.56 -21.55 -2.55
N GLY A 1 -7.69 -3.40 -7.06
CA GLY A 1 -7.92 -2.45 -8.18
C GLY A 1 -8.09 -1.03 -7.69
N SER A 2 -8.52 -0.15 -8.58
CA SER A 2 -8.69 1.25 -8.23
C SER A 2 -10.08 1.49 -7.66
N HIS A 3 -11.12 1.11 -8.41
CA HIS A 3 -12.50 1.40 -8.05
C HIS A 3 -12.67 2.91 -7.88
N MET A 4 -12.07 3.66 -8.79
CA MET A 4 -12.12 5.11 -8.77
C MET A 4 -13.50 5.57 -9.22
N SER A 5 -14.17 4.69 -9.97
CA SER A 5 -15.52 4.97 -10.46
C SER A 5 -16.52 5.02 -9.31
N ASP A 6 -16.15 4.43 -8.17
CA ASP A 6 -17.06 4.37 -7.03
C ASP A 6 -16.55 5.22 -5.87
N PRO A 7 -17.07 6.45 -5.74
CA PRO A 7 -16.80 7.30 -4.58
C PRO A 7 -17.46 6.74 -3.32
N ARG A 8 -18.32 5.76 -3.53
CA ARG A 8 -19.03 5.08 -2.45
C ARG A 8 -18.08 4.21 -1.64
N HIS A 9 -16.97 3.84 -2.27
CA HIS A 9 -15.92 3.08 -1.61
C HIS A 9 -15.36 3.92 -0.45
N PRO A 10 -15.51 3.44 0.80
CA PRO A 10 -15.17 4.22 2.00
C PRO A 10 -13.67 4.49 2.13
N ASP A 11 -12.89 3.95 1.20
CA ASP A 11 -11.45 4.14 1.21
C ASP A 11 -11.02 4.90 -0.04
N ASN A 12 -11.98 5.53 -0.70
CA ASN A 12 -11.73 6.19 -1.98
C ASN A 12 -10.80 7.39 -1.81
N ALA A 13 -11.14 8.28 -0.88
CA ALA A 13 -10.37 9.50 -0.67
C ALA A 13 -8.93 9.18 -0.25
N MET A 14 -8.79 8.21 0.64
CA MET A 14 -7.47 7.80 1.10
C MET A 14 -6.72 7.08 -0.01
N TYR A 15 -7.46 6.36 -0.84
CA TYR A 15 -6.89 5.69 -2.01
C TYR A 15 -6.30 6.72 -2.96
N ASN A 16 -6.97 7.86 -3.08
CA ASN A 16 -6.51 8.94 -3.94
C ASN A 16 -5.21 9.52 -3.38
N GLY A 17 -4.99 9.29 -2.10
CA GLY A 17 -3.73 9.67 -1.49
C GLY A 17 -2.66 8.64 -1.77
N ALA A 18 -3.05 7.37 -1.67
CA ALA A 18 -2.14 6.27 -1.93
C ALA A 18 -1.55 6.38 -3.33
N VAL A 19 -2.41 6.61 -4.32
CA VAL A 19 -1.95 6.74 -5.70
C VAL A 19 -1.04 7.95 -5.86
N SER A 20 -1.39 9.03 -5.18
CA SER A 20 -0.63 10.28 -5.28
C SER A 20 0.77 10.09 -4.74
N LYS A 21 0.91 9.30 -3.68
CA LYS A 21 2.19 9.05 -3.07
C LYS A 21 3.02 8.10 -3.92
N LEU A 22 2.36 7.20 -4.63
CA LEU A 22 3.04 6.32 -5.57
C LEU A 22 3.47 7.11 -6.80
N GLU A 23 2.62 8.04 -7.21
CA GLU A 23 2.98 8.98 -8.26
C GLU A 23 4.20 9.80 -7.83
N ALA A 24 4.22 10.15 -6.55
CA ALA A 24 5.33 10.88 -5.96
C ALA A 24 6.56 9.98 -5.84
N LEU A 25 6.30 8.70 -5.63
CA LEU A 25 7.37 7.70 -5.51
C LEU A 25 8.04 7.50 -6.87
N GLY A 26 7.25 7.60 -7.92
CA GLY A 26 7.79 7.62 -9.26
C GLY A 26 8.24 6.26 -9.76
N GLU A 27 9.54 6.12 -9.97
CA GLU A 27 10.11 4.93 -10.60
C GLU A 27 10.39 3.84 -9.59
N ARG A 28 10.43 4.20 -8.31
CA ARG A 28 10.83 3.27 -7.26
C ARG A 28 9.75 2.22 -6.99
N GLY A 29 8.60 2.38 -7.62
CA GLY A 29 7.52 1.43 -7.42
C GLY A 29 7.56 0.26 -8.40
N GLY A 30 8.37 0.40 -9.45
CA GLY A 30 8.49 -0.65 -10.44
C GLY A 30 7.19 -0.87 -11.20
N PHE A 31 6.43 0.20 -11.37
CA PHE A 31 5.13 0.12 -12.02
C PHE A 31 5.28 0.02 -13.53
N ALA A 32 4.93 -1.15 -14.06
CA ALA A 32 4.97 -1.38 -15.49
C ALA A 32 3.95 -0.51 -16.21
N ASN A 33 2.77 -0.37 -15.61
CA ASN A 33 1.70 0.44 -16.18
C ASN A 33 1.00 1.23 -15.10
N ARG A 34 0.02 2.04 -15.49
CA ARG A 34 -0.76 2.81 -14.52
C ARG A 34 -1.58 1.85 -13.66
N LYS A 35 -1.97 0.73 -14.24
CA LYS A 35 -2.69 -0.32 -13.53
C LYS A 35 -1.93 -0.75 -12.28
N GLU A 36 -0.62 -0.89 -12.43
CA GLU A 36 0.23 -1.31 -11.33
C GLU A 36 0.22 -0.27 -10.22
N LEU A 37 0.21 0.99 -10.63
CA LEU A 37 0.08 2.10 -9.70
C LEU A 37 -1.21 1.93 -8.90
N GLU A 38 -2.28 1.65 -9.62
CA GLU A 38 -3.60 1.50 -9.02
C GLU A 38 -3.67 0.27 -8.12
N GLN A 39 -3.04 -0.82 -8.58
CA GLN A 39 -3.05 -2.07 -7.83
C GLN A 39 -2.30 -1.93 -6.51
N ALA A 40 -1.12 -1.34 -6.58
CA ALA A 40 -0.29 -1.14 -5.41
C ALA A 40 -0.98 -0.23 -4.41
N ALA A 41 -1.54 0.87 -4.90
CA ALA A 41 -2.26 1.80 -4.06
C ALA A 41 -3.49 1.13 -3.45
N GLY A 42 -4.10 0.24 -4.22
CA GLY A 42 -5.25 -0.51 -3.74
C GLY A 42 -4.86 -1.42 -2.60
N GLN A 43 -3.65 -1.96 -2.68
CA GLN A 43 -3.10 -2.75 -1.60
C GLN A 43 -2.79 -1.85 -0.42
N ILE A 44 -2.18 -0.70 -0.73
CA ILE A 44 -1.78 0.26 0.27
C ILE A 44 -2.95 0.72 1.12
N VAL A 45 -3.98 1.25 0.46
CA VAL A 45 -5.12 1.82 1.18
C VAL A 45 -5.86 0.73 1.96
N PHE A 46 -5.80 -0.50 1.47
CA PHE A 46 -6.43 -1.62 2.14
C PHE A 46 -5.68 -1.95 3.42
N GLU A 47 -4.38 -2.21 3.29
CA GLU A 47 -3.55 -2.59 4.43
C GLU A 47 -3.42 -1.46 5.44
N SER A 48 -3.49 -0.23 4.97
CA SER A 48 -3.36 0.93 5.85
C SER A 48 -4.64 1.18 6.64
N LYS A 49 -5.79 1.16 5.96
CA LYS A 49 -7.07 1.38 6.62
C LYS A 49 -7.33 0.36 7.71
N VAL A 50 -6.97 -0.90 7.46
CA VAL A 50 -7.19 -1.95 8.44
C VAL A 50 -6.18 -1.85 9.58
N SER A 51 -5.11 -1.09 9.36
CA SER A 51 -4.07 -0.92 10.36
C SER A 51 -4.33 0.31 11.21
N GLY A 52 -5.30 1.12 10.82
CA GLY A 52 -5.64 2.31 11.59
C GLY A 52 -5.07 3.58 10.98
N LEU A 53 -4.59 3.49 9.74
CA LEU A 53 -4.09 4.66 9.04
C LEU A 53 -5.24 5.46 8.45
N GLN A 54 -5.20 6.76 8.61
CA GLN A 54 -6.25 7.62 8.07
C GLN A 54 -5.79 8.28 6.77
N ARG A 55 -4.48 8.24 6.52
CA ARG A 55 -3.92 8.88 5.34
C ARG A 55 -2.48 8.40 5.11
N ILE A 56 -2.11 8.26 3.85
CA ILE A 56 -0.72 7.96 3.50
C ILE A 56 0.00 9.26 3.19
N ASP A 57 1.10 9.52 3.86
CA ASP A 57 1.88 10.73 3.58
C ASP A 57 3.09 10.38 2.72
N HIS A 58 3.77 9.30 3.08
CA HIS A 58 4.89 8.81 2.30
C HIS A 58 4.71 7.32 2.08
N VAL A 59 5.26 6.82 0.98
CA VAL A 59 5.23 5.40 0.70
C VAL A 59 6.62 4.91 0.30
N VAL A 60 7.13 3.95 1.05
CA VAL A 60 8.45 3.40 0.78
C VAL A 60 8.32 1.99 0.20
N PRO A 61 8.94 1.72 -0.94
CA PRO A 61 8.90 0.41 -1.56
C PRO A 61 9.75 -0.61 -0.79
N ASN A 62 9.14 -1.72 -0.43
CA ASN A 62 9.83 -2.76 0.33
C ASN A 62 11.00 -3.31 -0.48
N LYS A 63 12.17 -3.36 0.15
CA LYS A 63 13.41 -3.75 -0.53
C LYS A 63 13.37 -5.18 -1.05
N SER A 64 12.51 -6.01 -0.46
CA SER A 64 12.39 -7.40 -0.87
C SER A 64 11.23 -7.57 -1.85
N GLY A 65 10.54 -6.48 -2.14
CA GLY A 65 9.43 -6.53 -3.07
C GLY A 65 8.19 -7.18 -2.49
N ASP A 66 8.15 -7.32 -1.17
CA ASP A 66 7.00 -7.94 -0.50
C ASP A 66 5.82 -6.98 -0.47
N GLY A 67 6.08 -5.73 -0.78
CA GLY A 67 5.03 -4.73 -0.79
C GLY A 67 5.56 -3.33 -0.61
N PHE A 68 4.87 -2.55 0.22
CA PHE A 68 5.23 -1.15 0.43
C PHE A 68 5.07 -0.79 1.91
N PHE A 69 5.59 0.35 2.29
CA PHE A 69 5.39 0.89 3.62
C PHE A 69 4.70 2.25 3.52
N ALA A 70 3.47 2.31 4.00
CA ALA A 70 2.71 3.54 4.00
C ALA A 70 2.82 4.21 5.36
N VAL A 71 3.28 5.45 5.39
CA VAL A 71 3.49 6.14 6.63
C VAL A 71 2.77 7.48 6.66
N GLN A 72 2.13 7.76 7.78
CA GLN A 72 1.49 9.04 8.02
C GLN A 72 2.43 9.91 8.83
N GLY A 73 2.68 11.12 8.36
CA GLY A 73 3.60 11.99 9.05
C GLY A 73 4.89 12.17 8.26
N GLU A 74 6.00 12.36 8.95
CA GLU A 74 7.27 12.56 8.28
C GLU A 74 8.24 11.44 8.66
N LEU A 75 9.10 11.08 7.72
CA LEU A 75 10.03 9.97 7.88
C LEU A 75 11.08 10.25 8.93
N THR A 76 11.19 11.50 9.35
CA THR A 76 12.15 11.89 10.37
C THR A 76 11.45 12.26 11.67
N ASP A 77 10.16 12.00 11.74
CA ASP A 77 9.36 12.40 12.90
C ASP A 77 8.90 11.18 13.69
N PRO A 78 9.21 11.13 14.99
CA PRO A 78 8.89 9.98 15.86
C PRO A 78 7.39 9.71 16.02
N ALA A 79 6.56 10.65 15.60
CA ALA A 79 5.11 10.50 15.75
C ALA A 79 4.49 9.96 14.47
N MET A 80 5.32 9.44 13.59
CA MET A 80 4.85 8.85 12.35
C MET A 80 4.09 7.56 12.64
N GLN A 81 3.21 7.18 11.71
CA GLN A 81 2.56 5.88 11.79
C GLN A 81 2.84 5.13 10.49
N ARG A 82 3.42 3.94 10.59
CA ARG A 82 3.83 3.22 9.39
C ARG A 82 3.18 1.83 9.35
N VAL A 83 2.59 1.52 8.22
CA VAL A 83 1.95 0.23 8.01
C VAL A 83 2.63 -0.52 6.87
N PHE A 84 2.84 -1.82 7.07
CA PHE A 84 3.38 -2.65 6.01
C PHE A 84 2.25 -3.06 5.07
N VAL A 85 2.45 -2.78 3.80
CA VAL A 85 1.48 -3.13 2.78
C VAL A 85 1.93 -4.36 2.04
N ASP A 86 1.13 -5.42 2.13
CA ASP A 86 1.42 -6.65 1.44
C ASP A 86 1.08 -6.51 -0.04
N ARG A 87 2.03 -6.88 -0.88
CA ARG A 87 1.93 -6.67 -2.33
C ARG A 87 0.74 -7.41 -2.94
N ASN A 88 0.31 -8.48 -2.29
CA ASN A 88 -0.80 -9.28 -2.81
C ASN A 88 -1.73 -9.72 -1.68
N GLN A 89 -1.82 -8.88 -0.65
CA GLN A 89 -2.65 -9.11 0.54
C GLN A 89 -2.58 -10.57 1.01
N ALA A 90 -1.35 -11.06 1.17
CA ALA A 90 -1.06 -12.41 1.63
C ALA A 90 -1.39 -13.45 0.56
N GLN A 91 -0.39 -13.80 -0.24
CA GLN A 91 -0.57 -14.78 -1.31
C GLN A 91 0.74 -15.46 -1.67
N ASN A 92 1.63 -14.74 -2.33
CA ASN A 92 2.89 -15.32 -2.80
C ASN A 92 3.97 -15.21 -1.73
N GLN A 93 5.13 -14.66 -2.09
CA GLN A 93 6.20 -14.45 -1.12
C GLN A 93 5.71 -13.57 0.02
N PRO A 94 5.12 -12.39 -0.27
CA PRO A 94 4.38 -11.63 0.73
C PRO A 94 3.20 -12.45 1.24
N LEU A 95 3.39 -13.08 2.39
CA LEU A 95 2.38 -13.93 3.00
C LEU A 95 2.58 -13.93 4.51
N GLU A 96 3.66 -14.57 4.95
CA GLU A 96 4.04 -14.55 6.35
C GLU A 96 5.17 -13.54 6.55
N ASN A 97 4.81 -12.27 6.63
CA ASN A 97 5.80 -11.21 6.73
C ASN A 97 6.16 -10.95 8.19
N SER A 98 6.62 -11.99 8.86
CA SER A 98 7.03 -11.88 10.25
C SER A 98 8.50 -12.25 10.38
N SER A 99 9.15 -11.72 11.42
CA SER A 99 10.55 -12.03 11.68
C SER A 99 10.66 -13.29 12.52
N ARG A 100 11.44 -14.24 12.05
CA ARG A 100 11.58 -15.51 12.75
C ARG A 100 13.02 -15.70 13.22
N GLN A 101 13.17 -15.91 14.53
CA GLN A 101 14.49 -16.09 15.15
C GLN A 101 15.36 -14.87 14.87
N ALA A 102 14.77 -13.69 15.01
CA ALA A 102 15.48 -12.44 14.75
C ALA A 102 16.48 -12.15 15.85
N ALA A 103 16.19 -12.66 17.04
CA ALA A 103 17.07 -12.54 18.20
C ALA A 103 17.27 -11.09 18.63
N GLU A 104 16.31 -10.24 18.28
CA GLU A 104 16.38 -8.84 18.65
C GLU A 104 15.52 -8.58 19.88
N GLU A 105 14.82 -9.63 20.30
CA GLU A 105 13.93 -9.58 21.47
C GLU A 105 12.81 -8.58 21.25
N GLY A 1 -14.74 -10.63 1.81
CA GLY A 1 -15.28 -9.45 2.51
C GLY A 1 -16.11 -8.57 1.60
N SER A 2 -17.41 -8.50 1.86
CA SER A 2 -18.32 -7.77 1.00
C SER A 2 -18.17 -6.26 1.16
N HIS A 3 -18.18 -5.77 2.40
CA HIS A 3 -18.12 -4.32 2.64
C HIS A 3 -16.74 -3.75 2.38
N MET A 4 -15.83 -4.58 1.90
CA MET A 4 -14.49 -4.11 1.55
C MET A 4 -14.52 -3.46 0.17
N SER A 5 -15.50 -3.87 -0.64
CA SER A 5 -15.70 -3.29 -1.96
C SER A 5 -16.83 -2.26 -1.93
N ASP A 6 -17.29 -1.94 -0.73
CA ASP A 6 -18.41 -1.03 -0.54
C ASP A 6 -18.04 0.38 -0.97
N PRO A 7 -18.84 0.99 -1.88
CA PRO A 7 -18.56 2.31 -2.43
C PRO A 7 -18.69 3.43 -1.41
N ARG A 8 -19.36 3.15 -0.30
CA ARG A 8 -19.55 4.15 0.74
C ARG A 8 -18.43 4.05 1.77
N HIS A 9 -17.54 3.09 1.56
CA HIS A 9 -16.37 2.94 2.42
C HIS A 9 -15.33 3.99 2.06
N PRO A 10 -14.85 4.76 3.05
CA PRO A 10 -14.02 5.96 2.83
C PRO A 10 -12.59 5.66 2.35
N ASP A 11 -12.30 4.40 2.04
CA ASP A 11 -10.95 4.02 1.63
C ASP A 11 -10.58 4.64 0.30
N ASN A 12 -11.57 4.94 -0.54
CA ASN A 12 -11.32 5.49 -1.86
C ASN A 12 -10.63 6.85 -1.76
N ALA A 13 -10.97 7.61 -0.72
CA ALA A 13 -10.35 8.90 -0.50
C ALA A 13 -8.85 8.75 -0.23
N MET A 14 -8.52 7.82 0.66
CA MET A 14 -7.13 7.54 1.00
C MET A 14 -6.42 6.89 -0.18
N TYR A 15 -7.17 6.14 -0.96
CA TYR A 15 -6.67 5.50 -2.16
C TYR A 15 -6.10 6.54 -3.13
N ASN A 16 -6.79 7.67 -3.26
CA ASN A 16 -6.33 8.75 -4.10
C ASN A 16 -5.03 9.35 -3.56
N GLY A 17 -4.86 9.25 -2.25
CA GLY A 17 -3.61 9.70 -1.65
C GLY A 17 -2.50 8.71 -1.92
N ALA A 18 -2.85 7.43 -1.88
CA ALA A 18 -1.91 6.35 -2.12
C ALA A 18 -1.38 6.38 -3.55
N VAL A 19 -2.29 6.53 -4.52
CA VAL A 19 -1.89 6.54 -5.92
C VAL A 19 -0.93 7.69 -6.21
N SER A 20 -1.23 8.85 -5.63
CA SER A 20 -0.44 10.04 -5.86
C SER A 20 0.99 9.86 -5.34
N LYS A 21 1.09 9.18 -4.20
CA LYS A 21 2.38 8.94 -3.59
C LYS A 21 3.17 7.90 -4.36
N LEU A 22 2.47 6.96 -4.98
CA LEU A 22 3.13 5.97 -5.80
C LEU A 22 3.56 6.58 -7.13
N GLU A 23 2.77 7.51 -7.64
CA GLU A 23 3.16 8.27 -8.81
C GLU A 23 4.35 9.15 -8.49
N ALA A 24 4.39 9.60 -7.24
CA ALA A 24 5.52 10.39 -6.73
C ALA A 24 6.71 9.49 -6.46
N LEU A 25 6.44 8.21 -6.26
CA LEU A 25 7.50 7.24 -6.00
C LEU A 25 8.12 6.78 -7.32
N GLY A 26 7.27 6.53 -8.30
CA GLY A 26 7.73 6.25 -9.65
C GLY A 26 8.52 4.96 -9.77
N GLU A 27 9.80 5.11 -10.08
CA GLU A 27 10.67 3.99 -10.43
C GLU A 27 10.80 2.99 -9.29
N ARG A 28 10.81 3.49 -8.06
CA ARG A 28 11.04 2.62 -6.90
C ARG A 28 9.82 1.74 -6.61
N GLY A 29 8.71 2.03 -7.28
CA GLY A 29 7.52 1.23 -7.10
C GLY A 29 7.50 0.01 -8.02
N GLY A 30 8.35 0.03 -9.04
CA GLY A 30 8.42 -1.07 -9.99
C GLY A 30 7.14 -1.25 -10.77
N PHE A 31 6.52 -0.14 -11.15
CA PHE A 31 5.24 -0.18 -11.84
C PHE A 31 5.44 -0.28 -13.34
N ALA A 32 5.07 -1.42 -13.90
CA ALA A 32 5.20 -1.65 -15.33
C ALA A 32 4.15 -0.87 -16.10
N ASN A 33 3.10 -0.46 -15.40
CA ASN A 33 2.02 0.30 -16.02
C ASN A 33 1.15 0.98 -14.96
N ARG A 34 0.08 1.65 -15.38
CA ARG A 34 -0.76 2.40 -14.46
C ARG A 34 -1.63 1.47 -13.62
N LYS A 35 -1.97 0.31 -14.17
CA LYS A 35 -2.76 -0.67 -13.45
C LYS A 35 -2.03 -1.11 -12.19
N GLU A 36 -0.72 -1.30 -12.33
CA GLU A 36 0.14 -1.68 -11.21
C GLU A 36 0.08 -0.61 -10.13
N LEU A 37 0.09 0.64 -10.58
CA LEU A 37 -0.01 1.78 -9.69
C LEU A 37 -1.30 1.68 -8.87
N GLU A 38 -2.41 1.45 -9.58
CA GLU A 38 -3.71 1.38 -8.95
C GLU A 38 -3.83 0.17 -8.03
N GLN A 39 -3.26 -0.96 -8.46
CA GLN A 39 -3.31 -2.17 -7.66
C GLN A 39 -2.56 -1.98 -6.35
N ALA A 40 -1.34 -1.49 -6.43
CA ALA A 40 -0.51 -1.28 -5.26
C ALA A 40 -1.14 -0.28 -4.31
N ALA A 41 -1.65 0.82 -4.86
CA ALA A 41 -2.30 1.85 -4.06
C ALA A 41 -3.52 1.29 -3.37
N GLY A 42 -4.22 0.40 -4.05
CA GLY A 42 -5.39 -0.23 -3.48
C GLY A 42 -5.02 -1.14 -2.33
N GLN A 43 -3.81 -1.69 -2.38
CA GLN A 43 -3.30 -2.51 -1.31
C GLN A 43 -2.77 -1.64 -0.18
N ILE A 44 -2.21 -0.50 -0.57
CA ILE A 44 -1.71 0.47 0.40
C ILE A 44 -2.83 0.93 1.31
N VAL A 45 -3.89 1.46 0.72
CA VAL A 45 -5.01 1.95 1.49
C VAL A 45 -5.67 0.80 2.26
N PHE A 46 -5.61 -0.40 1.68
CA PHE A 46 -6.12 -1.60 2.32
C PHE A 46 -5.41 -1.83 3.65
N GLU A 47 -4.08 -1.90 3.60
CA GLU A 47 -3.27 -2.09 4.79
C GLU A 47 -3.32 -0.87 5.70
N SER A 48 -3.50 0.30 5.09
CA SER A 48 -3.62 1.54 5.83
C SER A 48 -4.85 1.54 6.73
N LYS A 49 -5.99 1.19 6.16
CA LYS A 49 -7.25 1.23 6.89
C LYS A 49 -7.28 0.20 8.03
N VAL A 50 -6.70 -0.96 7.79
CA VAL A 50 -6.69 -2.01 8.80
C VAL A 50 -5.65 -1.73 9.88
N SER A 51 -4.73 -0.82 9.58
CA SER A 51 -3.70 -0.44 10.54
C SER A 51 -4.13 0.78 11.35
N GLY A 52 -4.96 1.63 10.75
CA GLY A 52 -5.42 2.82 11.44
C GLY A 52 -4.89 4.11 10.81
N LEU A 53 -4.36 4.00 9.61
CA LEU A 53 -3.92 5.17 8.86
C LEU A 53 -5.12 5.97 8.38
N GLN A 54 -4.97 7.28 8.31
CA GLN A 54 -6.05 8.14 7.83
C GLN A 54 -5.63 8.87 6.56
N ARG A 55 -4.35 8.72 6.19
CA ARG A 55 -3.81 9.36 5.01
C ARG A 55 -2.41 8.82 4.74
N ILE A 56 -2.04 8.75 3.47
CA ILE A 56 -0.69 8.33 3.09
C ILE A 56 0.12 9.53 2.65
N ASP A 57 1.05 9.97 3.50
CA ASP A 57 1.89 11.12 3.18
C ASP A 57 3.14 10.70 2.44
N HIS A 58 3.76 9.62 2.90
CA HIS A 58 4.96 9.11 2.27
C HIS A 58 4.84 7.61 2.08
N VAL A 59 5.36 7.12 0.97
CA VAL A 59 5.36 5.69 0.71
C VAL A 59 6.78 5.22 0.40
N VAL A 60 7.33 4.42 1.29
CA VAL A 60 8.68 3.91 1.13
C VAL A 60 8.66 2.44 0.73
N PRO A 61 9.11 2.12 -0.49
CA PRO A 61 9.12 0.74 -0.98
C PRO A 61 10.15 -0.12 -0.29
N ASN A 62 9.79 -1.37 -0.04
CA ASN A 62 10.70 -2.31 0.59
C ASN A 62 11.72 -2.76 -0.44
N LYS A 63 12.94 -3.02 0.02
CA LYS A 63 14.05 -3.36 -0.86
C LYS A 63 13.87 -4.72 -1.51
N SER A 64 12.90 -5.48 -0.99
CA SER A 64 12.56 -6.78 -1.56
C SER A 64 11.49 -6.63 -2.64
N GLY A 65 10.87 -5.45 -2.69
CA GLY A 65 9.84 -5.18 -3.70
C GLY A 65 8.55 -5.91 -3.40
N ASP A 66 8.45 -6.50 -2.23
CA ASP A 66 7.29 -7.28 -1.84
C ASP A 66 6.28 -6.41 -1.09
N GLY A 67 6.71 -5.20 -0.74
CA GLY A 67 5.83 -4.33 0.01
C GLY A 67 6.26 -2.88 0.00
N PHE A 68 5.42 -2.05 0.59
CA PHE A 68 5.68 -0.62 0.73
C PHE A 68 5.52 -0.23 2.19
N PHE A 69 5.86 1.00 2.52
CA PHE A 69 5.60 1.53 3.84
C PHE A 69 4.81 2.82 3.74
N ALA A 70 3.58 2.79 4.21
CA ALA A 70 2.73 3.97 4.20
C ALA A 70 2.77 4.65 5.55
N VAL A 71 3.01 5.94 5.56
CA VAL A 71 3.08 6.70 6.79
C VAL A 71 2.27 7.98 6.69
N GLN A 72 1.56 8.29 7.76
CA GLN A 72 0.84 9.54 7.86
C GLN A 72 1.66 10.52 8.69
N GLY A 73 2.19 11.53 8.03
CA GLY A 73 3.10 12.44 8.70
C GLY A 73 4.52 12.28 8.17
N GLU A 74 5.48 12.13 9.06
CA GLU A 74 6.88 12.01 8.68
C GLU A 74 7.48 10.71 9.19
N LEU A 75 8.49 10.23 8.47
CA LEU A 75 9.20 9.00 8.83
C LEU A 75 10.04 9.21 10.09
N THR A 76 10.40 10.46 10.33
CA THR A 76 11.22 10.81 11.48
C THR A 76 10.38 10.98 12.74
N ASP A 77 9.07 10.81 12.60
CA ASP A 77 8.16 10.95 13.73
C ASP A 77 7.65 9.60 14.18
N PRO A 78 8.04 9.17 15.39
CA PRO A 78 7.60 7.88 15.94
C PRO A 78 6.14 7.93 16.42
N ALA A 79 5.63 9.14 16.60
CA ALA A 79 4.25 9.33 16.99
C ALA A 79 3.32 9.16 15.79
N MET A 80 3.91 9.19 14.60
CA MET A 80 3.17 9.03 13.37
C MET A 80 3.03 7.55 13.03
N GLN A 81 1.91 7.20 12.41
CA GLN A 81 1.61 5.81 12.14
C GLN A 81 2.21 5.38 10.80
N ARG A 82 3.00 4.32 10.84
CA ARG A 82 3.60 3.76 9.64
C ARG A 82 3.25 2.29 9.54
N VAL A 83 2.89 1.83 8.35
CA VAL A 83 2.49 0.44 8.14
C VAL A 83 3.17 -0.15 6.92
N PHE A 84 3.60 -1.41 7.04
CA PHE A 84 4.11 -2.16 5.90
C PHE A 84 2.93 -2.62 5.05
N VAL A 85 2.96 -2.26 3.78
CA VAL A 85 1.92 -2.63 2.85
C VAL A 85 2.36 -3.79 1.98
N ASP A 86 1.73 -4.92 2.14
CA ASP A 86 1.95 -6.06 1.27
C ASP A 86 1.52 -5.69 -0.16
N ARG A 87 2.46 -5.77 -1.09
CA ARG A 87 2.28 -5.24 -2.45
C ARG A 87 1.02 -5.76 -3.12
N ASN A 88 0.64 -7.00 -2.79
CA ASN A 88 -0.58 -7.59 -3.32
C ASN A 88 -1.29 -8.36 -2.22
N GLN A 89 -1.14 -7.86 -0.99
CA GLN A 89 -1.62 -8.50 0.25
C GLN A 89 -1.16 -9.96 0.39
N ALA A 90 -1.67 -10.85 -0.46
CA ALA A 90 -1.29 -12.25 -0.41
C ALA A 90 -1.19 -12.81 -1.82
N GLN A 91 -0.15 -12.40 -2.54
CA GLN A 91 0.04 -12.84 -3.93
C GLN A 91 1.43 -12.46 -4.41
N ASN A 92 1.96 -13.28 -5.32
CA ASN A 92 3.26 -13.04 -5.96
C ASN A 92 4.42 -13.26 -4.99
N GLN A 93 4.59 -12.33 -4.06
CA GLN A 93 5.66 -12.43 -3.07
C GLN A 93 5.11 -12.19 -1.67
N PRO A 94 4.48 -11.02 -1.39
CA PRO A 94 3.88 -10.75 -0.07
C PRO A 94 2.82 -11.79 0.30
N LEU A 95 3.08 -12.50 1.39
CA LEU A 95 2.17 -13.54 1.90
C LEU A 95 1.80 -14.55 0.83
N GLU A 96 2.82 -15.08 0.15
CA GLU A 96 2.59 -16.16 -0.81
C GLU A 96 2.07 -17.40 -0.08
N ASN A 97 0.98 -17.97 -0.59
CA ASN A 97 0.32 -19.07 0.10
C ASN A 97 1.10 -20.38 -0.05
N SER A 98 1.66 -20.81 1.06
CA SER A 98 2.36 -22.08 1.12
C SER A 98 1.53 -23.08 1.93
N SER A 99 1.68 -24.37 1.61
CA SER A 99 0.95 -25.42 2.29
C SER A 99 -0.57 -25.23 2.13
N ARG A 100 -0.96 -24.70 0.99
CA ARG A 100 -2.36 -24.41 0.73
C ARG A 100 -2.86 -25.19 -0.49
N GLN A 101 -1.91 -25.70 -1.28
CA GLN A 101 -2.24 -26.42 -2.50
C GLN A 101 -2.33 -27.93 -2.25
N ALA A 102 -1.99 -28.32 -1.01
CA ALA A 102 -1.99 -29.72 -0.60
C ALA A 102 -1.01 -30.51 -1.45
N ALA A 103 0.23 -30.05 -1.49
CA ALA A 103 1.26 -30.66 -2.31
C ALA A 103 2.50 -30.92 -1.47
N GLU A 104 2.28 -31.26 -0.21
CA GLU A 104 3.38 -31.52 0.71
C GLU A 104 3.72 -33.00 0.72
N GLU A 105 3.23 -33.70 -0.28
CA GLU A 105 3.45 -35.13 -0.39
C GLU A 105 4.24 -35.45 -1.66
N GLY A 1 -16.15 -9.96 -0.84
CA GLY A 1 -15.84 -8.97 0.21
C GLY A 1 -14.58 -8.21 -0.07
N SER A 2 -14.66 -7.22 -0.96
CA SER A 2 -13.52 -6.46 -1.38
C SER A 2 -13.83 -4.97 -1.38
N HIS A 3 -12.92 -4.19 -0.81
CA HIS A 3 -13.09 -2.75 -0.67
C HIS A 3 -13.20 -2.08 -2.04
N MET A 4 -12.55 -2.66 -3.04
CA MET A 4 -12.55 -2.10 -4.38
C MET A 4 -13.91 -2.32 -5.05
N SER A 5 -14.66 -3.29 -4.55
CA SER A 5 -15.97 -3.60 -5.11
C SER A 5 -17.06 -2.87 -4.32
N ASP A 6 -16.67 -2.28 -3.19
CA ASP A 6 -17.58 -1.52 -2.35
C ASP A 6 -17.41 -0.02 -2.56
N PRO A 7 -18.28 0.59 -3.38
CA PRO A 7 -18.19 2.02 -3.67
C PRO A 7 -18.54 2.88 -2.47
N ARG A 8 -19.22 2.28 -1.50
CA ARG A 8 -19.62 2.98 -0.30
C ARG A 8 -18.57 2.85 0.79
N HIS A 9 -17.48 2.16 0.47
CA HIS A 9 -16.38 2.05 1.39
C HIS A 9 -15.43 3.23 1.17
N PRO A 10 -15.22 4.05 2.22
CA PRO A 10 -14.52 5.35 2.10
C PRO A 10 -13.03 5.24 1.79
N ASP A 11 -12.54 4.04 1.50
CA ASP A 11 -11.13 3.86 1.19
C ASP A 11 -10.82 4.47 -0.18
N ASN A 12 -11.84 4.61 -1.02
CA ASN A 12 -11.67 5.15 -2.36
C ASN A 12 -11.11 6.57 -2.33
N ALA A 13 -11.53 7.35 -1.33
CA ALA A 13 -11.04 8.71 -1.17
C ALA A 13 -9.59 8.72 -0.72
N MET A 14 -9.31 7.92 0.31
CA MET A 14 -7.95 7.79 0.86
C MET A 14 -7.01 7.17 -0.18
N TYR A 15 -7.60 6.34 -1.04
CA TYR A 15 -6.90 5.68 -2.13
C TYR A 15 -6.26 6.69 -3.08
N ASN A 16 -6.89 7.86 -3.19
CA ASN A 16 -6.39 8.91 -4.06
C ASN A 16 -5.07 9.46 -3.54
N GLY A 17 -4.83 9.25 -2.26
CA GLY A 17 -3.55 9.62 -1.69
C GLY A 17 -2.52 8.56 -1.97
N ALA A 18 -2.91 7.31 -1.78
CA ALA A 18 -2.04 6.16 -2.00
C ALA A 18 -1.45 6.18 -3.40
N VAL A 19 -2.29 6.41 -4.40
CA VAL A 19 -1.85 6.43 -5.79
C VAL A 19 -0.89 7.59 -6.03
N SER A 20 -1.20 8.75 -5.48
CA SER A 20 -0.41 9.94 -5.69
C SER A 20 0.98 9.78 -5.07
N LYS A 21 1.05 9.07 -3.96
CA LYS A 21 2.33 8.80 -3.30
C LYS A 21 3.16 7.84 -4.13
N LEU A 22 2.50 6.87 -4.75
CA LEU A 22 3.19 5.93 -5.61
C LEU A 22 3.59 6.58 -6.93
N GLU A 23 2.78 7.52 -7.40
CA GLU A 23 3.13 8.29 -8.57
C GLU A 23 4.31 9.19 -8.27
N ALA A 24 4.32 9.74 -7.06
CA ALA A 24 5.45 10.51 -6.57
C ALA A 24 6.68 9.62 -6.45
N LEU A 25 6.46 8.42 -5.94
CA LEU A 25 7.50 7.42 -5.81
C LEU A 25 8.03 7.03 -7.18
N GLY A 26 7.11 6.83 -8.12
CA GLY A 26 7.49 6.58 -9.49
C GLY A 26 8.05 5.19 -9.71
N GLU A 27 9.07 5.11 -10.55
CA GLU A 27 9.69 3.85 -10.89
C GLU A 27 10.39 3.21 -9.70
N ARG A 28 10.55 3.97 -8.62
CA ARG A 28 11.18 3.46 -7.41
C ARG A 28 10.40 2.27 -6.86
N GLY A 29 9.09 2.29 -7.05
CA GLY A 29 8.25 1.21 -6.57
C GLY A 29 8.16 0.07 -7.56
N GLY A 30 8.83 0.22 -8.69
CA GLY A 30 8.81 -0.81 -9.70
C GLY A 30 7.46 -0.93 -10.38
N PHE A 31 6.95 0.17 -10.88
CA PHE A 31 5.68 0.15 -11.60
C PHE A 31 5.93 0.23 -13.09
N ALA A 32 5.69 -0.87 -13.78
CA ALA A 32 5.87 -0.92 -15.23
C ALA A 32 4.60 -0.49 -15.95
N ASN A 33 3.52 -0.41 -15.20
CA ASN A 33 2.22 -0.02 -15.74
C ASN A 33 1.45 0.77 -14.68
N ARG A 34 0.50 1.58 -15.13
CA ARG A 34 -0.34 2.34 -14.20
C ARG A 34 -1.26 1.40 -13.43
N LYS A 35 -1.46 0.20 -13.95
CA LYS A 35 -2.21 -0.84 -13.26
C LYS A 35 -1.45 -1.26 -12.00
N GLU A 36 -0.15 -1.41 -12.14
CA GLU A 36 0.72 -1.75 -11.01
C GLU A 36 0.57 -0.71 -9.91
N LEU A 37 0.53 0.54 -10.35
CA LEU A 37 0.33 1.68 -9.47
C LEU A 37 -0.96 1.50 -8.67
N GLU A 38 -2.04 1.23 -9.39
CA GLU A 38 -3.35 1.10 -8.78
C GLU A 38 -3.47 -0.16 -7.92
N GLN A 39 -2.83 -1.24 -8.37
CA GLN A 39 -2.85 -2.49 -7.62
C GLN A 39 -2.22 -2.30 -6.25
N ALA A 40 -1.04 -1.70 -6.23
CA ALA A 40 -0.31 -1.48 -5.00
C ALA A 40 -1.05 -0.48 -4.11
N ALA A 41 -1.46 0.63 -4.69
CA ALA A 41 -2.16 1.68 -3.95
C ALA A 41 -3.46 1.15 -3.35
N GLY A 42 -4.11 0.25 -4.08
CA GLY A 42 -5.34 -0.34 -3.61
C GLY A 42 -5.12 -1.20 -2.39
N GLN A 43 -3.95 -1.81 -2.32
CA GLN A 43 -3.58 -2.61 -1.17
C GLN A 43 -3.10 -1.70 -0.06
N ILE A 44 -2.39 -0.65 -0.45
CA ILE A 44 -1.87 0.33 0.50
C ILE A 44 -3.00 0.94 1.30
N VAL A 45 -4.02 1.43 0.62
CA VAL A 45 -5.14 2.06 1.29
C VAL A 45 -5.90 1.03 2.13
N PHE A 46 -5.85 -0.22 1.72
CA PHE A 46 -6.47 -1.31 2.45
C PHE A 46 -5.73 -1.56 3.77
N GLU A 47 -4.43 -1.72 3.68
CA GLU A 47 -3.61 -2.01 4.84
C GLU A 47 -3.50 -0.80 5.77
N SER A 48 -3.55 0.39 5.19
CA SER A 48 -3.52 1.60 6.00
C SER A 48 -4.83 1.76 6.77
N LYS A 49 -5.93 1.28 6.18
CA LYS A 49 -7.21 1.28 6.85
C LYS A 49 -7.21 0.34 8.04
N VAL A 50 -6.65 -0.86 7.85
CA VAL A 50 -6.61 -1.86 8.91
C VAL A 50 -5.61 -1.46 9.99
N SER A 51 -4.62 -0.66 9.60
CA SER A 51 -3.63 -0.16 10.53
C SER A 51 -4.21 1.02 11.32
N GLY A 52 -5.08 1.80 10.68
CA GLY A 52 -5.72 2.91 11.35
C GLY A 52 -5.14 4.25 10.95
N LEU A 53 -4.57 4.32 9.74
CA LEU A 53 -4.03 5.57 9.24
C LEU A 53 -5.14 6.43 8.68
N GLN A 54 -5.00 7.74 8.85
CA GLN A 54 -5.99 8.68 8.34
C GLN A 54 -5.66 9.11 6.91
N ARG A 55 -4.44 8.80 6.48
CA ARG A 55 -3.98 9.14 5.14
C ARG A 55 -2.65 8.48 4.86
N ILE A 56 -2.32 8.33 3.58
CA ILE A 56 -0.99 7.89 3.20
C ILE A 56 -0.16 9.13 2.94
N ASP A 57 0.73 9.47 3.85
CA ASP A 57 1.49 10.70 3.73
C ASP A 57 2.77 10.46 2.96
N HIS A 58 3.45 9.37 3.27
CA HIS A 58 4.63 8.96 2.53
C HIS A 58 4.56 7.47 2.25
N VAL A 59 5.26 7.05 1.20
CA VAL A 59 5.34 5.64 0.88
C VAL A 59 6.79 5.24 0.57
N VAL A 60 7.24 4.16 1.20
CA VAL A 60 8.60 3.68 1.00
C VAL A 60 8.57 2.27 0.43
N PRO A 61 9.23 2.05 -0.72
CA PRO A 61 9.27 0.74 -1.34
C PRO A 61 10.25 -0.20 -0.65
N ASN A 62 9.82 -1.43 -0.43
CA ASN A 62 10.68 -2.45 0.16
C ASN A 62 11.76 -2.85 -0.84
N LYS A 63 12.79 -3.56 -0.37
CA LYS A 63 13.97 -3.84 -1.19
C LYS A 63 13.62 -4.45 -2.55
N SER A 64 12.72 -5.42 -2.55
CA SER A 64 12.36 -6.11 -3.78
C SER A 64 11.11 -5.50 -4.44
N GLY A 65 10.54 -4.49 -3.80
CA GLY A 65 9.32 -3.90 -4.31
C GLY A 65 8.10 -4.77 -4.05
N ASP A 66 8.30 -5.79 -3.22
CA ASP A 66 7.25 -6.72 -2.85
C ASP A 66 6.29 -6.08 -1.87
N GLY A 67 6.78 -5.06 -1.18
CA GLY A 67 5.97 -4.39 -0.20
C GLY A 67 6.21 -2.90 -0.20
N PHE A 68 5.27 -2.16 0.34
CA PHE A 68 5.38 -0.72 0.44
C PHE A 68 5.04 -0.28 1.84
N PHE A 69 5.86 0.58 2.41
CA PHE A 69 5.59 1.10 3.74
C PHE A 69 4.78 2.38 3.63
N ALA A 70 3.55 2.31 4.11
CA ALA A 70 2.69 3.48 4.14
C ALA A 70 2.74 4.11 5.52
N VAL A 71 3.10 5.37 5.55
CA VAL A 71 3.25 6.06 6.81
C VAL A 71 2.39 7.32 6.86
N GLN A 72 1.72 7.50 7.98
CA GLN A 72 0.97 8.71 8.23
C GLN A 72 1.83 9.61 9.11
N GLY A 73 2.18 10.76 8.57
CA GLY A 73 3.04 11.67 9.28
C GLY A 73 4.36 11.87 8.58
N GLU A 74 5.27 12.58 9.22
CA GLU A 74 6.57 12.85 8.64
C GLU A 74 7.53 11.69 8.91
N LEU A 75 8.36 11.39 7.93
CA LEU A 75 9.33 10.30 8.05
C LEU A 75 10.41 10.65 9.07
N THR A 76 10.46 11.91 9.46
CA THR A 76 11.40 12.37 10.46
C THR A 76 10.69 12.71 11.77
N ASP A 77 9.44 12.27 11.88
CA ASP A 77 8.65 12.48 13.09
C ASP A 77 8.47 11.15 13.82
N PRO A 78 9.05 11.03 15.02
CA PRO A 78 9.05 9.77 15.79
C PRO A 78 7.65 9.24 16.10
N ALA A 79 6.66 10.12 16.07
CA ALA A 79 5.30 9.74 16.40
C ALA A 79 4.50 9.37 15.16
N MET A 80 5.20 9.12 14.07
CA MET A 80 4.56 8.67 12.83
C MET A 80 4.11 7.22 12.97
N GLN A 81 3.13 6.83 12.19
CA GLN A 81 2.67 5.45 12.17
C GLN A 81 2.91 4.86 10.78
N ARG A 82 3.66 3.77 10.73
CA ARG A 82 4.03 3.15 9.46
C ARG A 82 3.50 1.72 9.40
N VAL A 83 2.92 1.37 8.26
CA VAL A 83 2.40 0.02 8.06
C VAL A 83 3.00 -0.60 6.80
N PHE A 84 3.39 -1.86 6.88
CA PHE A 84 3.90 -2.58 5.73
C PHE A 84 2.75 -3.08 4.87
N VAL A 85 2.77 -2.74 3.61
CA VAL A 85 1.74 -3.15 2.68
C VAL A 85 2.28 -4.17 1.70
N ASP A 86 1.71 -5.36 1.70
CA ASP A 86 2.01 -6.36 0.70
C ASP A 86 1.45 -5.90 -0.64
N ARG A 87 2.33 -5.82 -1.64
CA ARG A 87 2.03 -5.25 -2.96
C ARG A 87 0.71 -5.74 -3.55
N ASN A 88 0.39 -7.01 -3.29
CA ASN A 88 -0.89 -7.57 -3.72
C ASN A 88 -1.43 -8.50 -2.65
N GLN A 89 -1.40 -8.00 -1.41
CA GLN A 89 -1.84 -8.74 -0.22
C GLN A 89 -1.35 -10.19 -0.23
N ALA A 90 -0.02 -10.32 -0.23
CA ALA A 90 0.66 -11.61 -0.14
C ALA A 90 0.38 -12.50 -1.35
N GLN A 91 0.60 -13.80 -1.17
CA GLN A 91 0.31 -14.82 -2.18
C GLN A 91 1.38 -14.85 -3.27
N ASN A 92 1.54 -13.73 -3.99
CA ASN A 92 2.47 -13.67 -5.11
C ASN A 92 3.91 -13.51 -4.62
N GLN A 93 4.43 -12.27 -4.64
CA GLN A 93 5.80 -12.04 -4.20
C GLN A 93 5.84 -11.72 -2.70
N PRO A 94 5.09 -10.72 -2.21
CA PRO A 94 4.99 -10.45 -0.77
C PRO A 94 4.32 -11.59 -0.04
N LEU A 95 4.69 -11.82 1.21
CA LEU A 95 4.19 -12.97 1.96
C LEU A 95 3.98 -12.66 3.44
N GLU A 96 3.59 -11.44 3.76
CA GLU A 96 3.32 -11.10 5.14
C GLU A 96 1.83 -11.27 5.43
N ASN A 97 1.51 -11.76 6.64
CA ASN A 97 0.14 -11.92 7.10
C ASN A 97 -0.60 -13.01 6.32
N SER A 98 -1.11 -12.65 5.13
CA SER A 98 -1.88 -13.55 4.29
C SER A 98 -2.92 -14.35 5.09
N SER A 99 -3.82 -13.63 5.74
CA SER A 99 -4.83 -14.27 6.58
C SER A 99 -6.22 -13.87 6.14
N ARG A 100 -7.22 -14.61 6.63
CA ARG A 100 -8.63 -14.35 6.33
C ARG A 100 -8.88 -14.41 4.83
N GLN A 101 -8.32 -15.44 4.19
CA GLN A 101 -8.47 -15.62 2.75
C GLN A 101 -9.56 -16.65 2.46
N ALA A 102 -10.32 -16.98 3.49
CA ALA A 102 -11.42 -17.92 3.36
C ALA A 102 -12.60 -17.26 2.66
N ALA A 103 -13.42 -18.07 1.99
CA ALA A 103 -14.59 -17.59 1.26
C ALA A 103 -14.20 -16.64 0.13
N GLU A 104 -12.96 -16.78 -0.32
CA GLU A 104 -12.45 -15.96 -1.41
C GLU A 104 -11.60 -16.81 -2.33
N GLU A 105 -10.84 -17.72 -1.74
CA GLU A 105 -10.11 -18.72 -2.49
C GLU A 105 -11.05 -19.87 -2.84
N GLY A 1 -17.67 -4.09 -13.70
CA GLY A 1 -16.27 -4.02 -13.22
C GLY A 1 -15.95 -2.70 -12.57
N SER A 2 -14.68 -2.48 -12.24
CA SER A 2 -14.25 -1.24 -11.61
C SER A 2 -15.04 -0.99 -10.31
N HIS A 3 -14.86 -1.89 -9.35
CA HIS A 3 -15.64 -1.82 -8.11
C HIS A 3 -15.12 -0.72 -7.20
N MET A 4 -13.86 -0.33 -7.41
CA MET A 4 -13.23 0.71 -6.61
C MET A 4 -13.61 2.10 -7.12
N SER A 5 -14.34 2.14 -8.24
CA SER A 5 -14.71 3.41 -8.86
C SER A 5 -15.97 3.99 -8.22
N ASP A 6 -16.43 3.39 -7.11
CA ASP A 6 -17.63 3.87 -6.45
C ASP A 6 -17.33 5.14 -5.65
N PRO A 7 -18.21 6.14 -5.75
CA PRO A 7 -18.02 7.43 -5.09
C PRO A 7 -18.40 7.43 -3.61
N ARG A 8 -19.05 6.36 -3.16
CA ARG A 8 -19.54 6.30 -1.78
C ARG A 8 -18.45 5.83 -0.84
N HIS A 9 -17.37 5.29 -1.40
CA HIS A 9 -16.25 4.81 -0.61
C HIS A 9 -15.65 5.96 0.21
N PRO A 10 -15.69 5.85 1.54
CA PRO A 10 -15.30 6.93 2.45
C PRO A 10 -13.79 7.19 2.42
N ASP A 11 -13.04 6.20 1.98
CA ASP A 11 -11.58 6.31 1.93
C ASP A 11 -11.12 6.50 0.48
N ASN A 12 -11.93 7.20 -0.30
CA ASN A 12 -11.62 7.44 -1.71
C ASN A 12 -10.41 8.38 -1.82
N ALA A 13 -10.46 9.49 -1.09
CA ALA A 13 -9.39 10.46 -1.09
C ALA A 13 -8.12 9.85 -0.49
N MET A 14 -8.30 8.90 0.42
CA MET A 14 -7.18 8.19 1.02
C MET A 14 -6.51 7.30 -0.01
N TYR A 15 -7.31 6.55 -0.76
CA TYR A 15 -6.80 5.74 -1.85
C TYR A 15 -6.17 6.61 -2.93
N ASN A 16 -6.78 7.76 -3.17
CA ASN A 16 -6.27 8.71 -4.15
C ASN A 16 -4.96 9.31 -3.66
N GLY A 17 -4.80 9.35 -2.35
CA GLY A 17 -3.53 9.73 -1.78
C GLY A 17 -2.49 8.66 -2.02
N ALA A 18 -2.88 7.42 -1.81
CA ALA A 18 -2.00 6.28 -2.03
C ALA A 18 -1.48 6.25 -3.47
N VAL A 19 -2.38 6.37 -4.43
CA VAL A 19 -2.00 6.34 -5.84
C VAL A 19 -1.12 7.53 -6.18
N SER A 20 -1.38 8.65 -5.52
CA SER A 20 -0.62 9.87 -5.77
C SER A 20 0.79 9.73 -5.21
N LYS A 21 0.90 9.11 -4.04
CA LYS A 21 2.19 8.91 -3.41
C LYS A 21 3.02 7.91 -4.21
N LEU A 22 2.36 6.89 -4.74
CA LEU A 22 3.04 5.90 -5.57
C LEU A 22 3.39 6.50 -6.92
N GLU A 23 2.52 7.36 -7.43
CA GLU A 23 2.79 8.08 -8.66
C GLU A 23 3.96 9.04 -8.46
N ALA A 24 4.02 9.61 -7.26
CA ALA A 24 5.13 10.44 -6.86
C ALA A 24 6.39 9.60 -6.70
N LEU A 25 6.20 8.40 -6.17
CA LEU A 25 7.29 7.46 -5.95
C LEU A 25 7.88 7.02 -7.29
N GLY A 26 7.00 6.77 -8.25
CA GLY A 26 7.43 6.52 -9.62
C GLY A 26 8.14 5.20 -9.79
N GLU A 27 9.26 5.25 -10.51
CA GLU A 27 10.02 4.05 -10.85
C GLU A 27 10.70 3.48 -9.62
N ARG A 28 10.89 4.31 -8.60
CA ARG A 28 11.48 3.88 -7.34
C ARG A 28 10.60 2.82 -6.70
N GLY A 29 9.30 2.91 -6.95
CA GLY A 29 8.37 1.93 -6.41
C GLY A 29 8.49 0.60 -7.11
N GLY A 30 8.62 0.63 -8.42
CA GLY A 30 8.70 -0.59 -9.19
C GLY A 30 7.38 -0.96 -9.83
N PHE A 31 6.85 -0.05 -10.63
CA PHE A 31 5.55 -0.26 -11.26
C PHE A 31 5.70 -0.47 -12.76
N ALA A 32 5.42 -1.68 -13.21
CA ALA A 32 5.50 -2.03 -14.61
C ALA A 32 4.53 -1.21 -15.44
N ASN A 33 3.32 -1.03 -14.91
CA ASN A 33 2.29 -0.26 -15.60
C ASN A 33 1.46 0.51 -14.59
N ARG A 34 0.49 1.29 -15.07
CA ARG A 34 -0.40 2.03 -14.18
C ARG A 34 -1.28 1.06 -13.38
N LYS A 35 -1.51 -0.12 -13.94
CA LYS A 35 -2.26 -1.17 -13.27
C LYS A 35 -1.60 -1.52 -11.94
N GLU A 36 -0.28 -1.67 -11.98
CA GLU A 36 0.50 -2.01 -10.79
C GLU A 36 0.35 -0.93 -9.73
N LEU A 37 0.33 0.30 -10.20
CA LEU A 37 0.17 1.47 -9.33
C LEU A 37 -1.13 1.34 -8.55
N GLU A 38 -2.21 1.08 -9.28
CA GLU A 38 -3.54 1.01 -8.69
C GLU A 38 -3.69 -0.22 -7.80
N GLN A 39 -3.05 -1.32 -8.19
CA GLN A 39 -3.10 -2.55 -7.41
C GLN A 39 -2.42 -2.35 -6.07
N ALA A 40 -1.22 -1.78 -6.10
CA ALA A 40 -0.44 -1.55 -4.89
C ALA A 40 -1.13 -0.55 -3.98
N ALA A 41 -1.65 0.52 -4.58
CA ALA A 41 -2.36 1.54 -3.82
C ALA A 41 -3.61 0.96 -3.16
N GLY A 42 -4.25 0.04 -3.86
CA GLY A 42 -5.42 -0.63 -3.30
C GLY A 42 -5.05 -1.45 -2.10
N GLN A 43 -3.90 -2.10 -2.18
CA GLN A 43 -3.35 -2.85 -1.07
C GLN A 43 -2.96 -1.90 0.06
N ILE A 44 -2.32 -0.80 -0.32
CA ILE A 44 -1.86 0.20 0.62
C ILE A 44 -2.99 0.70 1.49
N VAL A 45 -4.02 1.25 0.86
CA VAL A 45 -5.12 1.84 1.60
C VAL A 45 -5.85 0.76 2.41
N PHE A 46 -5.81 -0.47 1.93
CA PHE A 46 -6.39 -1.61 2.64
C PHE A 46 -5.63 -1.87 3.94
N GLU A 47 -4.33 -2.12 3.82
CA GLU A 47 -3.48 -2.38 4.97
C GLU A 47 -3.41 -1.16 5.88
N SER A 48 -3.47 0.03 5.28
CA SER A 48 -3.50 1.26 6.03
C SER A 48 -4.68 1.31 6.98
N LYS A 49 -5.86 0.96 6.47
CA LYS A 49 -7.08 1.01 7.27
C LYS A 49 -6.99 0.10 8.49
N VAL A 50 -6.53 -1.13 8.27
CA VAL A 50 -6.47 -2.11 9.34
C VAL A 50 -5.35 -1.80 10.33
N SER A 51 -4.34 -1.08 9.85
CA SER A 51 -3.21 -0.71 10.69
C SER A 51 -3.53 0.55 11.50
N GLY A 52 -4.55 1.28 11.09
CA GLY A 52 -4.95 2.47 11.82
C GLY A 52 -4.47 3.73 11.16
N LEU A 53 -4.03 3.63 9.91
CA LEU A 53 -3.60 4.79 9.14
C LEU A 53 -4.80 5.66 8.80
N GLN A 54 -4.65 6.95 9.01
CA GLN A 54 -5.68 7.91 8.67
C GLN A 54 -5.53 8.34 7.22
N ARG A 55 -4.29 8.28 6.75
CA ARG A 55 -3.95 8.67 5.38
C ARG A 55 -2.55 8.21 5.04
N ILE A 56 -2.18 8.33 3.78
CA ILE A 56 -0.83 8.00 3.35
C ILE A 56 -0.12 9.29 2.94
N ASP A 57 0.73 9.81 3.82
CA ASP A 57 1.46 11.05 3.54
C ASP A 57 2.75 10.73 2.80
N HIS A 58 3.35 9.60 3.14
CA HIS A 58 4.56 9.16 2.46
C HIS A 58 4.50 7.65 2.25
N VAL A 59 5.21 7.19 1.24
CA VAL A 59 5.26 5.76 0.94
C VAL A 59 6.70 5.35 0.62
N VAL A 60 7.18 4.34 1.32
CA VAL A 60 8.55 3.86 1.13
C VAL A 60 8.55 2.44 0.62
N PRO A 61 9.08 2.19 -0.59
CA PRO A 61 9.12 0.85 -1.17
C PRO A 61 10.11 -0.05 -0.44
N ASN A 62 9.76 -1.32 -0.33
CA ASN A 62 10.61 -2.31 0.33
C ASN A 62 11.78 -2.69 -0.58
N LYS A 63 12.73 -3.44 -0.04
CA LYS A 63 13.95 -3.82 -0.75
C LYS A 63 13.68 -4.31 -2.17
N SER A 64 12.82 -5.31 -2.32
CA SER A 64 12.61 -5.94 -3.61
C SER A 64 11.39 -5.35 -4.33
N GLY A 65 10.78 -4.33 -3.75
CA GLY A 65 9.55 -3.78 -4.32
C GLY A 65 8.38 -4.72 -4.11
N ASP A 66 8.55 -5.63 -3.16
CA ASP A 66 7.54 -6.62 -2.82
C ASP A 66 6.51 -6.04 -1.87
N GLY A 67 6.85 -4.90 -1.31
CA GLY A 67 5.98 -4.25 -0.37
C GLY A 67 6.21 -2.76 -0.32
N PHE A 68 5.27 -2.04 0.26
CA PHE A 68 5.37 -0.60 0.40
C PHE A 68 5.03 -0.20 1.83
N PHE A 69 5.79 0.71 2.39
CA PHE A 69 5.53 1.21 3.72
C PHE A 69 4.71 2.49 3.63
N ALA A 70 3.48 2.42 4.10
CA ALA A 70 2.61 3.58 4.09
C ALA A 70 2.65 4.25 5.45
N VAL A 71 3.00 5.53 5.46
CA VAL A 71 3.17 6.26 6.69
C VAL A 71 2.50 7.62 6.62
N GLN A 72 1.77 7.95 7.68
CA GLN A 72 1.12 9.26 7.78
C GLN A 72 1.98 10.21 8.59
N GLY A 73 1.91 11.48 8.25
CA GLY A 73 2.70 12.48 8.92
C GLY A 73 4.01 12.75 8.21
N GLU A 74 5.11 12.64 8.95
CA GLU A 74 6.44 12.88 8.40
C GLU A 74 7.37 11.77 8.83
N LEU A 75 8.37 11.50 8.00
CA LEU A 75 9.29 10.38 8.21
C LEU A 75 10.19 10.60 9.42
N THR A 76 10.24 11.82 9.90
CA THR A 76 11.07 12.16 11.05
C THR A 76 10.20 12.39 12.29
N ASP A 77 8.89 12.26 12.11
CA ASP A 77 7.96 12.49 13.21
C ASP A 77 7.89 11.26 14.11
N PRO A 78 8.19 11.43 15.41
CA PRO A 78 8.24 10.31 16.36
C PRO A 78 6.89 9.61 16.55
N ALA A 79 5.83 10.21 16.06
CA ALA A 79 4.49 9.64 16.20
C ALA A 79 3.92 9.23 14.86
N MET A 80 4.77 9.13 13.84
CA MET A 80 4.32 8.70 12.52
C MET A 80 3.86 7.25 12.57
N GLN A 81 2.74 6.97 11.93
CA GLN A 81 2.24 5.61 11.85
C GLN A 81 2.61 5.02 10.50
N ARG A 82 3.28 3.88 10.51
CA ARG A 82 3.77 3.26 9.28
C ARG A 82 3.36 1.79 9.23
N VAL A 83 2.89 1.36 8.07
CA VAL A 83 2.47 -0.02 7.88
C VAL A 83 3.15 -0.63 6.66
N PHE A 84 3.58 -1.89 6.79
CA PHE A 84 4.12 -2.62 5.66
C PHE A 84 2.96 -3.19 4.83
N VAL A 85 2.95 -2.84 3.57
CA VAL A 85 1.90 -3.31 2.67
C VAL A 85 2.46 -4.28 1.64
N ASP A 86 1.94 -5.49 1.64
CA ASP A 86 2.28 -6.46 0.60
C ASP A 86 1.69 -6.00 -0.73
N ARG A 87 2.57 -5.91 -1.74
CA ARG A 87 2.24 -5.32 -3.04
C ARG A 87 0.99 -5.93 -3.65
N ASN A 88 0.82 -7.22 -3.46
CA ASN A 88 -0.35 -7.93 -3.97
C ASN A 88 -0.87 -8.87 -2.92
N GLN A 89 -1.91 -9.64 -3.25
CA GLN A 89 -2.48 -10.59 -2.30
C GLN A 89 -1.50 -11.71 -1.98
N ALA A 90 -0.97 -12.38 -3.01
CA ALA A 90 -0.02 -13.47 -2.80
C ALA A 90 0.77 -13.76 -4.07
N GLN A 91 1.16 -12.71 -4.77
CA GLN A 91 1.91 -12.87 -6.01
C GLN A 91 3.38 -12.61 -5.78
N ASN A 92 4.21 -13.58 -6.16
CA ASN A 92 5.66 -13.49 -6.04
C ASN A 92 6.13 -13.50 -4.58
N GLN A 93 6.36 -12.32 -4.01
CA GLN A 93 6.90 -12.23 -2.65
C GLN A 93 5.84 -11.87 -1.59
N PRO A 94 4.90 -10.93 -1.87
CA PRO A 94 3.75 -10.68 -0.99
C PRO A 94 3.22 -11.93 -0.30
N LEU A 95 3.36 -11.95 1.03
CA LEU A 95 2.95 -13.09 1.88
C LEU A 95 3.83 -14.32 1.66
N GLU A 96 3.81 -14.89 0.46
CA GLU A 96 4.53 -16.13 0.17
C GLU A 96 4.13 -17.26 1.11
N ASN A 97 2.83 -17.46 1.25
CA ASN A 97 2.31 -18.54 2.07
C ASN A 97 0.84 -18.79 1.71
N SER A 98 0.30 -19.88 2.24
CA SER A 98 -1.08 -20.25 1.95
C SER A 98 -1.90 -20.25 3.23
N SER A 99 -1.70 -19.22 4.05
CA SER A 99 -2.40 -19.13 5.32
C SER A 99 -3.77 -18.46 5.13
N ARG A 100 -4.03 -17.99 3.92
CA ARG A 100 -5.32 -17.36 3.62
C ARG A 100 -6.26 -18.35 2.96
N GLN A 101 -5.98 -19.64 3.11
CA GLN A 101 -6.87 -20.67 2.61
C GLN A 101 -8.15 -20.70 3.44
N ALA A 102 -9.24 -20.25 2.82
CA ALA A 102 -10.52 -20.07 3.51
C ALA A 102 -10.41 -18.97 4.56
N ALA A 103 -11.52 -18.66 5.21
CA ALA A 103 -11.58 -17.60 6.23
C ALA A 103 -11.30 -16.24 5.61
N GLU A 104 -11.49 -16.14 4.30
CA GLU A 104 -11.32 -14.89 3.59
C GLU A 104 -12.68 -14.33 3.18
N GLU A 105 -13.69 -14.68 3.96
CA GLU A 105 -15.04 -14.19 3.72
C GLU A 105 -15.30 -13.01 4.64
N GLY A 1 -16.58 12.14 14.18
CA GLY A 1 -16.54 13.10 13.05
C GLY A 1 -16.09 12.46 11.76
N SER A 2 -14.80 12.18 11.66
CA SER A 2 -14.24 11.52 10.49
C SER A 2 -14.64 10.04 10.50
N HIS A 3 -14.92 9.50 9.31
CA HIS A 3 -15.42 8.15 9.20
C HIS A 3 -14.32 7.17 8.82
N MET A 4 -13.17 7.30 9.47
CA MET A 4 -12.08 6.35 9.25
C MET A 4 -12.29 5.10 10.09
N SER A 5 -13.25 5.19 11.01
CA SER A 5 -13.60 4.07 11.87
C SER A 5 -14.47 3.07 11.11
N ASP A 6 -14.95 3.48 9.94
CA ASP A 6 -15.73 2.60 9.09
C ASP A 6 -14.85 1.97 8.03
N PRO A 7 -14.65 0.65 8.10
CA PRO A 7 -13.78 -0.07 7.16
C PRO A 7 -14.35 -0.14 5.75
N ARG A 8 -15.66 0.09 5.63
CA ARG A 8 -16.30 0.02 4.33
C ARG A 8 -16.46 1.42 3.74
N HIS A 9 -15.82 2.39 4.38
CA HIS A 9 -15.76 3.75 3.88
C HIS A 9 -14.97 3.77 2.58
N PRO A 10 -15.47 4.48 1.54
CA PRO A 10 -14.86 4.49 0.19
C PRO A 10 -13.42 5.00 0.16
N ASP A 11 -12.97 5.63 1.25
CA ASP A 11 -11.56 6.00 1.46
C ASP A 11 -10.92 6.61 0.21
N ASN A 12 -11.65 7.50 -0.45
CA ASN A 12 -11.18 8.15 -1.67
C ASN A 12 -9.89 8.92 -1.41
N ALA A 13 -9.89 9.74 -0.37
CA ALA A 13 -8.73 10.55 -0.02
C ALA A 13 -7.53 9.66 0.33
N MET A 14 -7.81 8.50 0.90
CA MET A 14 -6.75 7.56 1.25
C MET A 14 -6.17 6.91 0.01
N TYR A 15 -7.06 6.39 -0.84
CA TYR A 15 -6.64 5.77 -2.09
C TYR A 15 -5.92 6.78 -2.98
N ASN A 16 -6.38 8.02 -2.94
CA ASN A 16 -5.74 9.10 -3.68
C ASN A 16 -4.37 9.40 -3.09
N GLY A 17 -4.28 9.31 -1.76
CA GLY A 17 -3.02 9.49 -1.09
C GLY A 17 -2.05 8.36 -1.41
N ALA A 18 -2.60 7.19 -1.66
CA ALA A 18 -1.80 6.04 -2.02
C ALA A 18 -1.26 6.17 -3.44
N VAL A 19 -2.15 6.46 -4.39
CA VAL A 19 -1.76 6.50 -5.80
C VAL A 19 -0.76 7.61 -6.08
N SER A 20 -1.01 8.80 -5.55
CA SER A 20 -0.20 9.96 -5.86
C SER A 20 1.22 9.79 -5.34
N LYS A 21 1.35 9.15 -4.19
CA LYS A 21 2.65 8.93 -3.59
C LYS A 21 3.41 7.87 -4.36
N LEU A 22 2.67 6.96 -5.00
CA LEU A 22 3.28 5.95 -5.84
C LEU A 22 3.66 6.54 -7.19
N GLU A 23 2.86 7.50 -7.66
CA GLU A 23 3.20 8.26 -8.85
C GLU A 23 4.50 9.02 -8.61
N ALA A 24 4.56 9.64 -7.44
CA ALA A 24 5.74 10.35 -7.00
C ALA A 24 6.91 9.39 -6.83
N LEU A 25 6.62 8.23 -6.26
CA LEU A 25 7.60 7.20 -6.03
C LEU A 25 8.18 6.71 -7.35
N GLY A 26 7.30 6.49 -8.32
CA GLY A 26 7.70 6.18 -9.67
C GLY A 26 8.55 4.93 -9.77
N GLU A 27 9.77 5.11 -10.26
CA GLU A 27 10.65 3.99 -10.55
C GLU A 27 11.25 3.42 -9.27
N ARG A 28 11.11 4.15 -8.17
CA ARG A 28 11.53 3.65 -6.87
C ARG A 28 10.60 2.52 -6.43
N GLY A 29 9.36 2.59 -6.90
CA GLY A 29 8.41 1.53 -6.62
C GLY A 29 8.45 0.45 -7.67
N GLY A 30 8.81 0.84 -8.89
CA GLY A 30 8.92 -0.12 -9.97
C GLY A 30 7.58 -0.42 -10.62
N PHE A 31 6.93 0.62 -11.11
CA PHE A 31 5.63 0.46 -11.74
C PHE A 31 5.76 0.45 -13.25
N ALA A 32 5.51 -0.72 -13.84
CA ALA A 32 5.60 -0.88 -15.28
C ALA A 32 4.43 -0.22 -15.99
N ASN A 33 3.27 -0.24 -15.34
CA ASN A 33 2.06 0.33 -15.92
C ASN A 33 1.23 1.04 -14.86
N ARG A 34 0.25 1.81 -15.30
CA ARG A 34 -0.67 2.48 -14.38
C ARG A 34 -1.46 1.44 -13.58
N LYS A 35 -1.69 0.28 -14.17
CA LYS A 35 -2.37 -0.80 -13.49
C LYS A 35 -1.61 -1.20 -12.24
N GLU A 36 -0.28 -1.26 -12.35
CA GLU A 36 0.56 -1.62 -11.23
C GLU A 36 0.41 -0.59 -10.13
N LEU A 37 0.38 0.67 -10.55
CA LEU A 37 0.18 1.79 -9.65
C LEU A 37 -1.12 1.61 -8.88
N GLU A 38 -2.20 1.37 -9.61
CA GLU A 38 -3.52 1.22 -9.02
C GLU A 38 -3.63 -0.03 -8.16
N GLN A 39 -3.02 -1.11 -8.63
CA GLN A 39 -3.01 -2.37 -7.88
C GLN A 39 -2.30 -2.18 -6.55
N ALA A 40 -1.12 -1.58 -6.59
CA ALA A 40 -0.33 -1.36 -5.40
C ALA A 40 -1.05 -0.43 -4.44
N ALA A 41 -1.59 0.66 -4.97
CA ALA A 41 -2.34 1.61 -4.16
C ALA A 41 -3.57 0.93 -3.54
N GLY A 42 -4.18 0.03 -4.29
CA GLY A 42 -5.31 -0.72 -3.78
C GLY A 42 -4.91 -1.63 -2.65
N GLN A 43 -3.68 -2.12 -2.69
CA GLN A 43 -3.13 -2.92 -1.63
C GLN A 43 -2.80 -2.03 -0.44
N ILE A 44 -2.17 -0.91 -0.75
CA ILE A 44 -1.76 0.05 0.25
C ILE A 44 -2.92 0.56 1.07
N VAL A 45 -3.92 1.10 0.40
CA VAL A 45 -5.05 1.69 1.08
C VAL A 45 -5.79 0.63 1.91
N PHE A 46 -5.80 -0.60 1.43
CA PHE A 46 -6.44 -1.70 2.13
C PHE A 46 -5.74 -1.95 3.48
N GLU A 47 -4.43 -2.14 3.44
CA GLU A 47 -3.66 -2.36 4.65
C GLU A 47 -3.68 -1.11 5.53
N SER A 48 -3.75 0.05 4.91
CA SER A 48 -3.87 1.30 5.64
C SER A 48 -5.19 1.35 6.42
N LYS A 49 -6.27 0.97 5.76
CA LYS A 49 -7.60 0.97 6.36
C LYS A 49 -7.66 0.09 7.59
N VAL A 50 -7.12 -1.11 7.48
CA VAL A 50 -7.17 -2.07 8.58
C VAL A 50 -6.19 -1.70 9.70
N SER A 51 -5.13 -1.01 9.34
CA SER A 51 -4.11 -0.62 10.30
C SER A 51 -4.51 0.65 11.05
N GLY A 52 -5.43 1.42 10.48
CA GLY A 52 -5.92 2.60 11.17
C GLY A 52 -5.37 3.89 10.60
N LEU A 53 -4.80 3.81 9.41
CA LEU A 53 -4.25 4.98 8.75
C LEU A 53 -5.38 5.91 8.31
N GLN A 54 -5.13 7.21 8.42
CA GLN A 54 -6.12 8.21 8.05
C GLN A 54 -5.93 8.62 6.59
N ARG A 55 -4.69 8.54 6.13
CA ARG A 55 -4.33 8.89 4.75
C ARG A 55 -2.84 8.64 4.54
N ILE A 56 -2.48 8.22 3.34
CA ILE A 56 -1.08 7.97 3.02
C ILE A 56 -0.38 9.28 2.68
N ASP A 57 0.51 9.72 3.56
CA ASP A 57 1.22 10.97 3.35
C ASP A 57 2.55 10.70 2.65
N HIS A 58 3.21 9.62 3.05
CA HIS A 58 4.44 9.19 2.40
C HIS A 58 4.38 7.69 2.16
N VAL A 59 5.20 7.20 1.24
CA VAL A 59 5.26 5.80 0.93
C VAL A 59 6.71 5.34 0.74
N VAL A 60 7.06 4.21 1.33
CA VAL A 60 8.40 3.68 1.20
C VAL A 60 8.34 2.25 0.66
N PRO A 61 8.89 2.02 -0.54
CA PRO A 61 8.85 0.70 -1.19
C PRO A 61 9.82 -0.29 -0.55
N ASN A 62 9.39 -1.54 -0.46
CA ASN A 62 10.25 -2.61 0.01
C ASN A 62 11.18 -3.05 -1.11
N LYS A 63 12.47 -3.12 -0.82
CA LYS A 63 13.49 -3.39 -1.83
C LYS A 63 13.42 -4.83 -2.33
N SER A 64 12.77 -5.70 -1.58
CA SER A 64 12.59 -7.08 -2.01
C SER A 64 11.21 -7.24 -2.66
N GLY A 65 10.53 -6.12 -2.86
CA GLY A 65 9.21 -6.16 -3.46
C GLY A 65 8.19 -6.81 -2.57
N ASP A 66 8.39 -6.69 -1.25
CA ASP A 66 7.48 -7.26 -0.27
C ASP A 66 6.20 -6.43 -0.23
N GLY A 67 6.32 -5.19 -0.65
CA GLY A 67 5.19 -4.30 -0.65
C GLY A 67 5.63 -2.87 -0.46
N PHE A 68 4.86 -2.12 0.31
CA PHE A 68 5.13 -0.71 0.52
C PHE A 68 4.83 -0.34 1.97
N PHE A 69 5.51 0.67 2.47
CA PHE A 69 5.20 1.22 3.77
C PHE A 69 4.38 2.49 3.61
N ALA A 70 3.15 2.46 4.07
CA ALA A 70 2.30 3.62 4.02
C ALA A 70 2.32 4.32 5.36
N VAL A 71 2.69 5.58 5.35
CA VAL A 71 2.86 6.33 6.57
C VAL A 71 2.22 7.70 6.50
N GLN A 72 1.47 8.04 7.52
CA GLN A 72 0.92 9.39 7.66
C GLN A 72 1.83 10.19 8.57
N GLY A 73 2.08 11.44 8.20
CA GLY A 73 3.00 12.25 8.94
C GLY A 73 4.31 12.41 8.21
N GLU A 74 5.42 12.17 8.90
CA GLU A 74 6.73 12.30 8.29
C GLU A 74 7.66 11.23 8.87
N LEU A 75 8.55 10.70 8.03
CA LEU A 75 9.43 9.60 8.43
C LEU A 75 10.46 10.04 9.48
N THR A 76 10.59 11.35 9.65
CA THR A 76 11.50 11.88 10.65
C THR A 76 10.73 12.24 11.92
N ASP A 77 9.40 12.14 11.83
CA ASP A 77 8.53 12.51 12.93
C ASP A 77 8.15 11.26 13.72
N PRO A 78 8.42 11.23 15.03
CA PRO A 78 8.14 10.05 15.87
C PRO A 78 6.66 9.73 16.02
N ALA A 79 5.80 10.67 15.66
CA ALA A 79 4.36 10.50 15.85
C ALA A 79 3.69 9.98 14.58
N MET A 80 4.49 9.63 13.58
CA MET A 80 3.95 9.10 12.33
C MET A 80 3.42 7.69 12.53
N GLN A 81 2.46 7.30 11.70
CA GLN A 81 1.94 5.95 11.73
C GLN A 81 2.26 5.26 10.42
N ARG A 82 2.94 4.12 10.50
CA ARG A 82 3.40 3.42 9.31
C ARG A 82 2.87 1.99 9.29
N VAL A 83 2.28 1.61 8.17
CA VAL A 83 1.77 0.26 7.99
C VAL A 83 2.53 -0.45 6.86
N PHE A 84 2.90 -1.69 7.11
CA PHE A 84 3.48 -2.51 6.05
C PHE A 84 2.36 -3.01 5.15
N VAL A 85 2.53 -2.83 3.86
CA VAL A 85 1.54 -3.28 2.91
C VAL A 85 2.02 -4.53 2.18
N ASP A 86 1.42 -5.66 2.51
CA ASP A 86 1.66 -6.88 1.77
C ASP A 86 1.31 -6.69 0.31
N ARG A 87 2.31 -6.84 -0.56
CA ARG A 87 2.10 -6.67 -2.00
C ARG A 87 1.02 -7.63 -2.49
N ASN A 88 0.84 -8.73 -1.77
CA ASN A 88 -0.16 -9.73 -2.12
C ASN A 88 -1.06 -10.00 -0.92
N GLN A 89 -1.33 -8.94 -0.15
CA GLN A 89 -2.27 -8.95 0.99
C GLN A 89 -2.32 -10.29 1.73
N ALA A 90 -1.29 -10.56 2.52
CA ALA A 90 -1.23 -11.82 3.26
C ALA A 90 -1.24 -11.57 4.77
N GLN A 91 -0.10 -11.15 5.32
CA GLN A 91 0.03 -10.96 6.76
C GLN A 91 1.35 -10.28 7.11
N ASN A 92 2.45 -10.84 6.62
CA ASN A 92 3.77 -10.28 6.83
C ASN A 92 4.62 -10.49 5.60
N GLN A 93 4.61 -11.72 5.11
CA GLN A 93 5.20 -12.04 3.82
C GLN A 93 4.11 -12.09 2.77
N PRO A 94 4.26 -11.33 1.67
CA PRO A 94 3.23 -11.24 0.62
C PRO A 94 3.19 -12.48 -0.27
N LEU A 95 3.02 -13.63 0.35
CA LEU A 95 2.91 -14.91 -0.34
C LEU A 95 4.19 -15.25 -1.10
N GLU A 96 4.27 -14.83 -2.35
CA GLU A 96 5.40 -15.16 -3.21
C GLU A 96 5.92 -13.92 -3.90
N ASN A 97 7.05 -13.41 -3.43
CA ASN A 97 7.65 -12.21 -4.00
C ASN A 97 9.13 -12.43 -4.28
N SER A 98 9.63 -13.60 -3.91
CA SER A 98 11.03 -13.93 -4.08
C SER A 98 11.20 -15.29 -4.74
N SER A 99 10.19 -15.67 -5.52
CA SER A 99 10.20 -16.95 -6.20
C SER A 99 10.87 -16.83 -7.56
N ARG A 100 11.73 -17.79 -7.86
CA ARG A 100 12.39 -17.84 -9.15
C ARG A 100 12.14 -19.20 -9.78
N GLN A 101 11.13 -19.90 -9.29
CA GLN A 101 10.78 -21.20 -9.81
C GLN A 101 9.68 -21.07 -10.85
N ALA A 102 10.08 -20.75 -12.07
CA ALA A 102 9.14 -20.56 -13.16
C ALA A 102 9.64 -21.25 -14.41
N ALA A 103 9.95 -22.53 -14.29
CA ALA A 103 10.49 -23.30 -15.40
C ALA A 103 9.39 -23.64 -16.40
N GLU A 104 8.14 -23.69 -15.95
CA GLU A 104 6.99 -23.95 -16.81
C GLU A 104 7.25 -25.16 -17.72
N GLU A 105 7.45 -26.31 -17.10
CA GLU A 105 7.75 -27.52 -17.85
C GLU A 105 6.62 -28.53 -17.66
N GLY A 1 -12.50 -6.36 8.50
CA GLY A 1 -13.13 -7.33 7.57
C GLY A 1 -12.60 -7.19 6.16
N SER A 2 -12.46 -8.31 5.46
CA SER A 2 -11.89 -8.33 4.13
C SER A 2 -12.94 -8.11 3.04
N HIS A 3 -14.05 -7.47 3.41
CA HIS A 3 -15.11 -7.18 2.46
C HIS A 3 -14.74 -5.98 1.57
N MET A 4 -13.99 -6.26 0.51
CA MET A 4 -13.53 -5.23 -0.42
C MET A 4 -14.60 -4.90 -1.46
N SER A 5 -15.67 -5.68 -1.47
CA SER A 5 -16.75 -5.52 -2.45
C SER A 5 -17.53 -4.22 -2.24
N ASP A 6 -17.36 -3.61 -1.07
CA ASP A 6 -18.07 -2.38 -0.74
C ASP A 6 -17.41 -1.17 -1.38
N PRO A 7 -18.18 -0.40 -2.17
CA PRO A 7 -17.69 0.85 -2.76
C PRO A 7 -17.59 1.95 -1.71
N ARG A 8 -18.29 1.76 -0.61
CA ARG A 8 -18.29 2.70 0.50
C ARG A 8 -17.23 2.30 1.52
N HIS A 9 -16.36 1.38 1.12
CA HIS A 9 -15.27 0.92 1.96
C HIS A 9 -14.32 2.09 2.23
N PRO A 10 -13.81 2.20 3.47
CA PRO A 10 -13.02 3.36 3.92
C PRO A 10 -11.72 3.60 3.14
N ASP A 11 -11.42 2.74 2.18
CA ASP A 11 -10.21 2.88 1.40
C ASP A 11 -10.53 3.43 0.01
N ASN A 12 -11.76 3.89 -0.17
CA ASN A 12 -12.20 4.43 -1.46
C ASN A 12 -11.64 5.84 -1.70
N ALA A 13 -11.86 6.72 -0.73
CA ALA A 13 -11.42 8.10 -0.88
C ALA A 13 -9.95 8.27 -0.52
N MET A 14 -9.49 7.52 0.47
CA MET A 14 -8.10 7.57 0.89
C MET A 14 -7.18 7.03 -0.20
N TYR A 15 -7.77 6.25 -1.09
CA TYR A 15 -7.06 5.63 -2.21
C TYR A 15 -6.30 6.66 -3.04
N ASN A 16 -6.86 7.86 -3.16
CA ASN A 16 -6.25 8.92 -3.92
C ASN A 16 -4.91 9.32 -3.33
N GLY A 17 -4.79 9.20 -2.01
CA GLY A 17 -3.55 9.52 -1.35
C GLY A 17 -2.50 8.45 -1.60
N ALA A 18 -2.96 7.22 -1.77
CA ALA A 18 -2.08 6.10 -2.03
C ALA A 18 -1.52 6.17 -3.44
N VAL A 19 -2.39 6.43 -4.41
CA VAL A 19 -1.97 6.49 -5.80
C VAL A 19 -1.02 7.66 -6.04
N SER A 20 -1.36 8.81 -5.48
CA SER A 20 -0.57 10.00 -5.70
C SER A 20 0.83 9.85 -5.14
N LYS A 21 0.94 9.19 -4.00
CA LYS A 21 2.22 8.95 -3.37
C LYS A 21 3.04 7.95 -4.16
N LEU A 22 2.37 7.00 -4.80
CA LEU A 22 3.05 6.03 -5.65
C LEU A 22 3.43 6.66 -6.98
N GLU A 23 2.59 7.57 -7.47
CA GLU A 23 2.92 8.33 -8.66
C GLU A 23 4.14 9.20 -8.40
N ALA A 24 4.19 9.74 -7.19
CA ALA A 24 5.34 10.50 -6.73
C ALA A 24 6.55 9.60 -6.56
N LEU A 25 6.29 8.39 -6.08
CA LEU A 25 7.32 7.40 -5.85
C LEU A 25 7.95 6.97 -7.17
N GLY A 26 7.09 6.67 -8.15
CA GLY A 26 7.51 6.41 -9.51
C GLY A 26 8.61 5.38 -9.64
N GLU A 27 9.82 5.86 -9.96
CA GLU A 27 10.96 5.00 -10.24
C GLU A 27 11.42 4.25 -8.99
N ARG A 28 11.05 4.75 -7.82
CA ARG A 28 11.42 4.11 -6.58
C ARG A 28 10.57 2.86 -6.36
N GLY A 29 9.36 2.88 -6.89
CA GLY A 29 8.49 1.73 -6.80
C GLY A 29 8.68 0.79 -7.98
N GLY A 30 9.14 1.35 -9.10
CA GLY A 30 9.40 0.54 -10.27
C GLY A 30 8.13 0.11 -10.97
N PHE A 31 7.19 1.04 -11.09
CA PHE A 31 5.92 0.75 -11.72
C PHE A 31 6.06 0.82 -13.24
N ALA A 32 5.94 -0.33 -13.89
CA ALA A 32 6.04 -0.42 -15.34
C ALA A 32 4.83 0.22 -16.01
N ASN A 33 3.67 0.09 -15.38
CA ASN A 33 2.43 0.64 -15.92
C ASN A 33 1.61 1.28 -14.82
N ARG A 34 0.64 2.09 -15.21
CA ARG A 34 -0.24 2.75 -14.25
C ARG A 34 -1.13 1.73 -13.55
N LYS A 35 -1.34 0.59 -14.20
CA LYS A 35 -2.10 -0.49 -13.59
C LYS A 35 -1.39 -1.00 -12.34
N GLU A 36 -0.07 -1.13 -12.44
CA GLU A 36 0.76 -1.54 -11.32
C GLU A 36 0.59 -0.57 -10.17
N LEU A 37 0.52 0.71 -10.53
CA LEU A 37 0.31 1.79 -9.59
C LEU A 37 -0.99 1.56 -8.81
N GLU A 38 -2.06 1.33 -9.56
CA GLU A 38 -3.39 1.15 -8.97
C GLU A 38 -3.44 -0.11 -8.11
N GLN A 39 -2.80 -1.17 -8.58
CA GLN A 39 -2.79 -2.44 -7.87
C GLN A 39 -2.12 -2.31 -6.52
N ALA A 40 -1.00 -1.60 -6.49
CA ALA A 40 -0.26 -1.39 -5.26
C ALA A 40 -1.01 -0.45 -4.33
N ALA A 41 -1.52 0.65 -4.89
CA ALA A 41 -2.24 1.65 -4.11
C ALA A 41 -3.47 1.05 -3.45
N GLY A 42 -4.16 0.16 -4.17
CA GLY A 42 -5.34 -0.49 -3.63
C GLY A 42 -5.02 -1.33 -2.42
N GLN A 43 -3.82 -1.87 -2.39
CA GLN A 43 -3.35 -2.65 -1.26
C GLN A 43 -2.94 -1.71 -0.15
N ILE A 44 -2.22 -0.66 -0.53
CA ILE A 44 -1.72 0.33 0.42
C ILE A 44 -2.84 0.93 1.23
N VAL A 45 -3.82 1.50 0.55
CA VAL A 45 -4.89 2.20 1.21
C VAL A 45 -5.74 1.24 2.05
N PHE A 46 -5.81 -0.01 1.61
CA PHE A 46 -6.52 -1.03 2.36
C PHE A 46 -5.80 -1.29 3.69
N GLU A 47 -4.50 -1.61 3.59
CA GLU A 47 -3.68 -1.84 4.77
C GLU A 47 -3.66 -0.61 5.66
N SER A 48 -3.73 0.56 5.04
CA SER A 48 -3.77 1.81 5.76
C SER A 48 -4.98 1.90 6.67
N LYS A 49 -6.18 1.81 6.08
CA LYS A 49 -7.40 2.01 6.84
C LYS A 49 -7.66 0.89 7.85
N VAL A 50 -7.24 -0.33 7.55
CA VAL A 50 -7.43 -1.43 8.48
C VAL A 50 -6.51 -1.28 9.68
N SER A 51 -5.37 -0.62 9.47
CA SER A 51 -4.42 -0.38 10.53
C SER A 51 -4.78 0.88 11.31
N GLY A 52 -5.45 1.82 10.65
CA GLY A 52 -5.86 3.04 11.30
C GLY A 52 -5.15 4.27 10.76
N LEU A 53 -4.65 4.17 9.54
CA LEU A 53 -4.05 5.31 8.87
C LEU A 53 -5.13 6.21 8.30
N GLN A 54 -4.92 7.52 8.39
CA GLN A 54 -5.89 8.48 7.90
C GLN A 54 -5.47 9.02 6.54
N ARG A 55 -4.15 9.13 6.34
CA ARG A 55 -3.60 9.64 5.10
C ARG A 55 -2.22 9.07 4.86
N ILE A 56 -1.95 8.66 3.62
CA ILE A 56 -0.62 8.22 3.24
C ILE A 56 0.22 9.44 2.93
N ASP A 57 1.02 9.88 3.89
CA ASP A 57 1.89 11.04 3.68
C ASP A 57 3.09 10.63 2.85
N HIS A 58 3.64 9.47 3.15
CA HIS A 58 4.77 8.95 2.41
C HIS A 58 4.62 7.46 2.22
N VAL A 59 5.20 6.94 1.16
CA VAL A 59 5.18 5.53 0.88
C VAL A 59 6.60 5.03 0.60
N VAL A 60 7.05 4.07 1.38
CA VAL A 60 8.40 3.55 1.26
C VAL A 60 8.38 2.19 0.58
N PRO A 61 9.05 2.06 -0.57
CA PRO A 61 9.14 0.79 -1.28
C PRO A 61 10.29 -0.07 -0.75
N ASN A 62 10.03 -1.35 -0.56
CA ASN A 62 11.07 -2.26 -0.14
C ASN A 62 11.90 -2.69 -1.33
N LYS A 63 13.00 -3.39 -1.08
CA LYS A 63 13.91 -3.76 -2.16
C LYS A 63 13.22 -4.62 -3.21
N SER A 64 12.41 -5.57 -2.75
CA SER A 64 11.69 -6.46 -3.64
C SER A 64 10.62 -5.71 -4.43
N GLY A 65 10.14 -4.61 -3.86
CA GLY A 65 9.14 -3.78 -4.52
C GLY A 65 7.73 -4.34 -4.38
N ASP A 66 7.63 -5.56 -3.88
CA ASP A 66 6.34 -6.20 -3.67
C ASP A 66 5.83 -5.96 -2.26
N GLY A 67 6.52 -5.08 -1.56
CA GLY A 67 6.11 -4.68 -0.25
C GLY A 67 6.38 -3.20 -0.03
N PHE A 68 5.40 -2.48 0.50
CA PHE A 68 5.54 -1.06 0.73
C PHE A 68 5.28 -0.72 2.19
N PHE A 69 5.57 0.52 2.55
CA PHE A 69 5.22 1.05 3.86
C PHE A 69 4.45 2.34 3.71
N ALA A 70 3.24 2.38 4.23
CA ALA A 70 2.45 3.60 4.23
C ALA A 70 2.59 4.29 5.56
N VAL A 71 3.04 5.52 5.54
CA VAL A 71 3.30 6.26 6.77
C VAL A 71 2.60 7.61 6.77
N GLN A 72 1.91 7.88 7.87
CA GLN A 72 1.29 9.17 8.10
C GLN A 72 2.21 9.99 8.99
N GLY A 73 2.63 11.14 8.50
CA GLY A 73 3.64 11.92 9.17
C GLY A 73 4.90 11.99 8.34
N GLU A 74 6.05 11.87 8.99
CA GLU A 74 7.31 11.88 8.27
C GLU A 74 8.16 10.67 8.66
N LEU A 75 9.16 10.34 7.85
CA LEU A 75 9.97 9.16 8.08
C LEU A 75 10.80 9.30 9.35
N THR A 76 11.47 10.43 9.50
CA THR A 76 12.34 10.66 10.64
C THR A 76 11.57 11.25 11.83
N ASP A 77 10.25 11.22 11.74
CA ASP A 77 9.41 11.73 12.82
C ASP A 77 8.95 10.58 13.70
N PRO A 78 9.27 10.63 15.00
CA PRO A 78 8.96 9.54 15.94
C PRO A 78 7.47 9.34 16.20
N ALA A 79 6.65 10.29 15.79
CA ALA A 79 5.23 10.23 16.04
C ALA A 79 4.47 9.77 14.79
N MET A 80 5.20 9.17 13.85
CA MET A 80 4.61 8.71 12.61
C MET A 80 3.84 7.42 12.83
N GLN A 81 2.85 7.19 11.99
CA GLN A 81 2.13 5.92 11.99
C GLN A 81 2.40 5.20 10.68
N ARG A 82 2.90 3.98 10.75
CA ARG A 82 3.32 3.27 9.55
C ARG A 82 2.74 1.87 9.51
N VAL A 83 2.37 1.43 8.32
CA VAL A 83 1.84 0.09 8.12
C VAL A 83 2.52 -0.55 6.91
N PHE A 84 2.82 -1.84 7.01
CA PHE A 84 3.42 -2.57 5.90
C PHE A 84 2.34 -2.96 4.91
N VAL A 85 2.65 -2.89 3.64
CA VAL A 85 1.70 -3.18 2.59
C VAL A 85 2.20 -4.29 1.69
N ASP A 86 1.48 -5.40 1.67
CA ASP A 86 1.76 -6.47 0.73
C ASP A 86 1.18 -6.10 -0.62
N ARG A 87 2.07 -5.82 -1.58
CA ARG A 87 1.64 -5.35 -2.91
C ARG A 87 0.79 -6.41 -3.61
N ASN A 88 1.09 -7.66 -3.35
CA ASN A 88 0.37 -8.76 -3.96
C ASN A 88 -0.43 -9.52 -2.92
N GLN A 89 -0.68 -8.84 -1.79
CA GLN A 89 -1.39 -9.38 -0.60
C GLN A 89 -0.87 -10.75 -0.13
N ALA A 90 -1.15 -11.80 -0.89
CA ALA A 90 -0.75 -13.14 -0.48
C ALA A 90 -0.30 -13.96 -1.68
N GLN A 91 0.39 -13.31 -2.62
CA GLN A 91 0.84 -13.96 -3.84
C GLN A 91 2.29 -13.63 -4.15
N ASN A 92 2.94 -14.56 -4.86
CA ASN A 92 4.32 -14.39 -5.34
C ASN A 92 5.33 -14.41 -4.19
N GLN A 93 5.45 -13.30 -3.48
CA GLN A 93 6.42 -13.20 -2.38
C GLN A 93 5.75 -12.70 -1.10
N PRO A 94 5.11 -11.50 -1.09
CA PRO A 94 4.42 -10.98 0.09
C PRO A 94 3.35 -11.94 0.58
N LEU A 95 3.46 -12.35 1.83
CA LEU A 95 2.55 -13.32 2.41
C LEU A 95 2.34 -13.01 3.89
N GLU A 96 1.25 -12.33 4.21
CA GLU A 96 0.93 -12.06 5.60
C GLU A 96 0.09 -13.18 6.17
N ASN A 97 0.64 -13.88 7.17
CA ASN A 97 -0.08 -14.93 7.86
C ASN A 97 -1.00 -14.30 8.91
N SER A 98 -2.21 -14.00 8.50
CA SER A 98 -3.17 -13.36 9.37
C SER A 98 -4.40 -14.25 9.52
N SER A 99 -5.57 -13.65 9.76
CA SER A 99 -6.81 -14.40 9.95
C SER A 99 -7.36 -14.92 8.62
N ARG A 100 -6.48 -15.45 7.79
CA ARG A 100 -6.87 -16.07 6.52
C ARG A 100 -6.18 -17.43 6.39
N GLN A 101 -4.89 -17.47 6.68
CA GLN A 101 -4.14 -18.72 6.68
C GLN A 101 -3.92 -19.21 8.11
N ALA A 102 -4.68 -18.65 9.03
CA ALA A 102 -4.59 -19.03 10.44
C ALA A 102 -5.84 -18.58 11.19
N ALA A 103 -6.98 -18.76 10.58
CA ALA A 103 -8.24 -18.35 11.18
C ALA A 103 -8.90 -19.51 11.89
N GLU A 104 -8.75 -19.55 13.22
CA GLU A 104 -9.26 -20.65 14.04
C GLU A 104 -8.61 -21.97 13.62
N GLU A 105 -7.45 -21.88 13.00
CA GLU A 105 -6.75 -23.04 12.47
C GLU A 105 -5.59 -23.42 13.37
N GLY A 1 -25.27 -2.35 -3.66
CA GLY A 1 -24.27 -3.10 -2.86
C GLY A 1 -23.16 -2.20 -2.36
N SER A 2 -22.72 -2.44 -1.14
CA SER A 2 -21.65 -1.64 -0.57
C SER A 2 -20.31 -2.36 -0.73
N HIS A 3 -19.41 -1.74 -1.49
CA HIS A 3 -18.10 -2.32 -1.75
C HIS A 3 -17.05 -1.21 -1.76
N MET A 4 -15.85 -1.50 -2.22
CA MET A 4 -14.84 -0.46 -2.37
C MET A 4 -15.04 0.27 -3.69
N SER A 5 -15.80 -0.34 -4.58
CA SER A 5 -16.05 0.21 -5.90
C SER A 5 -16.95 1.44 -5.84
N ASP A 6 -17.85 1.48 -4.87
CA ASP A 6 -18.78 2.60 -4.77
C ASP A 6 -18.09 3.81 -4.16
N PRO A 7 -18.31 4.99 -4.75
CA PRO A 7 -17.63 6.24 -4.36
C PRO A 7 -18.07 6.77 -3.00
N ARG A 8 -19.01 6.09 -2.35
CA ARG A 8 -19.47 6.52 -1.04
C ARG A 8 -18.58 5.90 0.04
N HIS A 9 -17.98 4.77 -0.29
CA HIS A 9 -17.05 4.11 0.60
C HIS A 9 -15.83 5.00 0.82
N PRO A 10 -15.44 5.22 2.09
CA PRO A 10 -14.39 6.19 2.47
C PRO A 10 -13.01 5.89 1.89
N ASP A 11 -12.84 4.72 1.30
CA ASP A 11 -11.54 4.30 0.77
C ASP A 11 -11.15 5.13 -0.43
N ASN A 12 -12.15 5.71 -1.11
CA ASN A 12 -11.91 6.47 -2.34
C ASN A 12 -10.88 7.57 -2.11
N ALA A 13 -11.07 8.35 -1.06
CA ALA A 13 -10.16 9.45 -0.74
C ALA A 13 -8.78 8.91 -0.39
N MET A 14 -8.76 7.82 0.37
CA MET A 14 -7.52 7.21 0.82
C MET A 14 -6.77 6.58 -0.35
N TYR A 15 -7.52 5.97 -1.25
CA TYR A 15 -6.98 5.34 -2.45
C TYR A 15 -6.30 6.40 -3.31
N ASN A 16 -6.95 7.54 -3.46
CA ASN A 16 -6.40 8.65 -4.23
C ASN A 16 -5.15 9.20 -3.55
N GLY A 17 -5.09 9.06 -2.24
CA GLY A 17 -3.89 9.46 -1.52
C GLY A 17 -2.75 8.49 -1.78
N ALA A 18 -3.08 7.22 -1.82
CA ALA A 18 -2.10 6.17 -2.07
C ALA A 18 -1.50 6.29 -3.46
N VAL A 19 -2.37 6.43 -4.47
CA VAL A 19 -1.90 6.50 -5.85
C VAL A 19 -1.01 7.72 -6.06
N SER A 20 -1.37 8.84 -5.45
CA SER A 20 -0.61 10.07 -5.62
C SER A 20 0.78 9.95 -5.03
N LYS A 21 0.90 9.20 -3.94
CA LYS A 21 2.18 9.00 -3.30
C LYS A 21 3.04 8.03 -4.09
N LEU A 22 2.40 7.06 -4.72
CA LEU A 22 3.11 6.12 -5.57
C LEU A 22 3.54 6.81 -6.86
N GLU A 23 2.66 7.66 -7.38
CA GLU A 23 2.99 8.48 -8.53
C GLU A 23 4.11 9.46 -8.19
N ALA A 24 4.11 9.92 -6.95
CA ALA A 24 5.17 10.76 -6.43
C ALA A 24 6.45 9.96 -6.29
N LEU A 25 6.31 8.73 -5.80
CA LEU A 25 7.42 7.81 -5.67
C LEU A 25 8.00 7.46 -7.03
N GLY A 26 7.12 7.46 -8.04
CA GLY A 26 7.54 7.24 -9.40
C GLY A 26 7.75 5.79 -9.71
N GLU A 27 8.76 5.51 -10.52
CA GLU A 27 9.06 4.15 -10.94
C GLU A 27 9.86 3.43 -9.86
N ARG A 28 10.29 4.18 -8.86
CA ARG A 28 11.11 3.64 -7.77
C ARG A 28 10.35 2.54 -7.02
N GLY A 29 9.03 2.56 -7.13
CA GLY A 29 8.22 1.55 -6.46
C GLY A 29 8.07 0.27 -7.27
N GLY A 30 8.76 0.21 -8.40
CA GLY A 30 8.70 -0.99 -9.23
C GLY A 30 7.37 -1.11 -9.95
N PHE A 31 7.04 -0.09 -10.73
CA PHE A 31 5.78 -0.09 -11.47
C PHE A 31 6.05 -0.20 -12.96
N ALA A 32 5.68 -1.34 -13.55
CA ALA A 32 5.84 -1.54 -14.97
C ALA A 32 4.78 -0.77 -15.75
N ASN A 33 3.56 -0.74 -15.22
CA ASN A 33 2.45 -0.07 -15.87
C ASN A 33 1.53 0.58 -14.84
N ARG A 34 0.45 1.18 -15.30
CA ARG A 34 -0.47 1.88 -14.40
C ARG A 34 -1.24 0.90 -13.53
N LYS A 35 -1.45 -0.32 -14.03
CA LYS A 35 -2.15 -1.34 -13.27
C LYS A 35 -1.37 -1.67 -12.01
N GLU A 36 -0.05 -1.70 -12.12
CA GLU A 36 0.83 -1.92 -10.98
C GLU A 36 0.59 -0.87 -9.91
N LEU A 37 0.45 0.36 -10.36
CA LEU A 37 0.16 1.49 -9.49
C LEU A 37 -1.16 1.24 -8.76
N GLU A 38 -2.18 0.89 -9.54
CA GLU A 38 -3.50 0.60 -9.00
C GLU A 38 -3.45 -0.55 -8.00
N GLN A 39 -2.75 -1.62 -8.38
CA GLN A 39 -2.63 -2.80 -7.54
C GLN A 39 -2.00 -2.46 -6.20
N ALA A 40 -0.91 -1.71 -6.24
CA ALA A 40 -0.19 -1.33 -5.03
C ALA A 40 -1.05 -0.43 -4.16
N ALA A 41 -1.61 0.61 -4.75
CA ALA A 41 -2.44 1.55 -4.02
C ALA A 41 -3.67 0.87 -3.43
N GLY A 42 -4.20 -0.09 -4.16
CA GLY A 42 -5.36 -0.84 -3.70
C GLY A 42 -5.03 -1.68 -2.48
N GLN A 43 -3.79 -2.15 -2.41
CA GLN A 43 -3.33 -2.89 -1.26
C GLN A 43 -3.04 -1.93 -0.12
N ILE A 44 -2.42 -0.81 -0.47
CA ILE A 44 -2.06 0.21 0.51
C ILE A 44 -3.29 0.74 1.21
N VAL A 45 -4.28 1.18 0.44
CA VAL A 45 -5.49 1.77 1.00
C VAL A 45 -6.20 0.80 1.94
N PHE A 46 -6.03 -0.49 1.69
CA PHE A 46 -6.62 -1.52 2.53
C PHE A 46 -5.82 -1.68 3.83
N GLU A 47 -4.54 -1.96 3.69
CA GLU A 47 -3.66 -2.20 4.83
C GLU A 47 -3.52 -0.95 5.71
N SER A 48 -3.50 0.21 5.08
CA SER A 48 -3.33 1.47 5.81
C SER A 48 -4.52 1.73 6.73
N LYS A 49 -5.72 1.66 6.18
CA LYS A 49 -6.93 1.97 6.95
C LYS A 49 -7.11 1.02 8.13
N VAL A 50 -6.77 -0.26 7.92
CA VAL A 50 -6.92 -1.24 8.98
C VAL A 50 -5.79 -1.14 10.00
N SER A 51 -4.67 -0.56 9.59
CA SER A 51 -3.53 -0.39 10.47
C SER A 51 -3.65 0.91 11.27
N GLY A 52 -4.58 1.76 10.86
CA GLY A 52 -4.82 2.99 11.61
C GLY A 52 -4.30 4.23 10.89
N LEU A 53 -3.95 4.07 9.62
CA LEU A 53 -3.51 5.20 8.81
C LEU A 53 -4.71 6.02 8.36
N GLN A 54 -4.65 7.32 8.60
CA GLN A 54 -5.72 8.21 8.17
C GLN A 54 -5.39 8.82 6.81
N ARG A 55 -4.12 8.72 6.41
CA ARG A 55 -3.66 9.23 5.14
C ARG A 55 -2.31 8.63 4.79
N ILE A 56 -2.11 8.29 3.53
CA ILE A 56 -0.77 7.94 3.07
C ILE A 56 -0.04 9.22 2.75
N ASP A 57 0.78 9.69 3.68
CA ASP A 57 1.48 10.95 3.50
C ASP A 57 2.80 10.72 2.77
N HIS A 58 3.42 9.59 3.05
CA HIS A 58 4.61 9.17 2.34
C HIS A 58 4.58 7.67 2.16
N VAL A 59 5.17 7.19 1.07
CA VAL A 59 5.22 5.76 0.81
C VAL A 59 6.64 5.33 0.42
N VAL A 60 7.17 4.35 1.13
CA VAL A 60 8.52 3.87 0.89
C VAL A 60 8.50 2.44 0.36
N PRO A 61 9.06 2.20 -0.83
CA PRO A 61 9.09 0.87 -1.44
C PRO A 61 10.07 -0.06 -0.74
N ASN A 62 9.70 -1.32 -0.61
CA ASN A 62 10.57 -2.31 0.00
C ASN A 62 11.63 -2.76 -1.01
N LYS A 63 12.68 -3.41 -0.53
CA LYS A 63 13.85 -3.74 -1.34
C LYS A 63 13.49 -4.42 -2.67
N SER A 64 12.61 -5.42 -2.62
CA SER A 64 12.27 -6.18 -3.82
C SER A 64 11.02 -5.63 -4.50
N GLY A 65 10.52 -4.50 -4.01
CA GLY A 65 9.27 -3.95 -4.53
C GLY A 65 8.08 -4.82 -4.18
N ASP A 66 8.29 -5.68 -3.19
CA ASP A 66 7.30 -6.63 -2.76
C ASP A 66 6.35 -6.02 -1.74
N GLY A 67 6.71 -4.85 -1.25
CA GLY A 67 5.91 -4.18 -0.26
C GLY A 67 6.16 -2.69 -0.23
N PHE A 68 5.32 -1.97 0.48
CA PHE A 68 5.46 -0.52 0.63
C PHE A 68 5.19 -0.11 2.07
N PHE A 69 5.94 0.85 2.55
CA PHE A 69 5.68 1.41 3.86
C PHE A 69 4.85 2.67 3.71
N ALA A 70 3.63 2.62 4.18
CA ALA A 70 2.75 3.78 4.15
C ALA A 70 2.78 4.47 5.50
N VAL A 71 3.27 5.70 5.51
CA VAL A 71 3.43 6.44 6.75
C VAL A 71 2.67 7.75 6.71
N GLN A 72 2.01 8.07 7.81
CA GLN A 72 1.31 9.34 7.95
C GLN A 72 2.06 10.22 8.95
N GLY A 73 2.47 11.38 8.50
CA GLY A 73 3.23 12.27 9.35
C GLY A 73 4.64 12.44 8.84
N GLU A 74 5.59 12.53 9.76
CA GLU A 74 6.99 12.69 9.40
C GLU A 74 7.77 11.44 9.73
N LEU A 75 8.72 11.11 8.85
CA LEU A 75 9.50 9.89 8.97
C LEU A 75 10.52 10.01 10.10
N THR A 76 10.88 11.25 10.43
CA THR A 76 11.82 11.51 11.50
C THR A 76 11.09 11.57 12.84
N ASP A 77 9.77 11.71 12.77
CA ASP A 77 8.95 11.83 13.97
C ASP A 77 8.67 10.44 14.55
N PRO A 78 9.03 10.22 15.82
CA PRO A 78 8.89 8.91 16.48
C PRO A 78 7.44 8.46 16.62
N ALA A 79 6.50 9.39 16.56
CA ALA A 79 5.10 9.08 16.77
C ALA A 79 4.37 8.86 15.46
N MET A 80 5.12 8.80 14.37
CA MET A 80 4.54 8.56 13.05
C MET A 80 3.79 7.23 13.01
N GLN A 81 2.77 7.15 12.19
CA GLN A 81 2.04 5.91 11.98
C GLN A 81 2.47 5.31 10.65
N ARG A 82 2.93 4.08 10.67
CA ARG A 82 3.45 3.45 9.46
C ARG A 82 2.99 2.00 9.37
N VAL A 83 2.66 1.57 8.15
CA VAL A 83 2.25 0.19 7.92
C VAL A 83 3.01 -0.41 6.75
N PHE A 84 3.42 -1.66 6.87
CA PHE A 84 4.00 -2.37 5.75
C PHE A 84 2.88 -2.99 4.92
N VAL A 85 2.78 -2.53 3.70
CA VAL A 85 1.78 -3.02 2.77
C VAL A 85 2.38 -4.02 1.82
N ASP A 86 1.81 -5.20 1.76
CA ASP A 86 2.24 -6.21 0.81
C ASP A 86 1.68 -5.88 -0.56
N ARG A 87 2.52 -6.02 -1.58
CA ARG A 87 2.14 -5.69 -2.96
C ARG A 87 0.96 -6.54 -3.42
N ASN A 88 0.82 -7.72 -2.84
CA ASN A 88 -0.28 -8.61 -3.16
C ASN A 88 -0.66 -9.39 -1.91
N GLN A 89 -1.75 -10.14 -1.98
CA GLN A 89 -2.16 -10.96 -0.85
C GLN A 89 -1.25 -12.16 -0.67
N ALA A 90 -0.96 -12.84 -1.78
CA ALA A 90 -0.10 -14.02 -1.77
C ALA A 90 0.35 -14.33 -3.19
N GLN A 91 0.85 -15.56 -3.40
CA GLN A 91 1.25 -16.05 -4.73
C GLN A 91 2.58 -15.43 -5.19
N ASN A 92 2.72 -14.13 -4.99
CA ASN A 92 3.96 -13.43 -5.32
C ASN A 92 4.91 -13.51 -4.14
N GLN A 93 5.88 -12.60 -4.08
CA GLN A 93 6.81 -12.54 -2.95
C GLN A 93 6.06 -12.29 -1.63
N PRO A 94 5.17 -11.27 -1.56
CA PRO A 94 4.31 -11.08 -0.39
C PRO A 94 3.42 -12.28 -0.12
N LEU A 95 3.62 -12.90 1.02
CA LEU A 95 2.90 -14.12 1.38
C LEU A 95 2.22 -13.97 2.74
N GLU A 96 0.92 -13.74 2.73
CA GLU A 96 0.16 -13.68 3.97
C GLU A 96 -0.07 -15.09 4.52
N ASN A 97 -1.08 -15.77 4.00
CA ASN A 97 -1.38 -17.13 4.42
C ASN A 97 -1.29 -18.05 3.21
N SER A 98 -0.84 -19.27 3.43
CA SER A 98 -0.72 -20.23 2.34
C SER A 98 -1.78 -21.31 2.47
N SER A 99 -2.32 -21.74 1.33
CA SER A 99 -3.34 -22.78 1.32
C SER A 99 -2.71 -24.17 1.42
N ARG A 100 -1.42 -24.19 1.74
CA ARG A 100 -0.72 -25.44 1.95
C ARG A 100 -0.77 -25.81 3.43
N GLN A 101 -1.15 -24.84 4.24
CA GLN A 101 -1.32 -25.04 5.68
C GLN A 101 -2.60 -25.80 5.94
N ALA A 102 -2.49 -27.13 6.00
CA ALA A 102 -3.64 -27.99 6.19
C ALA A 102 -4.27 -27.75 7.57
N ALA A 103 -3.49 -27.98 8.62
CA ALA A 103 -3.97 -27.86 10.00
C ALA A 103 -5.29 -28.62 10.18
N GLU A 104 -5.20 -29.95 10.15
CA GLU A 104 -6.36 -30.85 10.20
C GLU A 104 -7.14 -30.84 8.90
N GLU A 105 -6.80 -29.88 8.02
CA GLU A 105 -7.41 -29.74 6.71
C GLU A 105 -8.90 -29.43 6.83
N GLY A 1 -22.28 3.15 4.20
CA GLY A 1 -22.16 4.50 4.83
C GLY A 1 -20.72 4.95 4.86
N SER A 2 -20.51 6.22 5.19
CA SER A 2 -19.17 6.78 5.24
C SER A 2 -18.55 6.56 6.63
N HIS A 3 -18.18 5.33 6.91
CA HIS A 3 -17.54 4.99 8.18
C HIS A 3 -16.29 4.16 7.95
N MET A 4 -15.24 4.47 8.68
CA MET A 4 -13.98 3.73 8.58
C MET A 4 -14.05 2.46 9.42
N SER A 5 -14.96 2.44 10.38
CA SER A 5 -15.16 1.28 11.23
C SER A 5 -15.98 0.22 10.50
N ASP A 6 -16.55 0.61 9.37
CA ASP A 6 -17.39 -0.30 8.59
C ASP A 6 -16.55 -1.11 7.62
N PRO A 7 -16.66 -2.44 7.67
CA PRO A 7 -15.84 -3.34 6.86
C PRO A 7 -16.27 -3.39 5.39
N ARG A 8 -17.43 -2.80 5.07
CA ARG A 8 -17.92 -2.80 3.71
C ARG A 8 -17.58 -1.48 3.01
N HIS A 9 -17.27 -0.46 3.80
CA HIS A 9 -16.75 0.78 3.26
C HIS A 9 -15.23 0.69 3.23
N PRO A 10 -14.64 0.57 2.03
CA PRO A 10 -13.24 0.17 1.91
C PRO A 10 -12.20 1.30 1.98
N ASP A 11 -12.28 2.28 1.07
CA ASP A 11 -11.20 3.27 0.94
C ASP A 11 -11.38 4.19 -0.27
N ASN A 12 -12.62 4.41 -0.69
CA ASN A 12 -12.90 5.14 -1.92
C ASN A 12 -12.19 6.50 -1.99
N ALA A 13 -12.16 7.22 -0.87
CA ALA A 13 -11.52 8.53 -0.84
C ALA A 13 -10.01 8.41 -0.62
N MET A 14 -9.63 7.58 0.34
CA MET A 14 -8.23 7.49 0.78
C MET A 14 -7.32 6.94 -0.31
N TYR A 15 -7.91 6.16 -1.21
CA TYR A 15 -7.18 5.55 -2.33
C TYR A 15 -6.49 6.61 -3.18
N ASN A 16 -7.07 7.80 -3.23
CA ASN A 16 -6.55 8.88 -4.05
C ASN A 16 -5.22 9.40 -3.50
N GLY A 17 -5.00 9.17 -2.22
CA GLY A 17 -3.74 9.57 -1.61
C GLY A 17 -2.65 8.55 -1.88
N ALA A 18 -3.06 7.29 -1.94
CA ALA A 18 -2.13 6.20 -2.18
C ALA A 18 -1.56 6.28 -3.59
N VAL A 19 -2.42 6.53 -4.56
CA VAL A 19 -2.01 6.58 -5.96
C VAL A 19 -1.03 7.72 -6.20
N SER A 20 -1.34 8.88 -5.66
CA SER A 20 -0.52 10.06 -5.88
C SER A 20 0.85 9.92 -5.24
N LYS A 21 0.90 9.21 -4.12
CA LYS A 21 2.16 8.96 -3.45
C LYS A 21 3.02 8.00 -4.25
N LEU A 22 2.37 7.09 -4.96
CA LEU A 22 3.10 6.17 -5.82
C LEU A 22 3.48 6.84 -7.13
N GLU A 23 2.64 7.77 -7.59
CA GLU A 23 2.99 8.60 -8.73
C GLU A 23 4.19 9.46 -8.38
N ALA A 24 4.22 9.91 -7.14
CA ALA A 24 5.35 10.63 -6.60
C ALA A 24 6.56 9.72 -6.45
N LEU A 25 6.30 8.51 -5.98
CA LEU A 25 7.34 7.51 -5.78
C LEU A 25 7.99 7.11 -7.11
N GLY A 26 7.14 6.94 -8.12
CA GLY A 26 7.61 6.72 -9.48
C GLY A 26 8.41 5.45 -9.64
N GLU A 27 9.66 5.62 -10.08
CA GLU A 27 10.54 4.50 -10.38
C GLU A 27 10.84 3.68 -9.12
N ARG A 28 10.75 4.33 -7.97
CA ARG A 28 11.05 3.66 -6.70
C ARG A 28 10.02 2.60 -6.38
N GLY A 29 8.83 2.72 -6.97
CA GLY A 29 7.77 1.77 -6.71
C GLY A 29 7.91 0.50 -7.51
N GLY A 30 8.55 0.59 -8.67
CA GLY A 30 8.71 -0.57 -9.52
C GLY A 30 7.44 -0.91 -10.27
N PHE A 31 6.94 0.03 -11.04
CA PHE A 31 5.71 -0.14 -11.79
C PHE A 31 6.01 -0.35 -13.27
N ALA A 32 5.78 -1.58 -13.74
CA ALA A 32 6.01 -1.93 -15.13
C ALA A 32 5.01 -1.23 -16.03
N ASN A 33 3.80 -1.03 -15.52
CA ASN A 33 2.75 -0.36 -16.29
C ASN A 33 1.89 0.51 -15.37
N ARG A 34 0.95 1.23 -15.96
CA ARG A 34 0.12 2.17 -15.20
C ARG A 34 -0.77 1.43 -14.20
N LYS A 35 -1.24 0.25 -14.59
CA LYS A 35 -2.15 -0.53 -13.75
C LYS A 35 -1.47 -0.97 -12.46
N GLU A 36 -0.16 -1.21 -12.54
CA GLU A 36 0.62 -1.59 -11.36
C GLU A 36 0.57 -0.51 -10.30
N LEU A 37 0.59 0.73 -10.76
CA LEU A 37 0.48 1.90 -9.89
C LEU A 37 -0.80 1.79 -9.06
N GLU A 38 -1.89 1.55 -9.76
CA GLU A 38 -3.21 1.51 -9.13
C GLU A 38 -3.36 0.30 -8.23
N GLN A 39 -2.80 -0.84 -8.66
CA GLN A 39 -2.88 -2.07 -7.90
C GLN A 39 -2.15 -1.96 -6.58
N ALA A 40 -0.96 -1.36 -6.63
CA ALA A 40 -0.16 -1.18 -5.43
C ALA A 40 -0.83 -0.19 -4.48
N ALA A 41 -1.38 0.87 -5.07
CA ALA A 41 -2.11 1.87 -4.29
C ALA A 41 -3.32 1.24 -3.60
N GLY A 42 -4.01 0.38 -4.34
CA GLY A 42 -5.16 -0.32 -3.79
C GLY A 42 -4.76 -1.21 -2.63
N GLN A 43 -3.56 -1.77 -2.72
CA GLN A 43 -3.02 -2.58 -1.64
C GLN A 43 -2.66 -1.69 -0.47
N ILE A 44 -1.95 -0.61 -0.77
CA ILE A 44 -1.49 0.33 0.24
C ILE A 44 -2.64 0.86 1.05
N VAL A 45 -3.63 1.43 0.38
CA VAL A 45 -4.74 2.06 1.05
C VAL A 45 -5.57 1.03 1.83
N PHE A 46 -5.58 -0.20 1.34
CA PHE A 46 -6.27 -1.29 2.02
C PHE A 46 -5.60 -1.61 3.35
N GLU A 47 -4.30 -1.90 3.29
CA GLU A 47 -3.52 -2.20 4.48
C GLU A 47 -3.51 -1.00 5.42
N SER A 48 -3.48 0.19 4.84
CA SER A 48 -3.52 1.42 5.61
C SER A 48 -4.84 1.53 6.39
N LYS A 49 -5.95 1.35 5.69
CA LYS A 49 -7.26 1.48 6.29
C LYS A 49 -7.49 0.47 7.41
N VAL A 50 -7.07 -0.77 7.21
CA VAL A 50 -7.26 -1.80 8.21
C VAL A 50 -6.30 -1.62 9.39
N SER A 51 -5.17 -0.96 9.13
CA SER A 51 -4.18 -0.73 10.17
C SER A 51 -4.52 0.50 11.01
N GLY A 52 -5.35 1.38 10.46
CA GLY A 52 -5.76 2.57 11.19
C GLY A 52 -5.22 3.86 10.61
N LEU A 53 -4.55 3.76 9.47
CA LEU A 53 -4.03 4.93 8.77
C LEU A 53 -5.18 5.80 8.28
N GLN A 54 -5.05 7.09 8.47
CA GLN A 54 -6.07 8.04 8.07
C GLN A 54 -5.81 8.54 6.66
N ARG A 55 -4.53 8.68 6.34
CA ARG A 55 -4.11 9.19 5.04
C ARG A 55 -2.69 8.71 4.75
N ILE A 56 -2.41 8.43 3.48
CA ILE A 56 -1.06 8.09 3.09
C ILE A 56 -0.27 9.37 2.84
N ASP A 57 0.74 9.62 3.65
CA ASP A 57 1.52 10.84 3.53
C ASP A 57 2.83 10.56 2.80
N HIS A 58 3.47 9.47 3.17
CA HIS A 58 4.68 9.03 2.49
C HIS A 58 4.64 7.53 2.27
N VAL A 59 5.31 7.08 1.23
CA VAL A 59 5.39 5.67 0.92
C VAL A 59 6.83 5.27 0.62
N VAL A 60 7.31 4.26 1.34
CA VAL A 60 8.68 3.79 1.18
C VAL A 60 8.69 2.33 0.76
N PRO A 61 9.14 2.03 -0.46
CA PRO A 61 9.27 0.66 -0.95
C PRO A 61 10.43 -0.07 -0.29
N ASN A 62 10.23 -1.32 0.07
CA ASN A 62 11.27 -2.10 0.73
C ASN A 62 12.07 -2.92 -0.28
N LYS A 63 13.28 -2.43 -0.59
CA LYS A 63 14.25 -3.10 -1.46
C LYS A 63 13.63 -3.79 -2.68
N SER A 64 13.21 -5.04 -2.52
CA SER A 64 12.71 -5.85 -3.62
C SER A 64 11.42 -5.27 -4.20
N GLY A 65 10.66 -4.54 -3.38
CA GLY A 65 9.44 -3.94 -3.85
C GLY A 65 8.23 -4.83 -3.61
N ASP A 66 8.43 -5.92 -2.88
CA ASP A 66 7.35 -6.84 -2.55
C ASP A 66 6.55 -6.30 -1.37
N GLY A 67 7.08 -5.27 -0.75
CA GLY A 67 6.40 -4.62 0.34
C GLY A 67 6.62 -3.12 0.33
N PHE A 68 5.57 -2.38 0.65
CA PHE A 68 5.64 -0.93 0.70
C PHE A 68 5.30 -0.44 2.10
N PHE A 69 6.00 0.57 2.57
CA PHE A 69 5.69 1.15 3.87
C PHE A 69 4.88 2.43 3.68
N ALA A 70 3.64 2.40 4.13
CA ALA A 70 2.81 3.58 4.09
C ALA A 70 2.85 4.27 5.43
N VAL A 71 3.37 5.47 5.45
CA VAL A 71 3.58 6.18 6.70
C VAL A 71 2.89 7.54 6.66
N GLN A 72 2.19 7.82 7.75
CA GLN A 72 1.48 9.07 7.91
C GLN A 72 2.29 10.00 8.81
N GLY A 73 2.79 11.07 8.24
CA GLY A 73 3.57 12.02 9.01
C GLY A 73 4.97 12.16 8.47
N GLU A 74 5.79 12.89 9.20
CA GLU A 74 7.16 13.13 8.80
C GLU A 74 8.04 11.94 9.19
N LEU A 75 8.99 11.60 8.32
CA LEU A 75 9.81 10.41 8.50
C LEU A 75 10.75 10.55 9.69
N THR A 76 10.94 11.77 10.15
CA THR A 76 11.79 12.02 11.31
C THR A 76 10.97 12.17 12.57
N ASP A 77 9.66 12.00 12.45
CA ASP A 77 8.76 12.13 13.58
C ASP A 77 8.63 10.78 14.30
N PRO A 78 8.80 10.78 15.63
CA PRO A 78 8.77 9.54 16.42
C PRO A 78 7.37 8.96 16.58
N ALA A 79 6.35 9.74 16.21
CA ALA A 79 4.98 9.31 16.37
C ALA A 79 4.35 8.98 15.02
N MET A 80 5.15 8.97 13.97
CA MET A 80 4.67 8.66 12.64
C MET A 80 4.01 7.28 12.61
N GLN A 81 2.86 7.18 11.97
CA GLN A 81 2.17 5.91 11.86
C GLN A 81 2.56 5.23 10.55
N ARG A 82 3.04 4.01 10.65
CA ARG A 82 3.54 3.31 9.47
C ARG A 82 2.99 1.89 9.41
N VAL A 83 2.51 1.51 8.25
CA VAL A 83 2.00 0.16 8.01
C VAL A 83 2.77 -0.52 6.89
N PHE A 84 3.08 -1.79 7.07
CA PHE A 84 3.72 -2.58 6.03
C PHE A 84 2.66 -3.10 5.06
N VAL A 85 2.80 -2.72 3.81
CA VAL A 85 1.86 -3.13 2.78
C VAL A 85 2.46 -4.24 1.92
N ASP A 86 1.73 -5.33 1.78
CA ASP A 86 2.12 -6.39 0.88
C ASP A 86 1.78 -6.01 -0.55
N ARG A 87 2.62 -6.47 -1.48
CA ARG A 87 2.51 -6.16 -2.89
C ARG A 87 1.16 -6.59 -3.48
N ASN A 88 0.49 -7.52 -2.79
CA ASN A 88 -0.77 -8.08 -3.25
C ASN A 88 -1.32 -9.05 -2.22
N GLN A 89 -2.59 -8.86 -1.86
CA GLN A 89 -3.22 -9.55 -0.75
C GLN A 89 -3.24 -11.08 -0.92
N ALA A 90 -2.21 -11.72 -0.40
CA ALA A 90 -2.12 -13.18 -0.33
C ALA A 90 -2.23 -13.82 -1.71
N GLN A 91 -1.80 -13.11 -2.73
CA GLN A 91 -1.82 -13.63 -4.09
C GLN A 91 -0.44 -14.20 -4.45
N ASN A 92 0.60 -13.46 -4.12
CA ASN A 92 1.97 -13.95 -4.29
C ASN A 92 2.58 -14.26 -2.93
N GLN A 93 3.91 -14.36 -2.88
CA GLN A 93 4.64 -14.67 -1.64
C GLN A 93 4.26 -13.74 -0.47
N PRO A 94 4.33 -12.39 -0.65
CA PRO A 94 3.98 -11.43 0.42
C PRO A 94 2.61 -11.70 1.04
N LEU A 95 2.65 -12.17 2.29
CA LEU A 95 1.44 -12.43 3.07
C LEU A 95 0.56 -13.49 2.42
N GLU A 96 1.19 -14.47 1.77
CA GLU A 96 0.48 -15.58 1.15
C GLU A 96 -0.28 -16.39 2.21
N ASN A 97 0.28 -16.46 3.40
CA ASN A 97 -0.32 -17.22 4.49
C ASN A 97 -1.29 -16.34 5.27
N SER A 98 -2.38 -15.95 4.63
CA SER A 98 -3.38 -15.11 5.26
C SER A 98 -4.77 -15.71 5.12
N SER A 99 -5.24 -16.34 6.20
CA SER A 99 -6.58 -16.90 6.21
C SER A 99 -7.56 -15.92 6.85
N ARG A 100 -8.46 -15.38 6.04
CA ARG A 100 -9.40 -14.39 6.51
C ARG A 100 -10.45 -15.02 7.43
N GLN A 101 -10.65 -14.40 8.59
CA GLN A 101 -11.60 -14.88 9.59
C GLN A 101 -11.15 -16.19 10.23
N ALA A 102 -11.37 -17.30 9.52
CA ALA A 102 -11.08 -18.63 10.05
C ALA A 102 -11.77 -18.81 11.40
N ALA A 103 -13.04 -18.46 11.44
CA ALA A 103 -13.81 -18.50 12.68
C ALA A 103 -14.83 -19.63 12.65
N GLU A 104 -15.14 -20.15 13.83
CA GLU A 104 -16.08 -21.25 13.97
C GLU A 104 -16.38 -21.47 15.45
N GLU A 105 -15.33 -21.45 16.25
CA GLU A 105 -15.46 -21.62 17.69
C GLU A 105 -15.18 -20.31 18.41
#